data_4WGK
#
_entry.id   4WGK
#
_cell.length_a   73.480
_cell.length_b   156.630
_cell.length_c   80.330
_cell.angle_alpha   90.00
_cell.angle_beta   108.04
_cell.angle_gamma   90.00
#
_symmetry.space_group_name_H-M   'P 1 21 1'
#
loop_
_entity.id
_entity.type
_entity.pdbx_description
1 polymer 'Neutral ceramidase'
2 branched 2-acetamido-2-deoxy-beta-D-glucopyranose-(1-4)-2-acetamido-2-deoxy-beta-D-glucopyranose
3 branched beta-D-mannopyranose-(1-4)-2-acetamido-2-deoxy-beta-D-glucopyranose-(1-4)-2-acetamido-2-deoxy-beta-D-glucopyranose
4 non-polymer 'ZINC ION'
5 non-polymer 'CALCIUM ION'
6 non-polymer 2-acetamido-2-deoxy-beta-D-glucopyranose
7 non-polymer 'PHOSPHATE ION'
8 non-polymer 'CITRIC ACID'
9 non-polymer 'CHLORIDE ION'
10 non-polymer 1,2-ETHANEDIOL
11 water water
#
_entity_poly.entity_id   1
_entity_poly.type   'polypeptide(L)'
_entity_poly.pdbx_seq_one_letter_code
;FSGYHIGVGRADCTGQVADINLMGYGKSGQNAQGILTRLYSRAFIMAEPDGSNRTVFVSIDIGMVSQRLRLEVLNRLQSK
YGSLYRRDNVILSGTHTHSGPAGYFQYTVFVIASEGFSNQTFQHMVTGILKSIDIAHTNMKPGKIFINKGNVDGVQINRS
PYSYLQNPQSERARYSSNTDKEMIVLKMVDLNGDDLGLISWFAIHPVSMNNSNHLVNSDNVGYASYLLEQEKNKGYLPGQ
GPFVAAFASSNLGDVSPNILGPRCINTGESCDNANSTCPIGGPSMCIAKGPGQDMFDSTQIIGRAMYQRAKELYASASQE
VTGPLASAHQWVDMTDVTVWLNSTHASKTCKPALGYSFAAGTIDGVGGLNFTQGKTEGDPFWDTIRDQILGKPSEEIKEC
HKPKPILLHTGELSKPHPWHPDIVDVQIITLGSLAITAIPGEFTTMSGRRLREAVQAEFASHGMQNMTVVISGLCNVYTH
YITTYEEYQAQRYEAASTIYGPHTLSAYIQLFRNLAKAIATDTVANLSRGPEPPFFKQLIVPLIPSIVDRAPKGRTFGDV
LQPAKPEYRVGEVAEVIFVGANPKNSVQNQTHQTFLTVEKYEATSTSWQIVCNDASWETRFYWHKGLLGLSNATVEWHIP
DTAQPGIYRIRYFGHNRKQDILKPAVILSFEGTSPAFEVVTIHHHHHH
;
_entity_poly.pdbx_strand_id   A,B
#
# COMPACT_ATOMS: atom_id res chain seq x y z
N SER A 2 10.62 -17.98 27.16
CA SER A 2 11.16 -16.63 27.27
C SER A 2 10.11 -15.59 26.92
N GLY A 3 9.56 -15.67 25.71
CA GLY A 3 8.51 -14.76 25.29
C GLY A 3 7.12 -15.37 25.36
N TYR A 4 6.13 -14.60 24.91
CA TYR A 4 4.73 -15.00 25.00
C TYR A 4 4.27 -15.92 23.88
N HIS A 5 3.22 -16.70 24.15
CA HIS A 5 2.44 -17.33 23.10
C HIS A 5 1.28 -16.39 22.77
N ILE A 6 1.12 -16.08 21.49
CA ILE A 6 0.14 -15.08 21.07
C ILE A 6 -0.85 -15.61 20.05
N GLY A 7 -2.14 -15.38 20.31
CA GLY A 7 -3.18 -15.72 19.36
C GLY A 7 -4.08 -14.53 19.07
N VAL A 8 -4.53 -14.42 17.82
CA VAL A 8 -5.41 -13.33 17.41
C VAL A 8 -6.53 -13.87 16.54
N GLY A 9 -7.68 -13.20 16.56
CA GLY A 9 -8.82 -13.62 15.77
C GLY A 9 -9.82 -12.51 15.54
N ARG A 10 -10.48 -12.56 14.39
CA ARG A 10 -11.53 -11.60 14.04
C ARG A 10 -12.76 -12.35 13.54
N ALA A 11 -13.93 -11.94 14.00
CA ALA A 11 -15.16 -12.63 13.62
C ALA A 11 -16.33 -11.66 13.51
N ASP A 12 -17.21 -11.92 12.54
CA ASP A 12 -18.41 -11.12 12.34
C ASP A 12 -19.35 -11.23 13.54
N CYS A 13 -19.69 -10.09 14.12
CA CYS A 13 -20.63 -10.05 15.23
C CYS A 13 -21.78 -9.08 14.93
N THR A 14 -22.08 -8.92 13.65
CA THR A 14 -23.13 -8.01 13.21
C THR A 14 -24.51 -8.60 13.45
N GLY A 15 -25.38 -7.84 14.12
CA GLY A 15 -26.74 -8.27 14.34
C GLY A 15 -27.57 -8.07 13.08
N GLN A 16 -28.88 -7.93 13.24
CA GLN A 16 -29.74 -7.68 12.09
C GLN A 16 -29.63 -6.22 11.67
N VAL A 17 -29.79 -5.97 10.38
CA VAL A 17 -29.59 -4.64 9.82
C VAL A 17 -30.92 -4.01 9.40
N ALA A 18 -32.01 -4.61 9.85
CA ALA A 18 -33.35 -4.11 9.53
C ALA A 18 -34.32 -4.38 10.67
N ASP A 19 -35.42 -3.61 10.69
CA ASP A 19 -36.47 -3.77 11.69
C ASP A 19 -35.94 -3.67 13.12
N ILE A 20 -34.99 -2.76 13.32
CA ILE A 20 -34.36 -2.59 14.63
C ILE A 20 -33.73 -1.21 14.70
N ASN A 21 -33.58 -0.68 15.92
CA ASN A 21 -32.99 0.64 16.10
C ASN A 21 -31.48 0.55 16.24
N LEU A 22 -30.79 1.65 15.94
CA LEU A 22 -29.36 1.75 16.16
C LEU A 22 -29.09 2.27 17.57
N MET A 23 -28.10 1.68 18.24
CA MET A 23 -27.82 2.01 19.63
C MET A 23 -26.75 3.09 19.77
N GLY A 24 -26.98 4.03 20.67
CA GLY A 24 -25.98 5.04 20.99
C GLY A 24 -26.54 6.44 21.17
N TYR A 25 -27.20 6.97 20.15
CA TYR A 25 -27.70 8.34 20.20
C TYR A 25 -28.99 8.44 20.98
N GLY A 26 -29.63 7.29 21.22
CA GLY A 26 -30.92 7.26 21.88
C GLY A 26 -31.94 8.12 21.14
N LYS A 27 -31.83 8.15 19.81
CA LYS A 27 -32.77 8.89 18.99
C LYS A 27 -33.97 8.01 18.70
N SER A 28 -35.14 8.64 18.65
CA SER A 28 -36.40 7.91 18.52
C SER A 28 -36.52 7.14 17.21
N GLY A 29 -36.33 7.84 16.09
CA GLY A 29 -36.56 7.26 14.79
C GLY A 29 -35.35 6.71 14.06
N GLN A 30 -34.22 6.56 14.76
CA GLN A 30 -33.01 6.10 14.10
C GLN A 30 -32.98 4.57 13.99
N ASN A 31 -33.82 4.05 13.09
CA ASN A 31 -33.86 2.61 12.84
C ASN A 31 -32.89 2.20 11.75
N ALA A 32 -32.47 0.95 11.78
CA ALA A 32 -31.57 0.41 10.76
C ALA A 32 -32.32 0.14 9.46
N GLN A 33 -31.73 0.56 8.34
CA GLN A 33 -32.31 0.34 7.03
C GLN A 33 -31.31 -0.33 6.10
N GLY A 34 -30.27 -0.93 6.69
CA GLY A 34 -29.23 -1.57 5.91
C GLY A 34 -27.87 -1.53 6.57
N ILE A 35 -26.83 -1.71 5.76
CA ILE A 35 -25.48 -1.83 6.28
C ILE A 35 -24.46 -1.09 5.43
N LEU A 36 -23.56 -0.37 6.09
CA LEU A 36 -22.45 0.30 5.41
C LEU A 36 -21.20 -0.55 5.50
N THR A 37 -20.97 -1.14 6.66
CA THR A 37 -19.89 -2.10 6.85
C THR A 37 -20.21 -3.07 7.98
N ARG A 38 -19.50 -4.19 8.03
CA ARG A 38 -19.76 -5.20 9.05
C ARG A 38 -19.15 -4.84 10.39
N LEU A 39 -19.68 -5.44 11.45
CA LEU A 39 -19.14 -5.27 12.79
C LEU A 39 -18.40 -6.53 13.23
N TYR A 40 -17.19 -6.36 13.73
CA TYR A 40 -16.38 -7.51 14.11
C TYR A 40 -16.03 -7.53 15.58
N SER A 41 -15.86 -8.74 16.10
CA SER A 41 -15.24 -8.95 17.40
C SER A 41 -13.79 -9.34 17.16
N ARG A 42 -12.87 -8.70 17.86
CA ARG A 42 -11.45 -8.96 17.67
C ARG A 42 -10.79 -9.33 18.99
N ALA A 43 -10.34 -10.59 19.08
CA ALA A 43 -9.81 -11.12 20.32
C ALA A 43 -8.30 -11.30 20.27
N PHE A 44 -7.65 -11.03 21.39
CA PHE A 44 -6.21 -11.20 21.52
C PHE A 44 -5.89 -12.01 22.78
N ILE A 45 -5.23 -13.14 22.58
CA ILE A 45 -4.91 -14.03 23.68
C ILE A 45 -3.40 -14.16 23.89
N MET A 46 -2.95 -13.79 25.09
CA MET A 46 -1.55 -13.95 25.46
C MET A 46 -1.42 -15.07 26.49
N ALA A 47 -0.31 -15.80 26.44
CA ALA A 47 -0.04 -16.85 27.42
C ALA A 47 1.45 -16.94 27.71
N GLU A 48 1.78 -17.43 28.90
CA GLU A 48 3.16 -17.71 29.25
C GLU A 48 3.71 -18.81 28.35
N PRO A 49 5.04 -18.87 28.18
CA PRO A 49 5.72 -19.90 27.38
C PRO A 49 5.15 -21.31 27.56
N ASP A 50 4.79 -21.67 28.78
CA ASP A 50 4.27 -23.00 29.05
C ASP A 50 2.77 -23.11 28.75
N GLY A 51 2.14 -21.99 28.43
CA GLY A 51 0.72 -21.98 28.10
C GLY A 51 -0.18 -21.60 29.26
N SER A 52 0.44 -21.31 30.41
CA SER A 52 -0.32 -20.95 31.60
C SER A 52 -0.55 -19.44 31.71
N ASN A 53 -1.40 -19.06 32.67
CA ASN A 53 -1.67 -17.66 32.96
C ASN A 53 -2.14 -16.86 31.74
N ARG A 54 -3.19 -17.34 31.08
CA ARG A 54 -3.68 -16.68 29.87
C ARG A 54 -4.43 -15.40 30.16
N THR A 55 -4.39 -14.49 29.21
CA THR A 55 -5.17 -13.27 29.28
C THR A 55 -5.87 -13.03 27.95
N VAL A 56 -7.12 -12.58 28.00
CA VAL A 56 -7.87 -12.28 26.79
C VAL A 56 -8.39 -10.84 26.76
N PHE A 57 -8.02 -10.11 25.72
CA PHE A 57 -8.59 -8.80 25.46
C PHE A 57 -9.41 -8.83 24.18
N VAL A 58 -10.67 -8.43 24.27
CA VAL A 58 -11.55 -8.44 23.11
C VAL A 58 -12.11 -7.05 22.84
N SER A 59 -11.81 -6.52 21.65
CA SER A 59 -12.37 -5.24 21.23
C SER A 59 -13.52 -5.50 20.26
N ILE A 60 -14.71 -5.02 20.62
CA ILE A 60 -15.93 -5.34 19.90
C ILE A 60 -16.56 -4.12 19.25
N ASP A 61 -16.82 -4.21 17.95
CA ASP A 61 -17.54 -3.15 17.23
C ASP A 61 -18.98 -3.05 17.75
N ILE A 62 -19.15 -2.35 18.86
CA ILE A 62 -20.45 -2.24 19.50
C ILE A 62 -20.48 -0.97 20.36
N GLY A 63 -21.67 -0.44 20.60
CA GLY A 63 -21.81 0.78 21.36
C GLY A 63 -21.37 0.62 22.80
N MET A 64 -21.83 -0.47 23.43
CA MET A 64 -21.50 -0.77 24.81
C MET A 64 -21.45 -2.28 25.02
N VAL A 65 -20.60 -2.73 25.92
CA VAL A 65 -20.67 -4.11 26.40
C VAL A 65 -21.60 -4.15 27.61
N SER A 66 -22.63 -4.98 27.54
CA SER A 66 -23.63 -5.05 28.59
C SER A 66 -23.35 -6.17 29.58
N GLN A 67 -23.90 -6.03 30.78
CA GLN A 67 -23.78 -7.05 31.82
C GLN A 67 -24.23 -8.41 31.29
N ARG A 68 -25.39 -8.43 30.64
CA ARG A 68 -25.96 -9.67 30.10
C ARG A 68 -25.06 -10.28 29.04
N LEU A 69 -24.45 -9.44 28.20
CA LEU A 69 -23.56 -9.93 27.16
C LEU A 69 -22.35 -10.62 27.76
N ARG A 70 -21.72 -9.96 28.74
CA ARG A 70 -20.53 -10.51 29.37
C ARG A 70 -20.82 -11.81 30.10
N LEU A 71 -21.93 -11.86 30.82
CA LEU A 71 -22.28 -13.04 31.61
C LEU A 71 -22.57 -14.23 30.71
N GLU A 72 -23.27 -13.99 29.61
CA GLU A 72 -23.58 -15.03 28.64
C GLU A 72 -22.29 -15.57 27.99
N VAL A 73 -21.43 -14.66 27.55
CA VAL A 73 -20.15 -15.01 26.96
C VAL A 73 -19.29 -15.83 27.92
N LEU A 74 -19.20 -15.37 29.17
CA LEU A 74 -18.38 -16.06 30.17
C LEU A 74 -18.86 -17.47 30.48
N ASN A 75 -20.17 -17.67 30.48
CA ASN A 75 -20.75 -18.98 30.75
C ASN A 75 -20.37 -19.98 29.67
N ARG A 76 -20.46 -19.53 28.42
CA ARG A 76 -20.16 -20.37 27.27
C ARG A 76 -18.67 -20.64 27.16
N LEU A 77 -17.86 -19.66 27.58
CA LEU A 77 -16.42 -19.84 27.64
C LEU A 77 -16.04 -20.94 28.62
N GLN A 78 -16.73 -20.98 29.77
CA GLN A 78 -16.50 -22.02 30.77
C GLN A 78 -16.87 -23.40 30.24
N SER A 79 -18.02 -23.48 29.57
CA SER A 79 -18.50 -24.72 28.99
C SER A 79 -17.48 -25.35 28.04
N LYS A 80 -16.85 -24.52 27.23
CA LYS A 80 -15.92 -25.02 26.21
C LYS A 80 -14.47 -25.09 26.70
N TYR A 81 -14.07 -24.15 27.56
CA TYR A 81 -12.65 -24.04 27.91
C TYR A 81 -12.33 -24.30 29.38
N GLY A 82 -13.36 -24.48 30.20
CA GLY A 82 -13.16 -24.75 31.61
C GLY A 82 -12.60 -23.57 32.37
N SER A 83 -11.41 -23.74 32.95
CA SER A 83 -10.81 -22.72 33.79
C SER A 83 -9.86 -21.80 33.01
N LEU A 84 -9.74 -22.03 31.71
CA LEU A 84 -8.81 -21.27 30.89
C LEU A 84 -9.17 -19.79 30.84
N TYR A 85 -10.45 -19.52 30.55
CA TYR A 85 -10.91 -18.14 30.42
C TYR A 85 -12.00 -17.83 31.44
N ARG A 86 -11.65 -17.02 32.43
CA ARG A 86 -12.53 -16.74 33.56
C ARG A 86 -12.95 -15.28 33.58
N ARG A 87 -13.69 -14.90 34.61
CA ARG A 87 -14.13 -13.51 34.76
C ARG A 87 -12.96 -12.55 34.95
N ASP A 88 -11.85 -13.06 35.46
CA ASP A 88 -10.72 -12.20 35.83
C ASP A 88 -9.71 -11.94 34.71
N ASN A 89 -9.57 -12.90 33.80
CA ASN A 89 -8.59 -12.78 32.72
C ASN A 89 -9.21 -12.54 31.35
N VAL A 90 -10.47 -12.13 31.34
CA VAL A 90 -11.14 -11.79 30.08
C VAL A 90 -11.72 -10.38 30.12
N ILE A 91 -11.25 -9.52 29.22
CA ILE A 91 -11.81 -8.19 29.09
C ILE A 91 -12.62 -8.05 27.80
N LEU A 92 -13.87 -7.66 27.92
CA LEU A 92 -14.72 -7.39 26.76
C LEU A 92 -14.95 -5.90 26.64
N SER A 93 -14.39 -5.29 25.60
CA SER A 93 -14.44 -3.84 25.45
C SER A 93 -15.17 -3.43 24.18
N GLY A 94 -16.04 -2.44 24.31
CA GLY A 94 -16.78 -1.91 23.17
C GLY A 94 -16.08 -0.71 22.57
N THR A 95 -16.04 -0.66 21.24
CA THR A 95 -15.41 0.44 20.51
C THR A 95 -16.21 1.73 20.64
N HIS A 96 -17.49 1.59 20.97
CA HIS A 96 -18.43 2.71 21.19
C HIS A 96 -18.97 3.29 19.88
N THR A 97 -19.03 2.49 18.83
CA THR A 97 -19.71 2.91 17.62
C THR A 97 -21.18 3.18 17.89
N HIS A 98 -21.70 4.27 17.33
CA HIS A 98 -23.11 4.62 17.53
C HIS A 98 -23.97 4.17 16.35
N SER A 99 -23.46 3.22 15.58
CA SER A 99 -24.17 2.73 14.41
C SER A 99 -24.30 1.21 14.43
N GLY A 100 -24.45 0.66 15.63
CA GLY A 100 -24.66 -0.76 15.78
C GLY A 100 -26.09 -1.05 16.23
N PRO A 101 -26.59 -2.26 15.94
CA PRO A 101 -27.95 -2.67 16.31
C PRO A 101 -28.15 -2.70 17.83
N ALA A 102 -29.33 -2.28 18.28
CA ALA A 102 -29.63 -2.24 19.71
C ALA A 102 -30.27 -3.53 20.18
N GLY A 103 -30.67 -3.57 21.45
CA GLY A 103 -31.41 -4.69 22.00
C GLY A 103 -30.56 -5.84 22.51
N TYR A 104 -29.58 -5.54 23.35
CA TYR A 104 -28.74 -6.57 23.95
C TYR A 104 -28.46 -6.28 25.42
N PHE A 105 -29.38 -5.56 26.05
CA PHE A 105 -29.24 -5.19 27.47
C PHE A 105 -30.30 -5.89 28.31
N GLN A 106 -30.04 -6.01 29.61
CA GLN A 106 -31.01 -6.57 30.53
C GLN A 106 -31.62 -5.51 31.45
N TYR A 107 -30.86 -4.47 31.76
CA TYR A 107 -31.34 -3.39 32.62
C TYR A 107 -32.32 -2.47 31.88
N THR A 108 -33.36 -2.05 32.59
CA THR A 108 -34.55 -1.44 31.99
C THR A 108 -34.28 -0.17 31.17
N VAL A 109 -33.38 0.68 31.66
CA VAL A 109 -33.06 1.93 30.97
C VAL A 109 -32.65 1.71 29.53
N PHE A 110 -31.77 0.75 29.30
CA PHE A 110 -31.24 0.49 27.98
C PHE A 110 -32.22 -0.34 27.15
N VAL A 111 -33.16 -1.00 27.83
CA VAL A 111 -34.20 -1.76 27.15
C VAL A 111 -35.25 -0.79 26.59
N ILE A 112 -35.51 0.28 27.33
CA ILE A 112 -36.42 1.33 26.87
C ILE A 112 -35.83 2.04 25.66
N ALA A 113 -34.55 2.38 25.75
CA ALA A 113 -33.82 3.02 24.64
C ALA A 113 -33.83 2.14 23.40
N SER A 114 -33.52 0.86 23.57
CA SER A 114 -33.49 -0.10 22.47
C SER A 114 -34.89 -0.45 21.97
N GLU A 115 -35.90 -0.07 22.75
CA GLU A 115 -37.30 -0.41 22.48
C GLU A 115 -37.52 -1.92 22.48
N GLY A 116 -36.80 -2.62 23.36
CA GLY A 116 -36.98 -4.06 23.51
C GLY A 116 -35.68 -4.84 23.50
N PHE A 117 -35.81 -6.16 23.50
CA PHE A 117 -34.66 -7.06 23.46
C PHE A 117 -34.71 -7.96 22.23
N SER A 118 -33.62 -7.98 21.47
CA SER A 118 -33.55 -8.79 20.26
C SER A 118 -32.67 -10.02 20.46
N ASN A 119 -33.30 -11.17 20.64
CA ASN A 119 -32.56 -12.43 20.83
C ASN A 119 -31.65 -12.72 19.65
N GLN A 120 -32.15 -12.51 18.44
CA GLN A 120 -31.36 -12.71 17.22
C GLN A 120 -30.05 -11.93 17.24
N THR A 121 -30.17 -10.61 17.38
CA THR A 121 -29.01 -9.73 17.44
C THR A 121 -28.07 -10.12 18.58
N PHE A 122 -28.66 -10.39 19.75
CA PHE A 122 -27.90 -10.78 20.92
C PHE A 122 -27.07 -12.04 20.73
N GLN A 123 -27.70 -13.08 20.17
CA GLN A 123 -27.03 -14.37 20.00
C GLN A 123 -25.88 -14.30 19.01
N HIS A 124 -26.07 -13.58 17.90
CA HIS A 124 -25.03 -13.46 16.87
CA HIS A 124 -25.03 -13.48 16.90
C HIS A 124 -23.86 -12.63 17.40
N MET A 125 -24.13 -11.73 18.33
CA MET A 125 -23.06 -10.99 18.99
C MET A 125 -22.23 -11.95 19.81
N VAL A 126 -22.91 -12.81 20.57
CA VAL A 126 -22.24 -13.76 21.44
C VAL A 126 -21.41 -14.76 20.64
N THR A 127 -22.02 -15.36 19.62
CA THR A 127 -21.31 -16.33 18.80
C THR A 127 -20.17 -15.66 18.05
N GLY A 128 -20.37 -14.39 17.69
CA GLY A 128 -19.33 -13.61 17.03
C GLY A 128 -18.14 -13.40 17.95
N ILE A 129 -18.42 -13.02 19.18
CA ILE A 129 -17.37 -12.82 20.18
C ILE A 129 -16.67 -14.15 20.48
N LEU A 130 -17.45 -15.21 20.61
CA LEU A 130 -16.89 -16.54 20.87
C LEU A 130 -16.04 -17.04 19.71
N LYS A 131 -16.49 -16.77 18.48
CA LYS A 131 -15.77 -17.20 17.29
C LYS A 131 -14.40 -16.54 17.21
N SER A 132 -14.35 -15.24 17.52
CA SER A 132 -13.09 -14.50 17.51
C SER A 132 -12.11 -15.08 18.53
N ILE A 133 -12.64 -15.43 19.70
CA ILE A 133 -11.83 -16.03 20.75
C ILE A 133 -11.34 -17.42 20.35
N ASP A 134 -12.22 -18.21 19.74
CA ASP A 134 -11.86 -19.56 19.30
C ASP A 134 -10.76 -19.55 18.24
N ILE A 135 -10.82 -18.58 17.34
CA ILE A 135 -9.80 -18.44 16.30
C ILE A 135 -8.44 -18.13 16.91
N ALA A 136 -8.41 -17.17 17.82
CA ALA A 136 -7.19 -16.81 18.52
C ALA A 136 -6.65 -17.98 19.33
N HIS A 137 -7.55 -18.71 19.97
CA HIS A 137 -7.21 -19.87 20.80
C HIS A 137 -6.54 -20.97 19.97
N THR A 138 -7.09 -21.26 18.80
CA THR A 138 -6.60 -22.36 17.98
C THR A 138 -5.48 -21.94 17.04
N ASN A 139 -5.06 -20.69 17.12
CA ASN A 139 -3.98 -20.19 16.27
C ASN A 139 -2.90 -19.44 17.03
N MET A 140 -2.56 -19.91 18.23
CA MET A 140 -1.52 -19.28 19.03
C MET A 140 -0.14 -19.68 18.56
N LYS A 141 0.81 -18.74 18.65
CA LYS A 141 2.17 -18.96 18.16
C LYS A 141 3.18 -18.31 19.10
N PRO A 142 4.39 -18.88 19.17
CA PRO A 142 5.47 -18.21 19.90
C PRO A 142 5.81 -16.88 19.23
N GLY A 143 5.88 -15.81 20.01
CA GLY A 143 6.14 -14.50 19.45
C GLY A 143 6.51 -13.46 20.49
N LYS A 144 6.61 -12.20 20.05
CA LYS A 144 6.96 -11.11 20.94
C LYS A 144 5.95 -9.97 20.84
N ILE A 145 5.92 -9.13 21.87
CA ILE A 145 5.05 -7.97 21.88
C ILE A 145 5.86 -6.68 22.01
N PHE A 146 5.54 -5.71 21.15
CA PHE A 146 6.19 -4.41 21.20
C PHE A 146 5.16 -3.31 21.42
N ILE A 147 5.61 -2.17 21.95
CA ILE A 147 4.71 -1.08 22.25
C ILE A 147 5.31 0.25 21.78
N ASN A 148 4.46 1.15 21.31
CA ASN A 148 4.90 2.44 20.83
C ASN A 148 3.86 3.52 21.13
N LYS A 149 4.32 4.76 21.27
CA LYS A 149 3.43 5.86 21.61
C LYS A 149 3.69 7.05 20.70
N GLY A 150 2.62 7.77 20.37
CA GLY A 150 2.73 8.97 19.55
C GLY A 150 1.43 9.75 19.58
N ASN A 151 1.53 11.04 19.24
CA ASN A 151 0.36 11.89 19.23
C ASN A 151 -0.38 11.85 17.89
N VAL A 152 -1.70 11.98 17.94
CA VAL A 152 -2.51 12.09 16.74
C VAL A 152 -3.16 13.46 16.70
N ASP A 153 -2.82 14.25 15.68
CA ASP A 153 -3.25 15.64 15.63
C ASP A 153 -4.51 15.89 14.81
N GLY A 154 -5.32 16.84 15.28
CA GLY A 154 -6.42 17.36 14.49
C GLY A 154 -7.61 16.45 14.26
N VAL A 155 -7.79 15.47 15.14
CA VAL A 155 -8.91 14.54 14.98
C VAL A 155 -9.87 14.61 16.17
N GLN A 156 -9.59 15.51 17.10
CA GLN A 156 -10.41 15.58 18.30
C GLN A 156 -10.53 16.97 18.94
N ILE A 157 -11.71 17.20 19.51
CA ILE A 157 -11.91 18.35 20.38
C ILE A 157 -12.58 17.92 21.68
N ASN A 158 -12.49 18.78 22.70
CA ASN A 158 -13.20 18.53 23.94
C ASN A 158 -14.61 19.12 23.83
N ARG A 159 -15.62 18.27 24.01
CA ARG A 159 -16.99 18.73 23.81
C ARG A 159 -17.59 19.30 25.10
N SER A 160 -16.79 19.34 26.15
CA SER A 160 -17.15 20.02 27.39
C SER A 160 -15.93 20.72 27.99
N PRO A 161 -15.37 21.70 27.26
CA PRO A 161 -14.09 22.31 27.66
C PRO A 161 -14.18 23.12 28.95
N TYR A 162 -15.33 23.74 29.20
CA TYR A 162 -15.49 24.57 30.40
C TYR A 162 -15.57 23.73 31.66
N SER A 163 -16.07 22.50 31.53
CA SER A 163 -16.09 21.57 32.64
C SER A 163 -14.69 21.07 32.93
N TYR A 164 -13.90 20.92 31.87
CA TYR A 164 -12.50 20.55 32.00
C TYR A 164 -11.75 21.62 32.78
N LEU A 165 -12.11 22.88 32.56
CA LEU A 165 -11.44 24.01 33.21
C LEU A 165 -11.75 24.09 34.69
N GLN A 166 -12.78 23.36 35.14
CA GLN A 166 -13.13 23.32 36.55
C GLN A 166 -12.09 22.54 37.34
N ASN A 167 -11.32 21.71 36.65
CA ASN A 167 -10.24 20.96 37.27
C ASN A 167 -9.15 21.90 37.77
N PRO A 168 -8.42 21.49 38.83
CA PRO A 168 -7.37 22.31 39.42
C PRO A 168 -6.32 22.78 38.43
N GLN A 169 -5.92 24.04 38.54
CA GLN A 169 -4.95 24.65 37.63
C GLN A 169 -3.63 23.90 37.53
N SER A 170 -3.07 23.52 38.67
CA SER A 170 -1.79 22.83 38.71
C SER A 170 -1.87 21.50 37.98
N GLU A 171 -3.04 20.86 38.06
CA GLU A 171 -3.25 19.61 37.34
C GLU A 171 -3.31 19.89 35.84
N ARG A 172 -4.12 20.86 35.44
CA ARG A 172 -4.27 21.21 34.02
C ARG A 172 -2.95 21.71 33.43
N ALA A 173 -2.12 22.33 34.27
CA ALA A 173 -0.83 22.86 33.82
C ALA A 173 0.15 21.77 33.42
N ARG A 174 -0.09 20.54 33.88
CA ARG A 174 0.82 19.43 33.61
C ARG A 174 0.55 18.76 32.27
N TYR A 175 -0.47 19.23 31.54
CA TYR A 175 -0.81 18.66 30.25
C TYR A 175 -0.85 19.73 29.16
N SER A 176 -0.63 19.32 27.92
CA SER A 176 -0.57 20.25 26.80
C SER A 176 -1.91 20.48 26.13
N SER A 177 -2.88 19.60 26.41
CA SER A 177 -4.20 19.70 25.78
C SER A 177 -5.33 19.22 26.68
N ASN A 178 -6.56 19.51 26.29
CA ASN A 178 -7.73 19.07 27.04
C ASN A 178 -8.31 17.76 26.51
N THR A 179 -7.55 17.12 25.62
CA THR A 179 -7.85 15.77 25.16
C THR A 179 -6.56 14.94 25.13
N ASP A 180 -6.68 13.63 25.30
CA ASP A 180 -5.50 12.75 25.24
C ASP A 180 -5.12 12.44 23.81
N LYS A 181 -4.17 13.21 23.26
CA LYS A 181 -3.78 13.04 21.86
C LYS A 181 -2.93 11.81 21.62
N GLU A 182 -2.41 11.23 22.70
CA GLU A 182 -1.49 10.08 22.59
C GLU A 182 -2.19 8.80 22.16
N MET A 183 -1.69 8.19 21.09
CA MET A 183 -2.11 6.85 20.70
C MET A 183 -1.10 5.82 21.19
N ILE A 184 -1.59 4.70 21.70
CA ILE A 184 -0.71 3.62 22.14
C ILE A 184 -0.95 2.36 21.31
N VAL A 185 0.04 1.99 20.52
CA VAL A 185 -0.05 0.83 19.65
C VAL A 185 0.65 -0.37 20.28
N LEU A 186 -0.05 -1.51 20.32
CA LEU A 186 0.53 -2.75 20.79
C LEU A 186 0.79 -3.66 19.61
N LYS A 187 2.07 -3.92 19.32
CA LYS A 187 2.47 -4.68 18.14
C LYS A 187 2.77 -6.14 18.48
N MET A 188 2.26 -7.04 17.66
CA MET A 188 2.43 -8.47 17.90
C MET A 188 2.97 -9.19 16.68
N VAL A 189 4.13 -9.83 16.84
CA VAL A 189 4.77 -10.58 15.77
C VAL A 189 5.18 -11.97 16.23
N ASP A 190 5.36 -12.90 15.30
CA ASP A 190 5.91 -14.20 15.63
C ASP A 190 7.43 -14.14 15.68
N LEU A 191 8.08 -15.26 16.00
CA LEU A 191 9.53 -15.27 16.16
C LEU A 191 10.25 -15.09 14.82
N ASN A 192 9.55 -15.34 13.72
CA ASN A 192 10.10 -15.10 12.40
C ASN A 192 9.98 -13.62 12.00
N GLY A 193 9.33 -12.84 12.85
CA GLY A 193 9.22 -11.42 12.67
C GLY A 193 8.07 -10.93 11.82
N ASP A 194 7.23 -11.85 11.35
CA ASP A 194 6.07 -11.48 10.55
C ASP A 194 4.92 -11.01 11.43
N ASP A 195 4.02 -10.23 10.83
CA ASP A 195 2.97 -9.54 11.57
C ASP A 195 1.80 -10.44 11.96
N LEU A 196 1.45 -10.41 13.24
CA LEU A 196 0.31 -11.17 13.76
C LEU A 196 -0.92 -10.28 13.91
N GLY A 197 -0.76 -9.16 14.61
CA GLY A 197 -1.86 -8.25 14.86
C GLY A 197 -1.45 -7.01 15.62
N LEU A 198 -2.40 -6.11 15.85
CA LEU A 198 -2.13 -4.92 16.65
C LEU A 198 -3.36 -4.44 17.42
N ILE A 199 -3.12 -3.77 18.54
CA ILE A 199 -4.16 -3.08 19.28
C ILE A 199 -3.79 -1.61 19.41
N SER A 200 -4.76 -0.73 19.18
CA SER A 200 -4.50 0.70 19.25
C SER A 200 -5.47 1.40 20.19
N TRP A 201 -4.97 1.81 21.35
CA TRP A 201 -5.78 2.58 22.30
C TRP A 201 -5.69 4.06 21.94
N PHE A 202 -6.86 4.70 21.83
CA PHE A 202 -6.92 6.11 21.47
C PHE A 202 -8.30 6.66 21.82
N ALA A 203 -8.32 7.79 22.52
CA ALA A 203 -9.57 8.38 23.02
C ALA A 203 -10.30 9.19 21.96
N ILE A 204 -11.46 8.69 21.54
CA ILE A 204 -12.32 9.41 20.60
C ILE A 204 -13.71 8.78 20.51
N HIS A 205 -14.74 9.61 20.45
CA HIS A 205 -16.11 9.15 20.23
C HIS A 205 -16.30 8.74 18.78
N PRO A 206 -16.69 7.47 18.55
CA PRO A 206 -17.04 7.05 17.19
C PRO A 206 -18.44 7.53 16.84
N VAL A 207 -18.58 8.83 16.63
CA VAL A 207 -19.88 9.42 16.33
C VAL A 207 -19.81 10.28 15.07
N SER A 208 -18.80 10.03 14.24
CA SER A 208 -18.65 10.74 12.98
C SER A 208 -19.87 10.52 12.07
N MET A 209 -20.45 9.34 12.16
CA MET A 209 -21.75 9.09 11.54
C MET A 209 -22.81 9.53 12.53
N ASN A 210 -23.52 10.61 12.20
CA ASN A 210 -24.45 11.20 13.16
C ASN A 210 -25.77 10.44 13.26
N ASN A 211 -26.71 10.96 14.03
CA ASN A 211 -27.95 10.24 14.32
C ASN A 211 -29.00 10.33 13.22
N SER A 212 -28.62 10.88 12.08
CA SER A 212 -29.47 10.86 10.90
C SER A 212 -29.22 9.60 10.09
N ASN A 213 -28.16 8.88 10.46
CA ASN A 213 -27.73 7.69 9.73
C ASN A 213 -28.58 6.46 10.04
N HIS A 214 -28.78 5.62 9.03
CA HIS A 214 -29.55 4.39 9.20
C HIS A 214 -28.76 3.16 8.76
N LEU A 215 -27.53 3.38 8.34
CA LEU A 215 -26.67 2.28 7.90
C LEU A 215 -25.76 1.80 9.02
N VAL A 216 -25.80 0.50 9.30
CA VAL A 216 -24.92 -0.12 10.28
C VAL A 216 -23.46 0.04 9.87
N ASN A 217 -22.64 0.51 10.82
CA ASN A 217 -21.22 0.67 10.57
C ASN A 217 -20.45 0.80 11.88
N SER A 218 -19.12 0.75 11.80
CA SER A 218 -18.28 0.80 12.99
C SER A 218 -17.63 2.17 13.16
N ASP A 219 -18.08 3.15 12.37
CA ASP A 219 -17.65 4.54 12.48
C ASP A 219 -16.15 4.72 12.26
N ASN A 220 -15.60 5.81 12.77
CA ASN A 220 -14.23 6.20 12.47
C ASN A 220 -13.17 5.18 12.90
N VAL A 221 -13.26 4.69 14.14
CA VAL A 221 -12.30 3.71 14.63
C VAL A 221 -12.44 2.39 13.88
N GLY A 222 -13.65 2.10 13.42
CA GLY A 222 -13.88 0.92 12.62
C GLY A 222 -13.23 1.02 11.25
N TYR A 223 -13.31 2.22 10.67
CA TYR A 223 -12.71 2.48 9.37
C TYR A 223 -11.19 2.44 9.46
N ALA A 224 -10.66 2.87 10.60
CA ALA A 224 -9.21 2.83 10.83
C ALA A 224 -8.72 1.40 10.91
N SER A 225 -9.47 0.57 11.64
CA SER A 225 -9.21 -0.87 11.71
C SER A 225 -9.32 -1.49 10.32
N TYR A 226 -10.30 -1.02 9.56
CA TYR A 226 -10.54 -1.47 8.20
C TYR A 226 -9.35 -1.21 7.30
N LEU A 227 -8.79 0.01 7.38
CA LEU A 227 -7.64 0.38 6.56
C LEU A 227 -6.39 -0.40 6.95
N LEU A 228 -6.15 -0.54 8.26
CA LEU A 228 -4.99 -1.27 8.75
C LEU A 228 -5.00 -2.72 8.28
N GLU A 229 -6.15 -3.38 8.39
CA GLU A 229 -6.28 -4.78 8.00
C GLU A 229 -6.15 -4.95 6.48
N GLN A 230 -6.78 -4.06 5.73
CA GLN A 230 -6.75 -4.14 4.27
C GLN A 230 -5.35 -3.88 3.71
N GLU A 231 -4.57 -3.06 4.41
CA GLU A 231 -3.22 -2.77 3.99
C GLU A 231 -2.30 -3.97 4.20
N LYS A 232 -2.42 -4.62 5.35
CA LYS A 232 -1.58 -5.78 5.67
C LYS A 232 -2.04 -7.02 4.91
N ASN A 233 -3.35 -7.27 4.91
CA ASN A 233 -3.91 -8.45 4.25
C ASN A 233 -4.14 -8.26 2.76
N LYS A 234 -3.08 -7.94 2.03
CA LYS A 234 -3.16 -7.76 0.58
C LYS A 234 -3.75 -8.99 -0.11
N GLY A 235 -4.71 -8.76 -0.99
CA GLY A 235 -5.35 -9.83 -1.74
C GLY A 235 -6.57 -10.41 -1.04
N TYR A 236 -6.82 -9.96 0.19
CA TYR A 236 -7.98 -10.43 0.94
C TYR A 236 -9.12 -9.42 0.88
N LEU A 237 -10.36 -9.94 0.84
CA LEU A 237 -11.55 -9.10 0.91
C LEU A 237 -11.73 -8.57 2.33
N PRO A 238 -12.44 -7.44 2.48
CA PRO A 238 -12.73 -6.91 3.81
C PRO A 238 -13.33 -7.96 4.76
N GLY A 239 -12.82 -8.01 5.98
CA GLY A 239 -13.27 -8.99 6.95
C GLY A 239 -12.50 -10.29 6.87
N GLN A 240 -11.65 -10.40 5.85
CA GLN A 240 -10.81 -11.59 5.68
C GLN A 240 -9.33 -11.25 5.77
N GLY A 241 -8.50 -12.26 6.00
CA GLY A 241 -7.07 -12.06 6.15
C GLY A 241 -6.60 -12.37 7.56
N PRO A 242 -5.38 -12.90 7.68
CA PRO A 242 -4.84 -13.35 8.97
C PRO A 242 -4.58 -12.21 9.95
N PHE A 243 -4.06 -11.08 9.46
CA PHE A 243 -3.73 -9.95 10.32
C PHE A 243 -4.98 -9.34 10.94
N VAL A 244 -4.91 -9.09 12.25
CA VAL A 244 -6.03 -8.53 12.98
C VAL A 244 -5.67 -7.20 13.63
N ALA A 245 -6.41 -6.16 13.30
CA ALA A 245 -6.12 -4.82 13.81
C ALA A 245 -7.33 -4.23 14.52
N ALA A 246 -7.21 -4.08 15.83
CA ALA A 246 -8.31 -3.57 16.63
C ALA A 246 -8.00 -2.22 17.26
N PHE A 247 -8.87 -1.25 17.01
CA PHE A 247 -8.85 0.00 17.76
C PHE A 247 -9.66 -0.17 19.04
N ALA A 248 -9.04 0.14 20.16
CA ALA A 248 -9.70 -0.01 21.45
C ALA A 248 -10.11 1.34 21.98
N SER A 249 -11.33 1.42 22.51
CA SER A 249 -11.81 2.65 23.12
C SER A 249 -11.01 2.99 24.37
N SER A 250 -10.94 4.27 24.70
CA SER A 250 -10.18 4.73 25.85
C SER A 250 -11.03 5.67 26.70
N ASN A 251 -10.41 6.69 27.29
CA ASN A 251 -11.16 7.68 28.02
C ASN A 251 -11.74 8.72 27.06
N LEU A 252 -12.84 8.35 26.41
CA LEU A 252 -13.41 9.14 25.34
C LEU A 252 -14.57 10.02 25.80
N GLY A 253 -14.79 10.05 27.11
CA GLY A 253 -15.98 10.65 27.69
C GLY A 253 -16.35 12.04 27.19
N ASP A 254 -15.36 12.91 27.03
CA ASP A 254 -15.61 14.27 26.58
C ASP A 254 -14.86 14.59 25.30
N VAL A 255 -14.57 13.56 24.50
CA VAL A 255 -13.78 13.73 23.28
C VAL A 255 -14.62 13.50 22.03
N SER A 256 -14.69 14.51 21.17
CA SER A 256 -15.49 14.45 19.95
C SER A 256 -14.60 14.45 18.70
N PRO A 257 -15.05 13.75 17.64
CA PRO A 257 -14.35 13.73 16.35
C PRO A 257 -14.81 14.84 15.42
N ASN A 258 -15.80 15.62 15.87
CA ASN A 258 -16.39 16.67 15.04
C ASN A 258 -15.62 17.96 15.23
N ILE A 259 -14.46 18.04 14.58
CA ILE A 259 -13.44 19.02 14.89
C ILE A 259 -13.75 20.44 14.43
N LEU A 260 -14.81 20.62 13.65
CA LEU A 260 -15.23 21.96 13.25
C LEU A 260 -15.79 22.74 14.45
N GLY A 261 -16.05 22.03 15.54
CA GLY A 261 -16.50 22.65 16.76
C GLY A 261 -17.98 22.95 16.76
N PRO A 262 -18.52 23.34 17.92
CA PRO A 262 -19.95 23.61 18.05
C PRO A 262 -20.35 24.93 17.41
N ARG A 263 -21.26 24.88 16.44
CA ARG A 263 -21.75 26.08 15.78
C ARG A 263 -23.27 26.06 15.65
N CYS A 264 -23.87 27.25 15.65
CA CYS A 264 -25.31 27.41 15.45
C CYS A 264 -25.71 27.20 13.99
N ILE A 265 -26.64 26.29 13.75
CA ILE A 265 -27.04 25.92 12.39
C ILE A 265 -27.63 27.11 11.62
N ASN A 266 -28.29 28.00 12.34
CA ASN A 266 -28.95 29.14 11.70
C ASN A 266 -28.00 30.29 11.36
N THR A 267 -27.08 30.60 12.27
CA THR A 267 -26.20 31.75 12.09
C THR A 267 -24.77 31.37 11.75
N GLY A 268 -24.37 30.14 12.04
CA GLY A 268 -23.01 29.70 11.78
C GLY A 268 -22.07 30.20 12.87
N GLU A 269 -22.63 30.86 13.87
CA GLU A 269 -21.85 31.42 14.97
C GLU A 269 -21.36 30.30 15.87
N SER A 270 -20.28 30.56 16.60
CA SER A 270 -19.77 29.59 17.56
C SER A 270 -20.66 29.53 18.80
N CYS A 271 -21.06 28.32 19.17
CA CYS A 271 -21.80 28.13 20.40
C CYS A 271 -20.96 27.34 21.39
N ASP A 272 -19.66 27.66 21.41
CA ASP A 272 -18.74 27.07 22.37
C ASP A 272 -18.89 27.80 23.71
N ASN A 273 -19.96 27.47 24.42
CA ASN A 273 -20.25 28.11 25.70
C ASN A 273 -20.62 27.07 26.75
N ALA A 274 -20.87 27.53 27.97
CA ALA A 274 -21.12 26.62 29.09
C ALA A 274 -22.41 25.82 28.94
N ASN A 275 -23.36 26.37 28.18
CA ASN A 275 -24.66 25.73 28.01
C ASN A 275 -24.78 24.95 26.71
N SER A 276 -23.80 25.11 25.83
CA SER A 276 -23.88 24.60 24.45
C SER A 276 -25.20 24.99 23.82
N THR A 277 -25.46 26.30 23.79
CA THR A 277 -26.75 26.80 23.33
C THR A 277 -26.59 27.98 22.38
N CYS A 278 -27.64 28.26 21.61
CA CYS A 278 -27.64 29.37 20.66
C CYS A 278 -28.68 30.41 21.07
N PRO A 279 -28.35 31.70 20.91
CA PRO A 279 -29.25 32.80 21.28
C PRO A 279 -30.62 32.69 20.61
N ILE A 280 -30.64 32.23 19.37
CA ILE A 280 -31.89 31.99 18.67
C ILE A 280 -32.06 30.51 18.33
N GLY A 281 -33.02 29.87 18.98
CA GLY A 281 -33.32 28.48 18.71
C GLY A 281 -32.90 27.52 19.81
N GLY A 282 -32.05 27.98 20.72
CA GLY A 282 -31.65 27.18 21.85
C GLY A 282 -30.64 26.09 21.54
N PRO A 283 -30.61 25.04 22.37
CA PRO A 283 -29.62 23.95 22.32
C PRO A 283 -29.69 23.13 21.04
N SER A 284 -30.89 22.97 20.49
CA SER A 284 -31.07 22.15 19.29
C SER A 284 -30.35 22.72 18.07
N MET A 285 -29.97 23.99 18.14
CA MET A 285 -29.25 24.65 17.06
C MET A 285 -27.74 24.53 17.21
N CYS A 286 -27.29 24.15 18.40
CA CYS A 286 -25.87 24.06 18.69
C CYS A 286 -25.33 22.66 18.38
N ILE A 287 -24.58 22.54 17.29
CA ILE A 287 -24.13 21.24 16.80
C ILE A 287 -22.70 21.31 16.26
N ALA A 288 -21.90 20.28 16.55
CA ALA A 288 -20.55 20.18 16.03
C ALA A 288 -20.50 19.25 14.82
N LYS A 289 -19.82 19.68 13.76
CA LYS A 289 -19.78 18.93 12.51
C LYS A 289 -18.39 18.37 12.22
N GLY A 290 -18.33 17.35 11.37
CA GLY A 290 -17.07 16.76 10.97
C GLY A 290 -16.42 17.53 9.83
N PRO A 291 -15.21 17.09 9.43
CA PRO A 291 -14.39 17.79 8.42
C PRO A 291 -14.82 17.53 6.98
N GLY A 292 -15.69 16.55 6.75
CA GLY A 292 -16.02 16.13 5.40
C GLY A 292 -17.19 16.84 4.74
N GLN A 293 -17.50 16.41 3.52
CA GLN A 293 -18.63 16.95 2.77
C GLN A 293 -19.95 16.38 3.30
N ASP A 294 -19.86 15.18 3.86
CA ASP A 294 -20.98 14.55 4.54
C ASP A 294 -20.45 13.71 5.71
N MET A 295 -21.32 12.94 6.36
CA MET A 295 -20.88 12.16 7.51
C MET A 295 -19.98 11.01 7.08
N PHE A 296 -20.21 10.48 5.88
CA PHE A 296 -19.36 9.43 5.35
C PHE A 296 -17.94 9.93 5.15
N ASP A 297 -17.81 11.13 4.60
CA ASP A 297 -16.51 11.73 4.33
C ASP A 297 -15.79 12.08 5.63
N SER A 298 -16.54 12.66 6.56
CA SER A 298 -16.00 12.98 7.89
C SER A 298 -15.47 11.74 8.60
N THR A 299 -16.26 10.67 8.57
CA THR A 299 -15.88 9.41 9.19
C THR A 299 -14.56 8.87 8.63
N GLN A 300 -14.40 8.98 7.32
CA GLN A 300 -13.22 8.45 6.66
C GLN A 300 -12.01 9.36 6.87
N ILE A 301 -12.24 10.67 6.91
CA ILE A 301 -11.16 11.62 7.15
C ILE A 301 -10.56 11.42 8.53
N ILE A 302 -11.43 11.32 9.53
CA ILE A 302 -10.99 11.09 10.90
C ILE A 302 -10.38 9.70 11.03
N GLY A 303 -11.06 8.71 10.46
CA GLY A 303 -10.60 7.33 10.51
C GLY A 303 -9.25 7.10 9.85
N ARG A 304 -9.02 7.78 8.72
CA ARG A 304 -7.76 7.63 7.99
C ARG A 304 -6.59 8.22 8.77
N ALA A 305 -6.82 9.36 9.41
CA ALA A 305 -5.80 10.02 10.20
C ALA A 305 -5.32 9.12 11.34
N MET A 306 -6.27 8.49 12.04
CA MET A 306 -5.93 7.57 13.11
C MET A 306 -5.19 6.35 12.57
N TYR A 307 -5.65 5.85 11.42
CA TYR A 307 -4.99 4.73 10.75
C TYR A 307 -3.56 5.07 10.39
N GLN A 308 -3.34 6.29 9.90
CA GLN A 308 -2.03 6.71 9.44
C GLN A 308 -1.02 6.71 10.59
N ARG A 309 -1.42 7.26 11.73
CA ARG A 309 -0.55 7.30 12.90
C ARG A 309 -0.34 5.90 13.46
N ALA A 310 -1.39 5.09 13.44
CA ALA A 310 -1.31 3.71 13.89
C ALA A 310 -0.32 2.92 13.05
N LYS A 311 -0.32 3.18 11.75
CA LYS A 311 0.57 2.50 10.82
C LYS A 311 2.03 2.88 11.09
N GLU A 312 2.27 4.17 11.28
CA GLU A 312 3.61 4.68 11.55
C GLU A 312 4.18 4.14 12.85
N LEU A 313 3.37 4.16 13.91
CA LEU A 313 3.81 3.68 15.21
C LEU A 313 4.10 2.19 15.21
N TYR A 314 3.29 1.44 14.47
CA TYR A 314 3.48 0.00 14.34
C TYR A 314 4.82 -0.30 13.67
N ALA A 315 5.08 0.38 12.56
CA ALA A 315 6.30 0.18 11.79
C ALA A 315 7.56 0.49 12.60
N SER A 316 7.51 1.57 13.38
CA SER A 316 8.69 2.06 14.08
C SER A 316 8.78 1.56 15.52
N ALA A 317 7.91 0.63 15.90
CA ALA A 317 7.91 0.06 17.23
C ALA A 317 9.22 -0.70 17.51
N SER A 318 9.83 -0.43 18.66
CA SER A 318 11.10 -1.05 19.00
C SER A 318 11.13 -1.55 20.45
N GLN A 319 10.46 -0.82 21.34
CA GLN A 319 10.39 -1.20 22.75
C GLN A 319 9.63 -2.52 22.94
N GLU A 320 10.33 -3.56 23.34
CA GLU A 320 9.71 -4.86 23.56
C GLU A 320 9.00 -4.91 24.91
N VAL A 321 7.88 -5.62 24.97
CA VAL A 321 7.17 -5.83 26.21
C VAL A 321 7.44 -7.23 26.73
N THR A 322 7.97 -7.32 27.95
CA THR A 322 8.32 -8.59 28.55
C THR A 322 7.89 -8.61 30.01
N GLY A 323 7.81 -9.80 30.59
CA GLY A 323 7.41 -9.94 31.98
C GLY A 323 6.23 -10.88 32.14
N PRO A 324 5.85 -11.16 33.39
CA PRO A 324 4.76 -12.11 33.68
C PRO A 324 3.39 -11.57 33.31
N LEU A 325 2.44 -12.47 33.09
CA LEU A 325 1.05 -12.10 32.89
C LEU A 325 0.29 -12.21 34.19
N ALA A 326 -0.60 -11.25 34.44
CA ALA A 326 -1.40 -11.27 35.66
C ALA A 326 -2.76 -10.61 35.45
N SER A 327 -3.69 -10.89 36.35
CA SER A 327 -5.05 -10.36 36.25
C SER A 327 -5.73 -10.36 37.62
N ALA A 328 -6.52 -9.33 37.87
CA ALA A 328 -7.30 -9.24 39.10
C ALA A 328 -8.68 -8.70 38.80
N HIS A 329 -9.70 -9.30 39.42
CA HIS A 329 -11.07 -8.88 39.18
C HIS A 329 -11.87 -8.82 40.48
N GLN A 330 -12.87 -7.96 40.52
CA GLN A 330 -13.72 -7.83 41.69
C GLN A 330 -15.09 -7.29 41.31
N TRP A 331 -16.14 -7.85 41.92
CA TRP A 331 -17.48 -7.28 41.79
C TRP A 331 -17.70 -6.25 42.89
N VAL A 332 -18.26 -5.10 42.52
CA VAL A 332 -18.43 -4.00 43.46
C VAL A 332 -19.81 -3.37 43.43
N ASP A 333 -20.43 -3.25 44.59
CA ASP A 333 -21.67 -2.50 44.74
C ASP A 333 -21.34 -1.01 44.73
N MET A 334 -21.46 -0.38 43.57
CA MET A 334 -21.07 1.02 43.39
C MET A 334 -22.04 1.99 44.03
N THR A 335 -23.10 1.47 44.65
CA THR A 335 -24.08 2.33 45.32
C THR A 335 -23.67 2.59 46.77
N ASP A 336 -22.68 1.85 47.25
CA ASP A 336 -22.36 1.84 48.67
C ASP A 336 -20.85 1.83 48.92
N VAL A 337 -20.10 2.55 48.09
CA VAL A 337 -18.65 2.62 48.26
C VAL A 337 -18.22 3.83 49.08
N THR A 338 -17.54 3.57 50.19
CA THR A 338 -16.99 4.64 51.02
C THR A 338 -15.67 5.13 50.42
N VAL A 339 -15.65 6.39 50.01
CA VAL A 339 -14.46 6.94 49.35
C VAL A 339 -13.78 7.96 50.26
N TRP A 340 -12.47 7.83 50.39
CA TRP A 340 -11.70 8.74 51.24
C TRP A 340 -11.10 9.90 50.47
N LEU A 341 -11.51 11.11 50.84
CA LEU A 341 -11.02 12.35 50.25
C LEU A 341 -9.85 12.87 51.06
N ASN A 342 -9.76 12.39 52.29
CA ASN A 342 -8.74 12.77 53.25
C ASN A 342 -8.13 11.54 53.89
N SER A 343 -7.35 11.77 54.94
CA SER A 343 -7.04 10.73 55.92
C SER A 343 -8.17 10.71 56.96
N THR A 344 -8.80 11.87 57.16
CA THR A 344 -9.81 12.06 58.19
C THR A 344 -11.25 12.18 57.66
N HIS A 345 -11.39 12.36 56.35
CA HIS A 345 -12.67 12.68 55.72
C HIS A 345 -13.07 11.74 54.59
N ALA A 346 -14.31 11.26 54.65
CA ALA A 346 -14.83 10.35 53.66
C ALA A 346 -16.22 10.76 53.21
N SER A 347 -16.61 10.28 52.03
CA SER A 347 -17.96 10.46 51.55
C SER A 347 -18.47 9.13 51.01
N LYS A 348 -19.44 9.18 50.11
CA LYS A 348 -20.13 7.98 49.68
C LYS A 348 -20.62 8.08 48.24
N THR A 349 -20.60 6.95 47.54
CA THR A 349 -21.22 6.86 46.23
C THR A 349 -22.71 6.65 46.43
N CYS A 350 -23.48 6.82 45.36
CA CYS A 350 -24.93 6.87 45.50
C CYS A 350 -25.62 5.77 44.71
N LYS A 351 -26.91 5.57 45.00
CA LYS A 351 -27.74 4.75 44.14
C LYS A 351 -27.87 5.50 42.82
N PRO A 352 -27.81 4.77 41.70
CA PRO A 352 -27.70 5.38 40.36
C PRO A 352 -28.84 6.34 40.02
N ALA A 353 -28.47 7.49 39.46
CA ALA A 353 -29.44 8.50 39.05
C ALA A 353 -28.90 9.36 37.90
N LEU A 354 -29.77 9.70 36.96
CA LEU A 354 -29.41 10.56 35.85
C LEU A 354 -29.87 11.99 36.07
N GLY A 355 -29.01 12.94 35.72
CA GLY A 355 -29.32 14.35 35.90
C GLY A 355 -30.15 14.95 34.77
N TYR A 356 -30.69 16.13 35.00
CA TYR A 356 -31.45 16.88 34.00
C TYR A 356 -30.74 16.96 32.65
N SER A 357 -29.45 17.26 32.68
CA SER A 357 -28.67 17.51 31.47
C SER A 357 -28.44 16.26 30.63
N PHE A 358 -28.76 15.08 31.17
CA PHE A 358 -28.71 13.86 30.39
C PHE A 358 -29.64 13.94 29.19
N ALA A 359 -30.81 14.55 29.40
CA ALA A 359 -31.81 14.70 28.35
C ALA A 359 -31.40 15.75 27.32
N ALA A 360 -30.32 16.46 27.59
CA ALA A 360 -29.86 17.53 26.71
C ALA A 360 -28.97 17.01 25.58
N GLY A 361 -28.46 15.80 25.74
CA GLY A 361 -27.54 15.23 24.78
C GLY A 361 -26.25 16.02 24.71
N THR A 362 -25.57 15.93 23.57
CA THR A 362 -24.31 16.65 23.37
C THR A 362 -24.31 17.38 22.03
N ILE A 363 -23.18 17.99 21.70
CA ILE A 363 -22.99 18.65 20.41
C ILE A 363 -22.76 17.61 19.30
N ASP A 364 -22.62 16.35 19.70
CA ASP A 364 -22.47 15.25 18.74
C ASP A 364 -23.83 14.62 18.47
N GLY A 365 -24.84 15.07 19.21
CA GLY A 365 -26.18 14.54 19.09
C GLY A 365 -27.07 15.16 20.15
N VAL A 366 -27.88 16.13 19.74
CA VAL A 366 -28.68 16.91 20.67
C VAL A 366 -29.98 16.20 21.00
N GLY A 367 -30.48 16.45 22.21
CA GLY A 367 -31.79 15.95 22.62
C GLY A 367 -32.90 16.73 21.96
N GLY A 368 -34.09 16.13 21.92
CA GLY A 368 -35.24 16.74 21.27
C GLY A 368 -36.10 17.62 22.16
N LEU A 369 -35.86 17.55 23.47
CA LEU A 369 -36.80 18.12 24.44
C LEU A 369 -36.35 19.47 25.01
N ASN A 370 -35.47 20.15 24.30
CA ASN A 370 -35.04 21.51 24.65
C ASN A 370 -34.29 21.62 25.98
N PHE A 371 -33.79 20.49 26.49
CA PHE A 371 -32.94 20.53 27.67
C PHE A 371 -31.57 21.12 27.33
N THR A 372 -30.98 21.84 28.28
CA THR A 372 -29.65 22.40 28.09
C THR A 372 -28.65 21.76 29.05
N GLN A 373 -27.40 21.64 28.60
CA GLN A 373 -26.33 21.14 29.45
C GLN A 373 -25.98 22.17 30.53
N GLY A 374 -25.54 21.68 31.69
CA GLY A 374 -25.12 22.57 32.77
C GLY A 374 -26.21 22.90 33.76
N LYS A 375 -27.27 22.08 33.80
CA LYS A 375 -28.36 22.28 34.73
C LYS A 375 -28.01 21.80 36.14
N THR A 376 -27.88 22.74 37.07
CA THR A 376 -27.58 22.40 38.44
C THR A 376 -28.82 22.57 39.31
N GLU A 377 -29.93 22.90 38.66
CA GLU A 377 -31.20 23.11 39.36
C GLU A 377 -32.33 22.42 38.61
N GLY A 378 -33.28 21.88 39.36
CA GLY A 378 -34.46 21.30 38.75
C GLY A 378 -35.53 22.35 38.58
N ASP A 379 -36.66 21.97 37.99
CA ASP A 379 -37.80 22.86 37.91
C ASP A 379 -39.07 22.11 38.34
N PRO A 380 -40.06 22.85 38.85
CA PRO A 380 -41.27 22.20 39.38
C PRO A 380 -42.00 21.41 38.31
N PHE A 381 -41.84 21.82 37.06
CA PHE A 381 -42.50 21.18 35.94
C PHE A 381 -42.06 19.72 35.76
N TRP A 382 -40.76 19.51 35.51
CA TRP A 382 -40.25 18.16 35.28
C TRP A 382 -40.14 17.33 36.55
N ASP A 383 -39.90 17.99 37.68
CA ASP A 383 -39.92 17.31 38.98
C ASP A 383 -41.28 16.67 39.20
N THR A 384 -42.34 17.38 38.78
CA THR A 384 -43.70 16.87 38.89
C THR A 384 -43.88 15.60 38.05
N ILE A 385 -43.54 15.70 36.77
CA ILE A 385 -43.63 14.57 35.85
C ILE A 385 -42.87 13.36 36.37
N ARG A 386 -41.66 13.61 36.88
CA ARG A 386 -40.83 12.55 37.44
C ARG A 386 -41.50 11.87 38.63
N ASP A 387 -42.07 12.68 39.52
CA ASP A 387 -42.77 12.17 40.70
C ASP A 387 -44.01 11.36 40.33
N GLN A 388 -44.85 11.94 39.47
CA GLN A 388 -46.12 11.33 39.12
C GLN A 388 -45.98 9.99 38.38
N ILE A 389 -44.97 9.91 37.52
CA ILE A 389 -44.82 8.73 36.66
C ILE A 389 -43.92 7.67 37.27
N LEU A 390 -42.72 8.06 37.68
CA LEU A 390 -41.73 7.10 38.17
C LEU A 390 -41.74 6.98 39.69
N GLY A 391 -42.01 8.09 40.37
CA GLY A 391 -41.98 8.12 41.81
C GLY A 391 -41.14 9.29 42.31
N LYS A 392 -41.26 9.62 43.59
CA LYS A 392 -40.49 10.72 44.14
C LYS A 392 -39.19 10.24 44.78
N PRO A 393 -38.06 10.74 44.28
CA PRO A 393 -36.73 10.41 44.81
C PRO A 393 -36.62 10.70 46.31
N SER A 394 -36.01 9.79 47.06
CA SER A 394 -35.78 9.99 48.49
C SER A 394 -34.89 11.21 48.73
N GLU A 395 -34.89 11.69 49.97
CA GLU A 395 -34.09 12.86 50.30
C GLU A 395 -32.61 12.49 50.37
N GLU A 396 -32.34 11.23 50.68
CA GLU A 396 -30.97 10.72 50.72
C GLU A 396 -30.31 10.76 49.34
N ILE A 397 -31.04 10.30 48.33
CA ILE A 397 -30.47 10.19 46.98
C ILE A 397 -30.31 11.57 46.34
N LYS A 398 -31.17 12.51 46.73
CA LYS A 398 -31.06 13.88 46.24
C LYS A 398 -29.83 14.56 46.83
N GLU A 399 -29.61 14.34 48.12
CA GLU A 399 -28.50 14.98 48.83
C GLU A 399 -27.16 14.38 48.40
N CYS A 400 -27.19 13.07 48.13
CA CYS A 400 -26.00 12.34 47.71
C CYS A 400 -25.51 12.77 46.33
N HIS A 401 -26.44 13.15 45.47
CA HIS A 401 -26.14 13.45 44.07
C HIS A 401 -25.83 14.92 43.82
N LYS A 402 -26.07 15.77 44.80
CA LYS A 402 -25.85 17.21 44.67
C LYS A 402 -24.46 17.55 44.11
N PRO A 403 -24.37 18.57 43.25
CA PRO A 403 -25.45 19.46 42.82
C PRO A 403 -26.25 18.95 41.61
N LYS A 404 -26.19 17.65 41.32
CA LYS A 404 -26.96 17.10 40.22
C LYS A 404 -28.44 17.07 40.54
N PRO A 405 -29.27 17.71 39.70
CA PRO A 405 -30.71 17.62 39.82
C PRO A 405 -31.23 16.34 39.16
N ILE A 406 -31.88 15.49 39.93
CA ILE A 406 -32.25 14.16 39.44
C ILE A 406 -33.42 14.20 38.46
N LEU A 407 -33.19 13.64 37.27
CA LEU A 407 -34.24 13.48 36.27
C LEU A 407 -34.78 12.06 36.35
N LEU A 408 -33.87 11.08 36.41
CA LEU A 408 -34.25 9.68 36.55
C LEU A 408 -33.51 9.07 37.73
N HIS A 409 -34.25 8.68 38.77
CA HIS A 409 -33.63 8.05 39.93
C HIS A 409 -33.69 6.53 39.75
N THR A 410 -32.93 6.06 38.77
CA THR A 410 -32.95 4.66 38.35
C THR A 410 -32.57 3.70 39.48
N GLY A 411 -31.80 4.20 40.46
CA GLY A 411 -31.38 3.39 41.59
C GLY A 411 -32.54 2.98 42.48
N GLU A 412 -33.65 3.70 42.36
CA GLU A 412 -34.84 3.37 43.14
C GLU A 412 -36.00 3.03 42.22
N LEU A 413 -35.66 2.56 41.03
CA LEU A 413 -36.65 2.09 40.05
C LEU A 413 -36.28 0.69 39.59
N SER A 414 -37.10 -0.29 39.97
CA SER A 414 -36.75 -1.69 39.76
C SER A 414 -37.86 -2.49 39.09
N LYS A 415 -38.82 -1.80 38.48
CA LYS A 415 -39.94 -2.47 37.84
C LYS A 415 -39.91 -2.23 36.33
N PRO A 416 -40.00 -3.32 35.52
CA PRO A 416 -40.09 -4.73 35.93
C PRO A 416 -38.76 -5.27 36.47
N HIS A 417 -37.66 -4.74 35.94
CA HIS A 417 -36.32 -5.08 36.41
C HIS A 417 -35.58 -3.80 36.79
N PRO A 418 -34.51 -3.91 37.59
CA PRO A 418 -33.66 -2.76 37.89
C PRO A 418 -33.28 -1.96 36.65
N TRP A 419 -33.44 -0.64 36.73
CA TRP A 419 -33.22 0.22 35.57
C TRP A 419 -31.73 0.41 35.29
N HIS A 420 -30.95 0.59 36.35
CA HIS A 420 -29.50 0.69 36.23
C HIS A 420 -28.81 -0.37 37.09
N PRO A 421 -27.58 -0.77 36.73
CA PRO A 421 -26.86 -1.77 37.53
C PRO A 421 -26.35 -1.22 38.86
N ASP A 422 -26.30 -2.07 39.87
CA ASP A 422 -25.67 -1.74 41.13
C ASP A 422 -24.32 -2.44 41.22
N ILE A 423 -24.27 -3.66 40.69
CA ILE A 423 -23.05 -4.46 40.72
C ILE A 423 -22.21 -4.21 39.47
N VAL A 424 -20.99 -3.73 39.67
CA VAL A 424 -20.12 -3.34 38.56
C VAL A 424 -18.79 -4.10 38.61
N ASP A 425 -18.29 -4.46 37.43
CA ASP A 425 -16.99 -5.12 37.32
C ASP A 425 -15.84 -4.11 37.36
N VAL A 426 -14.84 -4.39 38.19
CA VAL A 426 -13.56 -3.69 38.10
C VAL A 426 -12.47 -4.73 37.91
N GLN A 427 -11.57 -4.49 36.96
CA GLN A 427 -10.53 -5.47 36.68
C GLN A 427 -9.32 -4.87 35.98
N ILE A 428 -8.15 -5.44 36.26
CA ILE A 428 -6.92 -5.07 35.60
C ILE A 428 -6.25 -6.32 35.03
N ILE A 429 -5.75 -6.20 33.80
CA ILE A 429 -4.94 -7.26 33.20
C ILE A 429 -3.58 -6.69 32.84
N THR A 430 -2.52 -7.36 33.27
CA THR A 430 -1.17 -6.88 32.98
C THR A 430 -0.43 -7.81 32.02
N LEU A 431 0.10 -7.21 30.95
CA LEU A 431 1.04 -7.91 30.08
C LEU A 431 2.41 -7.30 30.30
N GLY A 432 3.17 -7.86 31.24
CA GLY A 432 4.46 -7.33 31.58
C GLY A 432 4.37 -5.93 32.15
N SER A 433 4.94 -4.97 31.43
CA SER A 433 4.95 -3.58 31.89
C SER A 433 3.71 -2.82 31.45
N LEU A 434 2.81 -3.50 30.75
CA LEU A 434 1.57 -2.89 30.28
C LEU A 434 0.39 -3.30 31.15
N ALA A 435 -0.31 -2.32 31.71
CA ALA A 435 -1.48 -2.58 32.52
C ALA A 435 -2.74 -2.08 31.83
N ILE A 436 -3.76 -2.92 31.75
CA ILE A 436 -5.01 -2.56 31.12
C ILE A 436 -6.14 -2.50 32.15
N THR A 437 -6.66 -1.31 32.39
CA THR A 437 -7.78 -1.15 33.31
C THR A 437 -9.11 -1.20 32.56
N ALA A 438 -9.91 -2.21 32.86
CA ALA A 438 -11.22 -2.37 32.22
C ALA A 438 -12.24 -1.42 32.85
N ILE A 439 -12.48 -0.31 32.18
CA ILE A 439 -13.41 0.70 32.67
C ILE A 439 -14.82 0.39 32.18
N PRO A 440 -15.79 0.36 33.11
CA PRO A 440 -17.19 0.00 32.84
C PRO A 440 -18.03 1.18 32.37
N GLY A 441 -17.50 1.97 31.45
CA GLY A 441 -18.20 3.16 30.99
C GLY A 441 -17.30 4.11 30.23
N GLU A 442 -17.59 5.40 30.36
CA GLU A 442 -16.90 6.43 29.59
C GLU A 442 -16.20 7.44 30.49
N PHE A 443 -14.90 7.22 30.71
CA PHE A 443 -14.09 8.16 31.47
C PHE A 443 -13.81 9.41 30.65
N THR A 444 -13.94 10.58 31.27
CA THR A 444 -13.53 11.81 30.60
C THR A 444 -12.01 11.87 30.52
N THR A 445 -11.50 12.90 29.85
CA THR A 445 -10.06 13.06 29.66
C THR A 445 -9.30 13.08 31.00
N MET A 446 -9.67 13.99 31.89
CA MET A 446 -8.96 14.13 33.16
C MET A 446 -9.21 12.96 34.09
N SER A 447 -10.39 12.35 33.99
CA SER A 447 -10.72 11.17 34.78
C SER A 447 -9.76 10.02 34.47
N GLY A 448 -9.50 9.81 33.18
CA GLY A 448 -8.60 8.76 32.75
C GLY A 448 -7.16 9.05 33.15
N ARG A 449 -6.79 10.33 33.05
CA ARG A 449 -5.46 10.77 33.47
C ARG A 449 -5.21 10.46 34.93
N ARG A 450 -6.19 10.79 35.78
CA ARG A 450 -6.05 10.58 37.22
C ARG A 450 -5.93 9.10 37.57
N LEU A 451 -6.79 8.26 36.99
CA LEU A 451 -6.80 6.84 37.30
C LEU A 451 -5.54 6.15 36.77
N ARG A 452 -5.13 6.50 35.55
CA ARG A 452 -3.91 5.98 34.95
C ARG A 452 -2.70 6.18 35.87
N GLU A 453 -2.48 7.44 36.23
CA GLU A 453 -1.32 7.82 37.04
C GLU A 453 -1.40 7.27 38.45
N ALA A 454 -2.60 7.20 39.02
CA ALA A 454 -2.79 6.66 40.36
C ALA A 454 -2.49 5.16 40.39
N VAL A 455 -2.96 4.45 39.37
CA VAL A 455 -2.72 3.01 39.26
C VAL A 455 -1.24 2.76 38.99
N GLN A 456 -0.64 3.59 38.14
CA GLN A 456 0.80 3.52 37.89
C GLN A 456 1.61 3.72 39.17
N ALA A 457 1.23 4.72 39.94
CA ALA A 457 1.91 5.02 41.20
C ALA A 457 1.82 3.85 42.18
N GLU A 458 0.67 3.20 42.24
CA GLU A 458 0.48 2.04 43.11
C GLU A 458 1.43 0.91 42.76
N PHE A 459 1.48 0.57 41.47
CA PHE A 459 2.41 -0.45 40.98
C PHE A 459 3.84 -0.10 41.37
N ALA A 460 4.18 1.17 41.27
CA ALA A 460 5.52 1.65 41.60
C ALA A 460 5.82 1.45 43.08
N SER A 461 4.86 1.81 43.92
CA SER A 461 4.98 1.64 45.37
C SER A 461 5.22 0.19 45.78
N HIS A 462 4.86 -0.75 44.92
CA HIS A 462 4.97 -2.16 45.26
C HIS A 462 5.85 -2.95 44.30
N GLY A 463 6.86 -2.27 43.74
CA GLY A 463 7.93 -2.96 43.05
C GLY A 463 7.78 -3.13 41.55
N MET A 464 6.62 -2.77 41.01
CA MET A 464 6.42 -2.86 39.56
C MET A 464 6.63 -1.49 38.92
N GLN A 465 7.87 -1.26 38.49
CA GLN A 465 8.29 0.04 37.99
C GLN A 465 7.93 0.28 36.53
N ASN A 466 7.82 1.57 36.17
CA ASN A 466 7.62 2.01 34.80
C ASN A 466 6.47 1.30 34.08
N MET A 467 5.33 1.24 34.73
CA MET A 467 4.15 0.61 34.14
C MET A 467 3.44 1.55 33.18
N THR A 468 3.14 1.06 31.98
CA THR A 468 2.26 1.77 31.07
C THR A 468 0.82 1.35 31.34
N VAL A 469 0.00 2.29 31.77
CA VAL A 469 -1.38 1.99 32.09
C VAL A 469 -2.29 2.60 31.03
N VAL A 470 -3.21 1.80 30.49
CA VAL A 470 -4.17 2.32 29.52
C VAL A 470 -5.59 2.20 30.06
N ILE A 471 -6.42 3.16 29.69
CA ILE A 471 -7.85 3.10 29.99
C ILE A 471 -8.56 2.33 28.89
N SER A 472 -9.21 1.24 29.26
CA SER A 472 -10.02 0.50 28.30
C SER A 472 -11.49 0.80 28.54
N GLY A 473 -12.13 1.44 27.58
CA GLY A 473 -13.47 1.97 27.79
C GLY A 473 -14.59 1.01 27.45
N LEU A 474 -15.74 1.23 28.08
CA LEU A 474 -16.96 0.48 27.79
C LEU A 474 -16.74 -1.02 27.93
N CYS A 475 -16.24 -1.41 29.09
CA CYS A 475 -15.92 -2.80 29.36
C CYS A 475 -16.96 -3.46 30.24
N ASN A 476 -17.26 -4.72 29.96
CA ASN A 476 -17.94 -5.61 30.89
C ASN A 476 -19.39 -5.23 31.24
N VAL A 477 -19.63 -3.95 31.52
CA VAL A 477 -20.95 -3.49 31.92
C VAL A 477 -21.01 -1.97 31.73
N TYR A 478 -22.16 -1.47 31.27
CA TYR A 478 -22.26 -0.05 30.97
C TYR A 478 -22.89 0.73 32.13
N THR A 479 -22.16 1.72 32.60
CA THR A 479 -22.59 2.55 33.72
C THR A 479 -22.49 4.02 33.34
N HIS A 480 -22.55 4.27 32.03
CA HIS A 480 -22.50 5.62 31.46
C HIS A 480 -21.15 6.30 31.70
N TYR A 481 -21.18 7.57 32.05
CA TYR A 481 -19.97 8.39 32.06
C TYR A 481 -19.36 8.54 33.45
N ILE A 482 -18.07 8.83 33.50
CA ILE A 482 -17.38 9.12 34.75
C ILE A 482 -16.59 10.42 34.63
N THR A 483 -16.97 11.39 35.44
CA THR A 483 -16.32 12.69 35.44
C THR A 483 -15.51 12.90 36.72
N THR A 484 -14.63 13.88 36.72
CA THR A 484 -13.94 14.26 37.95
C THR A 484 -14.92 15.00 38.84
N TYR A 485 -14.60 15.07 40.14
CA TYR A 485 -15.44 15.79 41.09
C TYR A 485 -15.71 17.23 40.65
N GLU A 486 -14.67 17.88 40.13
CA GLU A 486 -14.78 19.26 39.68
C GLU A 486 -15.65 19.38 38.44
N GLU A 487 -15.48 18.46 37.51
CA GLU A 487 -16.30 18.42 36.29
C GLU A 487 -17.77 18.15 36.61
N TYR A 488 -18.00 17.33 37.64
CA TYR A 488 -19.34 16.92 38.05
C TYR A 488 -20.16 18.13 38.49
N GLN A 489 -19.49 19.13 39.05
CA GLN A 489 -20.15 20.33 39.56
C GLN A 489 -20.87 21.11 38.46
N ALA A 490 -20.28 21.14 37.27
CA ALA A 490 -20.82 21.92 36.16
C ALA A 490 -22.09 21.30 35.58
N GLN A 491 -22.23 20.00 35.77
CA GLN A 491 -23.43 19.25 35.37
C GLN A 491 -23.74 19.32 33.88
N ARG A 492 -22.71 19.25 33.04
CA ARG A 492 -22.93 19.02 31.62
C ARG A 492 -23.30 17.56 31.40
N TYR A 493 -23.56 17.20 30.14
CA TYR A 493 -24.07 15.87 29.81
C TYR A 493 -23.33 14.72 30.48
N GLU A 494 -22.01 14.73 30.39
CA GLU A 494 -21.19 13.65 30.97
C GLU A 494 -21.31 13.65 32.48
N ALA A 495 -21.37 14.83 33.08
CA ALA A 495 -21.48 14.97 34.53
C ALA A 495 -22.85 14.53 35.01
N ALA A 496 -23.88 14.84 34.22
CA ALA A 496 -25.24 14.42 34.54
C ALA A 496 -25.40 12.92 34.33
N SER A 497 -24.49 12.36 33.54
CA SER A 497 -24.50 10.92 33.26
C SER A 497 -23.50 10.17 34.13
N THR A 498 -23.03 10.83 35.19
CA THR A 498 -22.21 10.17 36.18
C THR A 498 -23.13 9.62 37.27
N ILE A 499 -23.54 8.36 37.10
CA ILE A 499 -24.72 7.85 37.79
C ILE A 499 -24.53 7.53 39.28
N TYR A 500 -23.31 7.30 39.72
CA TYR A 500 -23.10 6.98 41.13
C TYR A 500 -22.69 8.20 41.96
N GLY A 501 -22.94 9.39 41.43
CA GLY A 501 -22.70 10.61 42.17
C GLY A 501 -21.33 11.23 41.94
N PRO A 502 -21.05 12.32 42.66
CA PRO A 502 -19.82 13.13 42.51
C PRO A 502 -18.53 12.40 42.87
N HIS A 503 -18.63 11.31 43.61
CA HIS A 503 -17.44 10.60 44.07
C HIS A 503 -17.21 9.30 43.30
N THR A 504 -17.87 9.16 42.15
CA THR A 504 -17.75 7.97 41.32
C THR A 504 -16.31 7.72 40.89
N LEU A 505 -15.61 8.79 40.49
CA LEU A 505 -14.23 8.68 40.05
C LEU A 505 -13.31 8.30 41.20
N SER A 506 -13.46 8.99 42.32
CA SER A 506 -12.66 8.72 43.51
C SER A 506 -12.82 7.29 43.98
N ALA A 507 -14.01 6.74 43.80
CA ALA A 507 -14.28 5.34 44.16
C ALA A 507 -13.50 4.40 43.26
N TYR A 508 -13.54 4.65 41.95
CA TYR A 508 -12.85 3.81 40.98
C TYR A 508 -11.34 3.84 41.16
N ILE A 509 -10.80 5.04 41.37
CA ILE A 509 -9.37 5.20 41.61
C ILE A 509 -8.95 4.37 42.81
N GLN A 510 -9.74 4.46 43.87
CA GLN A 510 -9.54 3.68 45.08
C GLN A 510 -9.61 2.19 44.79
N LEU A 511 -10.65 1.78 44.08
CA LEU A 511 -10.88 0.37 43.74
C LEU A 511 -9.80 -0.19 42.84
N PHE A 512 -9.41 0.58 41.82
CA PHE A 512 -8.41 0.12 40.86
C PHE A 512 -7.00 0.15 41.43
N ARG A 513 -6.73 1.11 42.32
CA ARG A 513 -5.46 1.13 43.06
C ARG A 513 -5.31 -0.18 43.82
N ASN A 514 -6.38 -0.60 44.48
CA ASN A 514 -6.39 -1.82 45.26
C ASN A 514 -6.12 -3.06 44.40
N LEU A 515 -6.77 -3.11 43.24
CA LEU A 515 -6.55 -4.19 42.28
C LEU A 515 -5.08 -4.27 41.87
N ALA A 516 -4.49 -3.12 41.55
CA ALA A 516 -3.08 -3.04 41.18
C ALA A 516 -2.18 -3.53 42.31
N LYS A 517 -2.52 -3.14 43.53
CA LYS A 517 -1.77 -3.55 44.72
C LYS A 517 -1.81 -5.05 44.92
N ALA A 518 -2.97 -5.65 44.68
CA ALA A 518 -3.14 -7.09 44.81
C ALA A 518 -2.29 -7.84 43.79
N ILE A 519 -2.16 -7.27 42.60
CA ILE A 519 -1.38 -7.89 41.54
C ILE A 519 0.11 -7.81 41.84
N ALA A 520 0.56 -6.63 42.26
CA ALA A 520 1.98 -6.39 42.55
C ALA A 520 2.47 -7.17 43.77
N THR A 521 1.65 -7.24 44.80
CA THR A 521 2.01 -7.95 46.03
C THR A 521 1.70 -9.45 45.94
N ASP A 522 1.14 -9.87 44.80
CA ASP A 522 0.80 -11.27 44.57
C ASP A 522 -0.22 -11.79 45.59
N THR A 523 -1.21 -10.97 45.90
CA THR A 523 -2.26 -11.35 46.84
C THR A 523 -3.66 -11.15 46.27
N VAL A 524 -3.82 -11.40 44.97
CA VAL A 524 -5.12 -11.23 44.32
C VAL A 524 -6.15 -12.20 44.89
N ALA A 525 -5.67 -13.33 45.39
CA ALA A 525 -6.54 -14.33 46.01
C ALA A 525 -7.14 -13.79 47.30
N ASN A 526 -6.47 -12.79 47.88
CA ASN A 526 -6.94 -12.20 49.13
C ASN A 526 -8.04 -11.18 48.89
N LEU A 527 -8.26 -10.83 47.62
CA LEU A 527 -9.36 -9.96 47.25
C LEU A 527 -10.69 -10.67 47.44
N SER A 528 -11.65 -9.96 48.02
CA SER A 528 -13.01 -10.49 48.17
C SER A 528 -13.71 -10.54 46.81
N ARG A 529 -14.39 -11.66 46.53
CA ARG A 529 -15.11 -11.84 45.28
C ARG A 529 -16.05 -10.68 44.95
N GLY A 530 -16.74 -10.18 45.98
CA GLY A 530 -17.75 -9.17 45.79
C GLY A 530 -19.09 -9.82 45.46
N PRO A 531 -20.18 -9.05 45.58
CA PRO A 531 -21.54 -9.55 45.34
C PRO A 531 -21.75 -9.95 43.88
N GLU A 532 -22.31 -11.14 43.67
CA GLU A 532 -22.55 -11.63 42.31
C GLU A 532 -23.70 -10.88 41.65
N PRO A 533 -23.51 -10.47 40.39
CA PRO A 533 -24.55 -9.78 39.62
C PRO A 533 -25.65 -10.73 39.16
N PRO A 534 -26.87 -10.21 38.93
CA PRO A 534 -28.02 -11.05 38.59
C PRO A 534 -28.13 -11.36 37.10
N PHE A 535 -28.85 -12.43 36.77
CA PHE A 535 -29.15 -12.76 35.38
C PHE A 535 -30.64 -12.88 35.16
N PHE A 536 -31.26 -11.79 34.72
CA PHE A 536 -32.70 -11.71 34.51
C PHE A 536 -33.11 -12.60 33.33
N LYS A 537 -34.23 -13.32 33.47
CA LYS A 537 -34.64 -14.24 32.42
C LYS A 537 -35.36 -13.48 31.32
N GLN A 538 -36.37 -12.69 31.70
CA GLN A 538 -37.16 -11.94 30.74
C GLN A 538 -36.78 -10.47 30.79
N ILE A 544 -42.75 -7.08 16.86
CA ILE A 544 -43.00 -7.12 15.43
C ILE A 544 -43.63 -8.45 15.01
N PRO A 545 -44.87 -8.40 14.48
CA PRO A 545 -45.59 -9.58 14.00
C PRO A 545 -44.89 -10.22 12.80
N SER A 546 -44.99 -11.54 12.68
CA SER A 546 -44.32 -12.27 11.61
C SER A 546 -44.92 -11.93 10.26
N ILE A 547 -44.06 -11.73 9.27
CA ILE A 547 -44.52 -11.39 7.92
C ILE A 547 -43.88 -12.29 6.85
N VAL A 548 -44.72 -12.82 5.98
CA VAL A 548 -44.24 -13.61 4.84
C VAL A 548 -43.83 -12.68 3.70
N ASP A 549 -42.58 -12.79 3.27
CA ASP A 549 -42.07 -11.97 2.19
C ASP A 549 -42.75 -12.32 0.86
N ARG A 550 -42.96 -11.32 0.01
CA ARG A 550 -43.60 -11.53 -1.28
C ARG A 550 -42.78 -10.94 -2.41
N ALA A 551 -42.84 -11.59 -3.57
CA ALA A 551 -42.27 -11.03 -4.78
C ALA A 551 -43.40 -10.46 -5.65
N PRO A 552 -43.09 -9.45 -6.48
CA PRO A 552 -44.07 -8.92 -7.41
C PRO A 552 -44.61 -10.00 -8.33
N LYS A 553 -45.84 -9.84 -8.81
CA LYS A 553 -46.48 -10.84 -9.66
C LYS A 553 -45.65 -11.13 -10.91
N GLY A 554 -45.39 -12.41 -11.15
CA GLY A 554 -44.61 -12.84 -12.30
C GLY A 554 -43.12 -12.74 -12.06
N ARG A 555 -42.73 -12.34 -10.85
CA ARG A 555 -41.32 -12.22 -10.50
C ARG A 555 -40.97 -13.11 -9.31
N THR A 556 -39.69 -13.15 -8.96
CA THR A 556 -39.25 -13.89 -7.78
C THR A 556 -38.11 -13.15 -7.09
N PHE A 557 -37.80 -13.55 -5.86
CA PHE A 557 -36.78 -12.87 -5.08
C PHE A 557 -35.42 -12.91 -5.76
N GLY A 558 -34.79 -11.74 -5.87
CA GLY A 558 -33.49 -11.63 -6.49
C GLY A 558 -33.54 -11.04 -7.88
N ASP A 559 -34.74 -11.00 -8.47
CA ASP A 559 -34.92 -10.40 -9.79
C ASP A 559 -34.61 -8.91 -9.76
N VAL A 560 -34.00 -8.42 -10.82
CA VAL A 560 -33.64 -7.01 -10.91
C VAL A 560 -34.84 -6.14 -11.33
N LEU A 561 -35.18 -5.17 -10.50
CA LEU A 561 -36.22 -4.20 -10.84
C LEU A 561 -35.60 -3.00 -11.53
N GLN A 562 -34.40 -2.62 -11.11
CA GLN A 562 -33.67 -1.53 -11.73
C GLN A 562 -32.19 -1.88 -11.88
N PRO A 563 -31.75 -2.11 -13.13
CA PRO A 563 -30.36 -2.43 -13.42
C PRO A 563 -29.46 -1.19 -13.37
N ALA A 564 -28.15 -1.39 -13.34
CA ALA A 564 -27.21 -0.28 -13.36
C ALA A 564 -27.15 0.33 -14.75
N LYS A 565 -26.64 1.55 -14.84
CA LYS A 565 -26.37 2.18 -16.12
C LYS A 565 -25.42 1.31 -16.94
N PRO A 566 -25.48 1.41 -18.27
CA PRO A 566 -24.58 0.61 -19.10
C PRO A 566 -23.11 0.97 -18.88
N GLU A 567 -22.85 2.24 -18.56
CA GLU A 567 -21.48 2.72 -18.41
C GLU A 567 -21.34 3.68 -17.23
N TYR A 568 -20.21 3.59 -16.55
CA TYR A 568 -19.89 4.50 -15.45
C TYR A 568 -18.46 5.00 -15.56
N ARG A 569 -18.23 6.22 -15.10
CA ARG A 569 -16.87 6.71 -14.89
C ARG A 569 -16.56 6.61 -13.41
N VAL A 570 -15.28 6.45 -13.06
CA VAL A 570 -14.88 6.37 -11.66
C VAL A 570 -15.31 7.62 -10.91
N GLY A 571 -15.74 7.44 -9.67
CA GLY A 571 -16.25 8.53 -8.87
C GLY A 571 -17.76 8.51 -8.76
N GLU A 572 -18.41 7.90 -9.74
CA GLU A 572 -19.87 7.83 -9.75
C GLU A 572 -20.38 6.66 -8.91
N VAL A 573 -21.69 6.56 -8.80
CA VAL A 573 -22.31 5.55 -7.95
C VAL A 573 -23.21 4.63 -8.77
N ALA A 574 -22.83 3.35 -8.84
CA ALA A 574 -23.65 2.37 -9.52
C ALA A 574 -24.71 1.82 -8.57
N GLU A 575 -25.96 1.81 -9.01
CA GLU A 575 -27.07 1.42 -8.16
C GLU A 575 -27.93 0.36 -8.82
N VAL A 576 -28.17 -0.75 -8.11
CA VAL A 576 -29.02 -1.81 -8.61
C VAL A 576 -30.09 -2.16 -7.58
N ILE A 577 -31.32 -2.29 -8.04
CA ILE A 577 -32.44 -2.58 -7.16
C ILE A 577 -33.02 -3.96 -7.44
N PHE A 578 -33.10 -4.78 -6.40
CA PHE A 578 -33.62 -6.13 -6.50
C PHE A 578 -34.96 -6.22 -5.75
N VAL A 579 -35.79 -7.19 -6.14
CA VAL A 579 -36.91 -7.53 -5.28
C VAL A 579 -36.30 -8.27 -4.09
N GLY A 580 -36.61 -7.80 -2.89
CA GLY A 580 -35.93 -8.29 -1.72
C GLY A 580 -36.84 -8.93 -0.69
N ALA A 581 -36.21 -9.49 0.33
CA ALA A 581 -36.93 -9.98 1.50
C ALA A 581 -36.32 -9.33 2.73
N ASN A 582 -36.91 -9.56 3.89
CA ASN A 582 -36.43 -8.94 5.12
C ASN A 582 -35.03 -9.44 5.47
N PRO A 583 -34.06 -8.53 5.59
CA PRO A 583 -32.68 -8.84 5.94
C PRO A 583 -32.54 -9.64 7.23
N LYS A 584 -33.53 -9.54 8.12
CA LYS A 584 -33.48 -10.23 9.39
C LYS A 584 -33.69 -11.73 9.24
N ASN A 585 -34.15 -12.15 8.06
CA ASN A 585 -34.26 -13.57 7.76
C ASN A 585 -32.88 -14.19 7.58
N SER A 586 -31.90 -13.36 7.24
CA SER A 586 -30.55 -13.82 6.97
C SER A 586 -29.69 -13.85 8.24
N VAL A 587 -30.32 -13.56 9.38
CA VAL A 587 -29.62 -13.53 10.65
C VAL A 587 -29.77 -14.84 11.41
N GLN A 590 -25.91 -19.53 9.41
CA GLN A 590 -24.92 -18.50 9.73
C GLN A 590 -23.79 -18.48 8.72
N THR A 591 -24.14 -18.67 7.45
CA THR A 591 -23.15 -18.72 6.39
C THR A 591 -23.38 -17.50 5.50
N HIS A 592 -24.15 -16.56 6.03
CA HIS A 592 -24.45 -15.31 5.35
C HIS A 592 -23.43 -14.24 5.71
N GLN A 593 -22.25 -14.30 5.09
CA GLN A 593 -21.20 -13.34 5.39
C GLN A 593 -21.46 -11.98 4.74
N THR A 594 -22.20 -11.97 3.63
CA THR A 594 -22.46 -10.72 2.92
C THR A 594 -23.83 -10.70 2.23
N PHE A 595 -24.43 -9.52 2.19
CA PHE A 595 -25.69 -9.31 1.47
C PHE A 595 -25.44 -9.04 -0.01
N LEU A 596 -24.22 -8.62 -0.33
CA LEU A 596 -23.90 -8.19 -1.68
C LEU A 596 -22.45 -8.46 -2.04
N THR A 597 -22.19 -8.61 -3.33
CA THR A 597 -20.83 -8.60 -3.85
C THR A 597 -20.75 -7.72 -5.08
N VAL A 598 -19.62 -7.05 -5.26
CA VAL A 598 -19.30 -6.43 -6.54
C VAL A 598 -18.24 -7.28 -7.18
N GLU A 599 -18.49 -7.70 -8.42
CA GLU A 599 -17.63 -8.67 -9.07
C GLU A 599 -17.11 -8.16 -10.41
N LYS A 600 -15.83 -8.42 -10.68
CA LYS A 600 -15.19 -7.99 -11.91
C LYS A 600 -14.95 -9.17 -12.84
N TYR A 601 -15.26 -8.98 -14.12
CA TYR A 601 -15.04 -10.01 -15.12
C TYR A 601 -13.59 -9.99 -15.60
N GLU A 602 -12.93 -11.14 -15.56
CA GLU A 602 -11.58 -11.25 -16.08
C GLU A 602 -11.60 -12.04 -17.39
N ALA A 603 -11.37 -11.34 -18.48
CA ALA A 603 -11.51 -11.91 -19.82
C ALA A 603 -10.55 -13.06 -20.08
N THR A 604 -9.32 -12.94 -19.59
CA THR A 604 -8.30 -13.97 -19.81
C THR A 604 -8.76 -15.33 -19.27
N SER A 605 -9.28 -15.34 -18.05
CA SER A 605 -9.74 -16.58 -17.43
C SER A 605 -11.23 -16.81 -17.67
N THR A 606 -11.89 -15.83 -18.28
CA THR A 606 -13.36 -15.85 -18.48
C THR A 606 -14.10 -16.23 -17.20
N SER A 607 -13.88 -15.46 -16.14
CA SER A 607 -14.50 -15.75 -14.85
C SER A 607 -14.73 -14.47 -14.06
N TRP A 608 -15.65 -14.54 -13.10
CA TRP A 608 -15.96 -13.40 -12.25
C TRP A 608 -15.21 -13.47 -10.93
N GLN A 609 -14.63 -12.34 -10.52
CA GLN A 609 -13.86 -12.27 -9.29
C GLN A 609 -14.44 -11.21 -8.35
N ILE A 610 -14.73 -11.61 -7.12
CA ILE A 610 -15.31 -10.70 -6.14
C ILE A 610 -14.31 -9.60 -5.75
N VAL A 611 -14.73 -8.35 -5.90
CA VAL A 611 -13.88 -7.21 -5.59
C VAL A 611 -14.38 -6.48 -4.34
N CYS A 612 -15.69 -6.48 -4.15
CA CYS A 612 -16.29 -5.88 -2.96
C CYS A 612 -17.31 -6.81 -2.30
N ASN A 613 -17.54 -6.58 -1.01
CA ASN A 613 -18.64 -7.20 -0.29
C ASN A 613 -19.35 -6.11 0.52
N ASP A 614 -20.30 -6.49 1.37
CA ASP A 614 -21.04 -5.49 2.12
C ASP A 614 -20.19 -4.86 3.23
N ALA A 615 -19.00 -5.44 3.48
CA ALA A 615 -18.08 -4.90 4.47
C ALA A 615 -17.24 -3.76 3.88
N SER A 616 -17.07 -3.76 2.56
CA SER A 616 -16.39 -2.68 1.88
C SER A 616 -17.09 -1.35 2.13
N TRP A 617 -16.34 -0.35 2.56
CA TRP A 617 -16.91 0.96 2.84
C TRP A 617 -17.36 1.66 1.56
N GLU A 618 -16.94 1.12 0.42
CA GLU A 618 -17.31 1.65 -0.88
C GLU A 618 -18.73 1.25 -1.30
N THR A 619 -19.22 0.16 -0.71
CA THR A 619 -20.55 -0.35 -1.04
C THR A 619 -21.57 -0.03 0.05
N ARG A 620 -22.82 0.11 -0.36
CA ARG A 620 -23.92 0.34 0.57
C ARG A 620 -25.09 -0.57 0.24
N PHE A 621 -25.80 -1.02 1.28
CA PHE A 621 -26.95 -1.89 1.10
C PHE A 621 -28.17 -1.32 1.81
N TYR A 622 -29.16 -0.87 1.04
CA TYR A 622 -30.39 -0.34 1.61
C TYR A 622 -31.55 -1.31 1.46
N TRP A 623 -32.40 -1.39 2.48
CA TRP A 623 -33.61 -2.19 2.42
C TRP A 623 -34.84 -1.32 2.66
N HIS A 624 -35.81 -1.42 1.75
CA HIS A 624 -37.03 -0.63 1.89
C HIS A 624 -38.26 -1.53 1.93
N LYS A 625 -39.08 -1.37 2.96
CA LYS A 625 -40.27 -2.19 3.13
C LYS A 625 -41.44 -1.66 2.31
N GLY A 626 -42.18 -2.58 1.69
CA GLY A 626 -43.33 -2.22 0.88
C GLY A 626 -44.61 -2.78 1.46
N LEU A 627 -45.64 -2.88 0.63
CA LEU A 627 -46.96 -3.33 1.08
C LEU A 627 -47.11 -4.85 1.05
N LEU A 628 -47.63 -5.39 2.14
CA LEU A 628 -48.03 -6.79 2.24
C LEU A 628 -46.91 -7.77 1.87
N GLY A 629 -45.72 -7.57 2.42
CA GLY A 629 -44.63 -8.50 2.21
C GLY A 629 -43.70 -8.13 1.08
N LEU A 630 -44.07 -7.09 0.33
CA LEU A 630 -43.22 -6.59 -0.75
C LEU A 630 -42.05 -5.82 -0.18
N SER A 631 -40.90 -5.89 -0.84
CA SER A 631 -39.70 -5.17 -0.38
C SER A 631 -38.60 -5.10 -1.43
N ASN A 632 -37.87 -3.99 -1.42
CA ASN A 632 -36.74 -3.82 -2.32
C ASN A 632 -35.42 -3.88 -1.57
N ALA A 633 -34.40 -4.39 -2.25
CA ALA A 633 -33.04 -4.38 -1.72
C ALA A 633 -32.14 -3.63 -2.67
N THR A 634 -31.65 -2.46 -2.23
CA THR A 634 -30.82 -1.62 -3.08
C THR A 634 -29.34 -1.76 -2.73
N VAL A 635 -28.53 -2.10 -3.72
CA VAL A 635 -27.08 -2.14 -3.55
C VAL A 635 -26.45 -0.97 -4.30
N GLU A 636 -25.69 -0.15 -3.58
CA GLU A 636 -24.98 0.96 -4.19
C GLU A 636 -23.48 0.73 -4.18
N TRP A 637 -22.85 0.91 -5.34
CA TRP A 637 -21.39 0.84 -5.41
C TRP A 637 -20.82 2.22 -5.72
N HIS A 638 -20.28 2.85 -4.69
CA HIS A 638 -19.62 4.14 -4.86
C HIS A 638 -18.24 3.91 -5.44
N ILE A 639 -18.16 3.95 -6.78
CA ILE A 639 -16.94 3.62 -7.49
C ILE A 639 -15.80 4.56 -7.12
N PRO A 640 -14.74 4.01 -6.52
CA PRO A 640 -13.59 4.82 -6.11
C PRO A 640 -12.77 5.28 -7.33
N ASP A 641 -12.04 6.38 -7.17
CA ASP A 641 -11.20 6.91 -8.23
C ASP A 641 -10.08 5.93 -8.59
N THR A 642 -9.68 5.11 -7.62
CA THR A 642 -8.61 4.14 -7.83
C THR A 642 -9.09 2.88 -8.52
N ALA A 643 -10.41 2.73 -8.64
CA ALA A 643 -11.00 1.54 -9.25
C ALA A 643 -10.55 1.38 -10.69
N GLN A 644 -10.28 0.15 -11.08
CA GLN A 644 -9.82 -0.14 -12.43
C GLN A 644 -10.99 -0.31 -13.39
N PRO A 645 -10.86 0.25 -14.61
CA PRO A 645 -11.87 0.06 -15.65
C PRO A 645 -12.08 -1.42 -15.97
N GLY A 646 -13.27 -1.78 -16.43
CA GLY A 646 -13.57 -3.17 -16.70
C GLY A 646 -15.05 -3.45 -16.71
N ILE A 647 -15.41 -4.72 -16.86
CA ILE A 647 -16.80 -5.13 -16.83
C ILE A 647 -17.14 -5.65 -15.44
N TYR A 648 -18.21 -5.10 -14.87
CA TYR A 648 -18.59 -5.42 -13.50
C TYR A 648 -20.04 -5.88 -13.40
N ARG A 649 -20.36 -6.52 -12.29
CA ARG A 649 -21.74 -6.89 -11.99
C ARG A 649 -21.95 -6.87 -10.48
N ILE A 650 -23.21 -6.70 -10.07
CA ILE A 650 -23.54 -6.62 -8.66
C ILE A 650 -24.49 -7.76 -8.28
N ARG A 651 -24.18 -8.47 -7.21
CA ARG A 651 -25.02 -9.59 -6.80
C ARG A 651 -25.64 -9.34 -5.43
N TYR A 652 -26.76 -10.01 -5.18
CA TYR A 652 -27.51 -9.84 -3.95
C TYR A 652 -27.83 -11.19 -3.32
N PHE A 653 -27.61 -11.29 -2.03
CA PHE A 653 -27.83 -12.53 -1.29
C PHE A 653 -28.74 -12.26 -0.10
N GLY A 654 -29.88 -12.94 -0.06
CA GLY A 654 -30.84 -12.73 1.01
C GLY A 654 -31.62 -13.98 1.34
N HIS A 655 -32.58 -13.85 2.25
CA HIS A 655 -33.42 -14.97 2.66
C HIS A 655 -34.88 -14.54 2.77
N ASN A 656 -35.77 -15.38 2.27
CA ASN A 656 -37.21 -15.10 2.34
C ASN A 656 -37.91 -16.03 3.31
N ARG A 657 -39.03 -15.57 3.86
CA ARG A 657 -39.78 -16.35 4.84
C ARG A 657 -41.11 -16.85 4.26
N LYS A 658 -41.33 -18.15 4.35
CA LYS A 658 -42.58 -18.75 3.88
C LYS A 658 -43.30 -19.51 4.99
N GLN A 659 -44.61 -19.66 4.84
CA GLN A 659 -45.41 -20.43 5.79
C GLN A 659 -46.76 -20.81 5.19
N PRO A 664 -43.43 -25.63 9.40
CA PRO A 664 -44.37 -24.49 9.41
C PRO A 664 -43.69 -23.19 8.96
N ALA A 665 -42.82 -22.65 9.80
CA ALA A 665 -42.06 -21.45 9.45
C ALA A 665 -40.71 -21.84 8.85
N VAL A 666 -40.50 -21.47 7.60
CA VAL A 666 -39.31 -21.90 6.87
C VAL A 666 -38.55 -20.72 6.27
N ILE A 667 -37.22 -20.73 6.42
CA ILE A 667 -36.36 -19.70 5.83
C ILE A 667 -35.59 -20.28 4.65
N LEU A 668 -35.72 -19.66 3.49
CA LEU A 668 -35.04 -20.15 2.29
C LEU A 668 -34.06 -19.12 1.76
N SER A 669 -33.01 -19.60 1.11
CA SER A 669 -32.00 -18.72 0.52
C SER A 669 -32.32 -18.41 -0.95
N PHE A 670 -31.86 -17.27 -1.42
CA PHE A 670 -31.98 -16.92 -2.83
C PHE A 670 -30.85 -15.98 -3.22
N GLU A 671 -30.65 -15.81 -4.52
CA GLU A 671 -29.60 -14.95 -5.01
C GLU A 671 -30.12 -14.09 -6.16
N GLY A 672 -29.48 -12.94 -6.37
CA GLY A 672 -29.79 -12.08 -7.49
C GLY A 672 -28.51 -11.63 -8.16
N THR A 673 -28.53 -11.51 -9.48
CA THR A 673 -27.37 -11.07 -10.22
C THR A 673 -27.77 -10.02 -11.24
N SER A 674 -27.16 -8.84 -11.14
CA SER A 674 -27.47 -7.76 -12.07
C SER A 674 -26.82 -8.01 -13.41
N PRO A 675 -27.42 -7.49 -14.49
CA PRO A 675 -26.76 -7.52 -15.80
C PRO A 675 -25.37 -6.90 -15.72
N ALA A 676 -24.44 -7.39 -16.53
CA ALA A 676 -23.09 -6.85 -16.52
C ALA A 676 -23.09 -5.41 -16.98
N PHE A 677 -22.24 -4.59 -16.37
CA PHE A 677 -22.08 -3.20 -16.76
C PHE A 677 -20.60 -2.85 -16.71
N GLU A 678 -20.26 -1.64 -17.14
CA GLU A 678 -18.87 -1.31 -17.33
C GLU A 678 -18.43 0.01 -16.68
N VAL A 679 -17.19 0.01 -16.22
CA VAL A 679 -16.54 1.21 -15.72
C VAL A 679 -15.58 1.59 -16.82
N VAL A 680 -15.58 2.87 -17.20
CA VAL A 680 -14.83 3.29 -18.38
C VAL A 680 -13.70 4.27 -18.07
N THR A 681 -12.76 4.33 -18.99
CA THR A 681 -11.64 5.26 -18.91
C THR A 681 -12.01 6.56 -19.62
N ILE A 682 -11.76 7.69 -18.97
CA ILE A 682 -12.02 9.00 -19.57
C ILE A 682 -10.86 9.95 -19.33
N PHE B 1 18.26 -14.23 14.51
CA PHE B 1 18.93 -14.22 13.22
C PHE B 1 19.57 -12.86 12.94
N SER B 2 20.88 -12.87 12.72
CA SER B 2 21.62 -11.62 12.51
C SER B 2 22.06 -11.44 11.06
N GLY B 3 21.30 -12.02 10.14
CA GLY B 3 21.55 -11.88 8.71
C GLY B 3 20.60 -10.86 8.12
N TYR B 4 20.61 -10.73 6.79
CA TYR B 4 19.80 -9.70 6.15
C TYR B 4 18.33 -10.09 6.06
N HIS B 5 17.46 -9.08 5.98
CA HIS B 5 16.10 -9.26 5.51
C HIS B 5 16.06 -8.94 4.03
N ILE B 6 15.48 -9.82 3.23
CA ILE B 6 15.49 -9.66 1.78
C ILE B 6 14.10 -9.65 1.17
N GLY B 7 13.83 -8.66 0.32
CA GLY B 7 12.58 -8.60 -0.41
C GLY B 7 12.82 -8.44 -1.90
N VAL B 8 11.97 -9.04 -2.71
CA VAL B 8 12.09 -8.94 -4.17
C VAL B 8 10.73 -8.69 -4.80
N GLY B 9 10.71 -8.02 -5.94
CA GLY B 9 9.48 -7.73 -6.64
C GLY B 9 9.66 -7.41 -8.10
N ARG B 10 8.67 -7.80 -8.90
CA ARG B 10 8.66 -7.53 -10.32
C ARG B 10 7.31 -6.96 -10.73
N ALA B 11 7.33 -5.91 -11.55
CA ALA B 11 6.10 -5.26 -11.97
C ALA B 11 6.20 -4.76 -13.40
N ASP B 12 5.08 -4.85 -14.11
CA ASP B 12 4.99 -4.36 -15.49
C ASP B 12 5.18 -2.85 -15.54
N CYS B 13 6.14 -2.41 -16.34
CA CYS B 13 6.37 -0.98 -16.54
C CYS B 13 6.37 -0.64 -18.02
N THR B 14 5.62 -1.43 -18.79
CA THR B 14 5.53 -1.24 -20.23
C THR B 14 4.65 -0.04 -20.56
N GLY B 15 5.16 0.88 -21.36
CA GLY B 15 4.39 2.03 -21.80
C GLY B 15 3.43 1.64 -22.91
N GLN B 16 3.04 2.60 -23.72
CA GLN B 16 2.17 2.31 -24.86
C GLN B 16 2.99 1.70 -25.98
N VAL B 17 2.36 0.82 -26.76
CA VAL B 17 3.07 0.07 -27.79
C VAL B 17 2.67 0.51 -29.20
N ALA B 18 2.00 1.67 -29.28
CA ALA B 18 1.59 2.22 -30.56
C ALA B 18 1.60 3.75 -30.51
N ASP B 19 1.69 4.37 -31.68
CA ASP B 19 1.69 5.83 -31.82
C ASP B 19 2.77 6.47 -30.97
N ILE B 20 3.95 5.84 -30.94
CA ILE B 20 5.07 6.31 -30.15
C ILE B 20 6.35 5.71 -30.70
N ASN B 21 7.47 6.40 -30.52
CA ASN B 21 8.75 5.90 -31.01
C ASN B 21 9.47 5.04 -29.98
N LEU B 22 10.36 4.19 -30.45
CA LEU B 22 11.21 3.39 -29.57
C LEU B 22 12.50 4.16 -29.25
N MET B 23 12.92 4.08 -28.00
CA MET B 23 14.06 4.87 -27.52
C MET B 23 15.38 4.09 -27.65
N GLY B 24 16.41 4.77 -28.15
CA GLY B 24 17.74 4.18 -28.21
C GLY B 24 18.50 4.45 -29.49
N TYR B 25 17.95 4.04 -30.62
CA TYR B 25 18.63 4.15 -31.91
C TYR B 25 18.55 5.54 -32.51
N GLY B 26 17.63 6.35 -32.00
CA GLY B 26 17.37 7.69 -32.54
C GLY B 26 17.03 7.70 -34.03
N LYS B 27 16.33 6.66 -34.48
CA LYS B 27 15.88 6.61 -35.87
C LYS B 27 14.53 7.30 -36.02
N SER B 28 14.34 7.96 -37.15
CA SER B 28 13.15 8.77 -37.38
C SER B 28 11.88 7.93 -37.41
N GLY B 29 11.87 6.89 -38.24
CA GLY B 29 10.66 6.11 -38.46
C GLY B 29 10.50 4.86 -37.61
N GLN B 30 11.32 4.72 -36.58
CA GLN B 30 11.25 3.53 -35.74
C GLN B 30 10.15 3.67 -34.69
N ASN B 31 8.90 3.61 -35.14
CA ASN B 31 7.76 3.69 -34.23
C ASN B 31 7.34 2.32 -33.73
N ALA B 32 6.70 2.29 -32.56
CA ALA B 32 6.20 1.05 -32.01
C ALA B 32 4.93 0.64 -32.75
N GLN B 33 4.85 -0.61 -33.16
CA GLN B 33 3.69 -1.11 -33.86
C GLN B 33 3.14 -2.37 -33.20
N GLY B 34 3.52 -2.58 -31.94
CA GLY B 34 3.10 -3.74 -31.19
C GLY B 34 4.09 -4.20 -30.14
N ILE B 35 3.98 -5.45 -29.71
CA ILE B 35 4.78 -5.95 -28.59
C ILE B 35 5.28 -7.38 -28.82
N LEU B 36 6.56 -7.60 -28.52
CA LEU B 36 7.15 -8.93 -28.57
C LEU B 36 7.20 -9.54 -27.16
N THR B 37 7.58 -8.71 -26.19
CA THR B 37 7.55 -9.11 -24.79
C THR B 37 7.39 -7.88 -23.91
N ARG B 38 7.00 -8.11 -22.66
CA ARG B 38 6.75 -7.03 -21.72
C ARG B 38 8.04 -6.47 -21.11
N LEU B 39 7.96 -5.24 -20.60
CA LEU B 39 9.06 -4.62 -19.90
C LEU B 39 8.75 -4.56 -18.40
N TYR B 40 9.69 -5.01 -17.57
CA TYR B 40 9.45 -5.07 -16.14
C TYR B 40 10.42 -4.21 -15.34
N SER B 41 9.94 -3.72 -14.19
CA SER B 41 10.82 -3.14 -13.19
C SER B 41 11.07 -4.20 -12.13
N ARG B 42 12.33 -4.42 -11.79
CA ARG B 42 12.67 -5.48 -10.84
C ARG B 42 13.46 -4.92 -9.66
N ALA B 43 12.83 -4.94 -8.49
CA ALA B 43 13.40 -4.30 -7.30
C ALA B 43 13.90 -5.33 -6.29
N PHE B 44 15.01 -4.99 -5.64
CA PHE B 44 15.58 -5.86 -4.62
C PHE B 44 15.88 -5.05 -3.36
N ILE B 45 15.28 -5.44 -2.24
CA ILE B 45 15.47 -4.71 -0.99
C ILE B 45 16.18 -5.54 0.08
N MET B 46 17.32 -5.04 0.52
CA MET B 46 18.06 -5.64 1.62
C MET B 46 17.97 -4.73 2.84
N ALA B 47 17.94 -5.33 4.03
CA ALA B 47 17.91 -4.56 5.27
C ALA B 47 18.70 -5.25 6.37
N GLU B 48 19.17 -4.46 7.34
CA GLU B 48 19.82 -5.02 8.52
C GLU B 48 18.79 -5.84 9.30
N PRO B 49 19.25 -6.80 10.12
CA PRO B 49 18.39 -7.65 10.95
C PRO B 49 17.25 -6.91 11.65
N ASP B 50 17.51 -5.71 12.15
CA ASP B 50 16.50 -4.93 12.87
C ASP B 50 15.57 -4.18 11.93
N GLY B 51 15.88 -4.20 10.64
CA GLY B 51 15.05 -3.53 9.64
C GLY B 51 15.56 -2.16 9.25
N SER B 52 16.70 -1.76 9.83
CA SER B 52 17.28 -0.45 9.54
C SER B 52 18.26 -0.50 8.38
N ASN B 53 18.68 0.67 7.91
CA ASN B 53 19.68 0.80 6.86
C ASN B 53 19.35 0.00 5.61
N ARG B 54 18.15 0.22 5.07
CA ARG B 54 17.73 -0.52 3.89
C ARG B 54 18.38 0.00 2.63
N THR B 55 18.53 -0.88 1.65
CA THR B 55 19.07 -0.51 0.35
C THR B 55 18.17 -1.08 -0.75
N VAL B 56 17.96 -0.28 -1.79
CA VAL B 56 17.14 -0.71 -2.92
C VAL B 56 17.91 -0.65 -4.23
N PHE B 57 17.98 -1.80 -4.91
CA PHE B 57 18.51 -1.83 -6.26
C PHE B 57 17.38 -2.20 -7.23
N VAL B 58 17.17 -1.37 -8.24
CA VAL B 58 16.11 -1.62 -9.20
C VAL B 58 16.65 -1.70 -10.61
N SER B 59 16.45 -2.86 -11.25
CA SER B 59 16.82 -3.03 -12.64
C SER B 59 15.56 -2.90 -13.50
N ILE B 60 15.57 -1.92 -14.40
CA ILE B 60 14.38 -1.58 -15.16
C ILE B 60 14.57 -1.82 -16.65
N ASP B 61 13.66 -2.57 -17.25
CA ASP B 61 13.66 -2.79 -18.69
C ASP B 61 13.37 -1.48 -19.42
N ILE B 62 14.42 -0.69 -19.59
CA ILE B 62 14.28 0.64 -20.17
C ILE B 62 15.62 1.04 -20.77
N GLY B 63 15.60 1.93 -21.76
CA GLY B 63 16.82 2.34 -22.43
C GLY B 63 17.73 3.10 -21.49
N MET B 64 17.14 4.05 -20.77
CA MET B 64 17.88 4.88 -19.82
C MET B 64 16.97 5.26 -18.66
N VAL B 65 17.55 5.42 -17.48
CA VAL B 65 16.83 6.06 -16.38
C VAL B 65 17.08 7.56 -16.45
N SER B 66 16.01 8.33 -16.50
CA SER B 66 16.14 9.78 -16.65
C SER B 66 16.03 10.49 -15.31
N GLN B 67 16.59 11.71 -15.26
CA GLN B 67 16.51 12.55 -14.08
C GLN B 67 15.08 12.75 -13.61
N ARG B 68 14.20 13.07 -14.56
CA ARG B 68 12.80 13.35 -14.28
C ARG B 68 12.11 12.10 -13.72
N LEU B 69 12.48 10.94 -14.25
CA LEU B 69 11.92 9.67 -13.80
C LEU B 69 12.31 9.37 -12.36
N ARG B 70 13.59 9.52 -12.05
CA ARG B 70 14.12 9.24 -10.72
C ARG B 70 13.52 10.16 -9.66
N LEU B 71 13.43 11.45 -9.97
CA LEU B 71 12.95 12.44 -9.02
C LEU B 71 11.47 12.18 -8.70
N GLU B 72 10.70 11.84 -9.73
CA GLU B 72 9.30 11.51 -9.56
C GLU B 72 9.13 10.27 -8.67
N VAL B 73 9.88 9.23 -8.98
CA VAL B 73 9.85 8.00 -8.19
C VAL B 73 10.22 8.24 -6.73
N LEU B 74 11.32 8.97 -6.51
CA LEU B 74 11.81 9.24 -5.16
C LEU B 74 10.82 10.07 -4.35
N ASN B 75 10.15 11.00 -5.02
CA ASN B 75 9.16 11.86 -4.38
C ASN B 75 7.97 11.05 -3.86
N ARG B 76 7.49 10.13 -4.69
CA ARG B 76 6.35 9.29 -4.33
C ARG B 76 6.73 8.25 -3.28
N LEU B 77 7.97 7.80 -3.32
CA LEU B 77 8.48 6.92 -2.28
C LEU B 77 8.46 7.61 -0.92
N GLN B 78 8.84 8.89 -0.93
CA GLN B 78 8.85 9.69 0.29
C GLN B 78 7.44 9.86 0.84
N SER B 79 6.50 10.14 -0.06
CA SER B 79 5.10 10.28 0.32
C SER B 79 4.56 9.04 1.02
N LYS B 80 4.93 7.86 0.52
CA LYS B 80 4.41 6.61 1.04
C LYS B 80 5.25 6.00 2.17
N TYR B 81 6.57 6.16 2.09
CA TYR B 81 7.46 5.48 3.03
C TYR B 81 8.26 6.45 3.90
N GLY B 82 8.14 7.74 3.64
CA GLY B 82 8.85 8.74 4.42
C GLY B 82 10.35 8.72 4.17
N SER B 83 11.12 8.48 5.23
CA SER B 83 12.57 8.50 5.16
C SER B 83 13.16 7.12 4.92
N LEU B 84 12.29 6.13 4.74
CA LEU B 84 12.72 4.75 4.60
C LEU B 84 13.58 4.53 3.35
N TYR B 85 13.10 5.00 2.21
CA TYR B 85 13.82 4.85 0.95
C TYR B 85 14.13 6.23 0.37
N ARG B 86 15.41 6.60 0.41
CA ARG B 86 15.83 7.95 0.05
C ARG B 86 16.66 7.97 -1.22
N ARG B 87 17.13 9.16 -1.59
CA ARG B 87 17.97 9.32 -2.77
C ARG B 87 19.31 8.59 -2.63
N ASP B 88 19.74 8.36 -1.40
CA ASP B 88 21.08 7.79 -1.16
C ASP B 88 21.08 6.27 -1.15
N ASN B 89 19.98 5.65 -0.74
CA ASN B 89 19.93 4.20 -0.64
C ASN B 89 19.03 3.56 -1.70
N VAL B 90 18.73 4.30 -2.75
CA VAL B 90 17.95 3.76 -3.87
C VAL B 90 18.66 3.97 -5.21
N ILE B 91 18.97 2.86 -5.89
CA ILE B 91 19.56 2.91 -7.22
C ILE B 91 18.55 2.48 -8.28
N LEU B 92 18.33 3.33 -9.27
CA LEU B 92 17.46 2.99 -10.40
C LEU B 92 18.30 2.78 -11.65
N SER B 93 18.36 1.53 -12.12
CA SER B 93 19.22 1.18 -13.24
C SER B 93 18.44 0.67 -14.45
N GLY B 94 18.80 1.15 -15.63
CA GLY B 94 18.18 0.71 -16.87
C GLY B 94 18.97 -0.39 -17.55
N THR B 95 18.27 -1.39 -18.07
CA THR B 95 18.92 -2.51 -18.75
C THR B 95 19.53 -2.09 -20.08
N HIS B 96 19.06 -0.97 -20.62
CA HIS B 96 19.54 -0.36 -21.87
C HIS B 96 18.99 -1.05 -23.12
N THR B 97 17.83 -1.67 -23.00
CA THR B 97 17.14 -2.19 -24.18
C THR B 97 16.82 -1.04 -25.12
N HIS B 98 17.01 -1.27 -26.41
CA HIS B 98 16.74 -0.24 -27.41
C HIS B 98 15.37 -0.44 -28.06
N SER B 99 14.50 -1.17 -27.39
CA SER B 99 13.17 -1.46 -27.93
C SER B 99 12.06 -1.09 -26.94
N GLY B 100 12.26 -0.03 -26.19
CA GLY B 100 11.23 0.47 -25.30
C GLY B 100 10.69 1.80 -25.78
N PRO B 101 9.43 2.10 -25.42
CA PRO B 101 8.79 3.37 -25.82
C PRO B 101 9.50 4.59 -25.23
N ALA B 102 9.62 5.65 -26.03
CA ALA B 102 10.32 6.86 -25.61
C ALA B 102 9.40 7.86 -24.94
N GLY B 103 9.93 9.04 -24.64
CA GLY B 103 9.15 10.13 -24.10
C GLY B 103 9.01 10.13 -22.60
N TYR B 104 10.13 10.04 -21.89
CA TYR B 104 10.13 10.09 -20.44
C TYR B 104 11.31 10.92 -19.93
N PHE B 105 11.77 11.85 -20.75
CA PHE B 105 12.89 12.72 -20.40
C PHE B 105 12.43 14.16 -20.23
N GLN B 106 13.20 14.96 -19.50
CA GLN B 106 12.89 16.37 -19.33
C GLN B 106 13.88 17.27 -20.09
N TYR B 107 15.12 16.80 -20.22
CA TYR B 107 16.14 17.58 -20.92
C TYR B 107 15.92 17.52 -22.43
N THR B 108 16.13 18.67 -23.09
CA THR B 108 15.67 18.90 -24.46
C THR B 108 16.20 17.91 -25.50
N VAL B 109 17.46 17.51 -25.38
CA VAL B 109 18.06 16.59 -26.34
C VAL B 109 17.27 15.29 -26.50
N PHE B 110 16.88 14.69 -25.39
CA PHE B 110 16.18 13.42 -25.42
C PHE B 110 14.69 13.61 -25.71
N VAL B 111 14.20 14.83 -25.51
CA VAL B 111 12.82 15.15 -25.83
C VAL B 111 12.66 15.29 -27.35
N ILE B 112 13.70 15.84 -27.98
CA ILE B 112 13.74 15.95 -29.44
C ILE B 112 13.79 14.56 -30.07
N ALA B 113 14.66 13.71 -29.52
CA ALA B 113 14.78 12.32 -29.95
C ALA B 113 13.45 11.59 -29.79
N SER B 114 12.83 11.76 -28.63
CA SER B 114 11.54 11.13 -28.34
C SER B 114 10.40 11.75 -29.14
N GLU B 115 10.67 12.90 -29.76
CA GLU B 115 9.68 13.68 -30.49
C GLU B 115 8.53 14.10 -29.58
N GLY B 116 8.87 14.41 -28.33
CA GLY B 116 7.89 14.90 -27.38
C GLY B 116 7.93 14.15 -26.07
N PHE B 117 6.97 14.43 -25.20
CA PHE B 117 6.86 13.78 -23.90
C PHE B 117 5.54 13.05 -23.79
N SER B 118 5.60 11.77 -23.42
CA SER B 118 4.39 10.96 -23.29
C SER B 118 4.06 10.74 -21.82
N ASN B 119 3.08 11.50 -21.31
CA ASN B 119 2.66 11.38 -19.92
C ASN B 119 2.19 9.97 -19.57
N GLN B 120 1.40 9.38 -20.46
CA GLN B 120 0.91 8.01 -20.28
C GLN B 120 2.05 7.03 -20.04
N THR B 121 2.98 6.98 -20.99
CA THR B 121 4.15 6.12 -20.90
C THR B 121 4.98 6.41 -19.63
N PHE B 122 5.19 7.69 -19.37
CA PHE B 122 5.96 8.12 -18.20
C PHE B 122 5.32 7.64 -16.90
N GLN B 123 4.01 7.85 -16.77
CA GLN B 123 3.30 7.47 -15.54
C GLN B 123 3.29 5.97 -15.33
N HIS B 124 3.12 5.22 -16.42
CA HIS B 124 3.10 3.77 -16.36
C HIS B 124 4.45 3.24 -15.88
N MET B 125 5.52 3.90 -16.32
CA MET B 125 6.86 3.55 -15.88
C MET B 125 7.03 3.79 -14.39
N VAL B 126 6.54 4.95 -13.94
CA VAL B 126 6.66 5.33 -12.53
C VAL B 126 5.91 4.37 -11.62
N THR B 127 4.67 4.07 -11.97
CA THR B 127 3.85 3.17 -11.15
C THR B 127 4.42 1.76 -11.17
N GLY B 128 5.00 1.37 -12.31
CA GLY B 128 5.62 0.08 -12.44
C GLY B 128 6.82 -0.08 -11.52
N ILE B 129 7.67 0.94 -11.52
CA ILE B 129 8.85 0.96 -10.65
C ILE B 129 8.43 0.96 -9.18
N LEU B 130 7.44 1.77 -8.84
CA LEU B 130 6.94 1.85 -7.48
C LEU B 130 6.28 0.56 -7.02
N LYS B 131 5.51 -0.06 -7.90
CA LYS B 131 4.81 -1.30 -7.55
C LYS B 131 5.80 -2.43 -7.25
N SER B 132 6.85 -2.51 -8.06
CA SER B 132 7.88 -3.53 -7.86
C SER B 132 8.53 -3.35 -6.49
N ILE B 133 8.77 -2.10 -6.12
CA ILE B 133 9.33 -1.77 -4.82
C ILE B 133 8.34 -2.14 -3.70
N ASP B 134 7.07 -1.84 -3.91
CA ASP B 134 6.03 -2.15 -2.91
C ASP B 134 5.91 -3.65 -2.69
N ILE B 135 6.05 -4.43 -3.77
CA ILE B 135 6.00 -5.88 -3.68
C ILE B 135 7.16 -6.39 -2.84
N ALA B 136 8.36 -5.91 -3.15
CA ALA B 136 9.56 -6.28 -2.41
C ALA B 136 9.47 -5.85 -0.95
N HIS B 137 8.93 -4.65 -0.73
CA HIS B 137 8.77 -4.11 0.62
C HIS B 137 7.86 -4.96 1.49
N THR B 138 6.73 -5.39 0.94
CA THR B 138 5.72 -6.11 1.71
C THR B 138 5.98 -7.62 1.73
N ASN B 139 7.07 -8.05 1.10
CA ASN B 139 7.41 -9.47 1.04
C ASN B 139 8.85 -9.72 1.46
N MET B 140 9.31 -9.00 2.48
CA MET B 140 10.67 -9.20 2.97
C MET B 140 10.74 -10.43 3.88
N LYS B 141 11.88 -11.12 3.81
CA LYS B 141 12.06 -12.37 4.51
C LYS B 141 13.48 -12.46 5.07
N PRO B 142 13.64 -13.15 6.20
CA PRO B 142 14.99 -13.46 6.67
C PRO B 142 15.68 -14.35 5.66
N GLY B 143 16.92 -14.03 5.28
CA GLY B 143 17.60 -14.81 4.27
C GLY B 143 19.09 -14.56 4.17
N LYS B 144 19.70 -15.15 3.15
CA LYS B 144 21.13 -15.02 2.92
C LYS B 144 21.42 -14.56 1.51
N ILE B 145 22.61 -13.99 1.31
CA ILE B 145 23.05 -13.59 -0.01
C ILE B 145 24.35 -14.30 -0.39
N PHE B 146 24.39 -14.87 -1.58
CA PHE B 146 25.58 -15.54 -2.07
C PHE B 146 26.04 -14.89 -3.37
N ILE B 147 27.33 -15.02 -3.68
CA ILE B 147 27.88 -14.38 -4.87
C ILE B 147 28.78 -15.35 -5.65
N ASN B 148 28.75 -15.25 -6.96
CA ASN B 148 29.58 -16.09 -7.81
C ASN B 148 30.00 -15.34 -9.07
N LYS B 149 31.14 -15.74 -9.62
CA LYS B 149 31.68 -15.09 -10.81
C LYS B 149 32.15 -16.12 -11.83
N GLY B 150 31.98 -15.80 -13.10
CA GLY B 150 32.42 -16.68 -14.17
C GLY B 150 32.40 -15.97 -15.51
N ASN B 151 33.15 -16.49 -16.48
CA ASN B 151 33.22 -15.89 -17.79
C ASN B 151 32.12 -16.37 -18.74
N VAL B 152 31.67 -15.48 -19.62
CA VAL B 152 30.72 -15.83 -20.66
C VAL B 152 31.37 -15.67 -22.03
N ASP B 153 31.47 -16.78 -22.76
CA ASP B 153 32.20 -16.78 -24.03
C ASP B 153 31.29 -16.60 -25.25
N GLY B 154 31.82 -15.91 -26.26
CA GLY B 154 31.20 -15.86 -27.58
C GLY B 154 29.92 -15.06 -27.73
N VAL B 155 29.68 -14.11 -26.84
CA VAL B 155 28.46 -13.31 -26.92
C VAL B 155 28.74 -11.82 -27.09
N GLN B 156 30.03 -11.46 -27.19
CA GLN B 156 30.37 -10.05 -27.26
C GLN B 156 31.61 -9.75 -28.10
N ILE B 157 31.57 -8.61 -28.78
CA ILE B 157 32.76 -8.06 -29.43
C ILE B 157 32.90 -6.59 -29.04
N ASN B 158 34.10 -6.04 -29.20
CA ASN B 158 34.32 -4.62 -28.98
C ASN B 158 34.02 -3.86 -30.27
N ARG B 159 33.09 -2.91 -30.20
CA ARG B 159 32.65 -2.21 -31.40
C ARG B 159 33.52 -0.99 -31.67
N SER B 160 34.54 -0.80 -30.83
CA SER B 160 35.57 0.21 -31.08
C SER B 160 36.92 -0.33 -30.67
N PRO B 161 37.37 -1.41 -31.33
CA PRO B 161 38.57 -2.16 -30.90
C PRO B 161 39.87 -1.38 -31.04
N TYR B 162 39.97 -0.50 -32.04
CA TYR B 162 41.19 0.26 -32.27
C TYR B 162 41.34 1.35 -31.22
N SER B 163 40.22 1.83 -30.68
CA SER B 163 40.25 2.81 -29.60
C SER B 163 40.68 2.16 -28.30
N TYR B 164 40.29 0.91 -28.09
CA TYR B 164 40.72 0.15 -26.94
C TYR B 164 42.25 0.01 -26.95
N LEU B 165 42.81 -0.16 -28.15
CA LEU B 165 44.24 -0.34 -28.31
C LEU B 165 45.03 0.94 -28.00
N GLN B 166 44.33 2.07 -27.93
CA GLN B 166 44.97 3.34 -27.60
C GLN B 166 45.37 3.38 -26.13
N ASN B 167 44.75 2.52 -25.33
CA ASN B 167 45.09 2.39 -23.92
C ASN B 167 46.50 1.84 -23.79
N PRO B 168 47.20 2.17 -22.69
CA PRO B 168 48.59 1.72 -22.49
C PRO B 168 48.75 0.21 -22.60
N GLN B 169 49.79 -0.21 -23.31
CA GLN B 169 50.07 -1.62 -23.53
C GLN B 169 50.19 -2.39 -22.21
N SER B 170 50.89 -1.79 -21.25
CA SER B 170 51.10 -2.41 -19.95
C SER B 170 49.77 -2.66 -19.23
N GLU B 171 48.82 -1.74 -19.42
CA GLU B 171 47.48 -1.90 -18.87
C GLU B 171 46.73 -3.01 -19.60
N ARG B 172 46.77 -2.95 -20.93
CA ARG B 172 46.08 -3.94 -21.77
C ARG B 172 46.61 -5.35 -21.54
N ALA B 173 47.88 -5.46 -21.16
CA ALA B 173 48.50 -6.75 -20.89
C ALA B 173 47.93 -7.41 -19.65
N ARG B 174 47.27 -6.62 -18.80
CA ARG B 174 46.71 -7.11 -17.54
C ARG B 174 45.37 -7.78 -17.73
N TYR B 175 44.84 -7.73 -18.95
CA TYR B 175 43.54 -8.33 -19.25
C TYR B 175 43.66 -9.27 -20.44
N SER B 176 42.78 -10.28 -20.50
CA SER B 176 42.84 -11.28 -21.56
C SER B 176 41.98 -10.91 -22.78
N SER B 177 41.10 -9.94 -22.61
CA SER B 177 40.19 -9.55 -23.70
C SER B 177 39.87 -8.06 -23.68
N ASN B 178 39.26 -7.58 -24.77
CA ASN B 178 38.87 -6.17 -24.87
C ASN B 178 37.41 -5.96 -24.45
N THR B 179 36.82 -7.00 -23.89
CA THR B 179 35.51 -6.91 -23.26
C THR B 179 35.52 -7.63 -21.93
N ASP B 180 34.70 -7.17 -21.00
CA ASP B 180 34.60 -7.83 -19.69
C ASP B 180 33.70 -9.05 -19.77
N LYS B 181 34.33 -10.22 -19.90
CA LYS B 181 33.60 -11.48 -20.04
C LYS B 181 33.01 -11.97 -18.73
N GLU B 182 33.49 -11.42 -17.61
CA GLU B 182 33.05 -11.88 -16.30
C GLU B 182 31.60 -11.48 -16.01
N MET B 183 30.78 -12.47 -15.69
CA MET B 183 29.45 -12.22 -15.18
C MET B 183 29.46 -12.37 -13.66
N ILE B 184 28.77 -11.47 -12.96
CA ILE B 184 28.67 -11.56 -11.52
C ILE B 184 27.21 -11.75 -11.10
N VAL B 185 26.93 -12.93 -10.57
CA VAL B 185 25.58 -13.28 -10.14
C VAL B 185 25.43 -13.11 -8.63
N LEU B 186 24.36 -12.42 -8.22
CA LEU B 186 24.06 -12.27 -6.81
C LEU B 186 22.85 -13.13 -6.47
N LYS B 187 23.06 -14.16 -5.65
CA LYS B 187 22.00 -15.12 -5.35
C LYS B 187 21.33 -14.82 -4.02
N MET B 188 19.99 -14.88 -4.00
CA MET B 188 19.23 -14.56 -2.80
C MET B 188 18.25 -15.67 -2.44
N VAL B 189 18.41 -16.21 -1.24
CA VAL B 189 17.54 -17.28 -0.75
C VAL B 189 17.03 -16.97 0.66
N ASP B 190 15.91 -17.58 1.04
CA ASP B 190 15.44 -17.47 2.42
C ASP B 190 16.13 -18.51 3.29
N LEU B 191 15.80 -18.51 4.58
CA LEU B 191 16.44 -19.42 5.52
C LEU B 191 16.02 -20.87 5.29
N ASN B 192 14.90 -21.05 4.61
CA ASN B 192 14.43 -22.38 4.25
C ASN B 192 15.16 -22.93 3.02
N GLY B 193 16.02 -22.11 2.43
CA GLY B 193 16.84 -22.54 1.30
C GLY B 193 16.13 -22.38 -0.03
N ASP B 194 14.93 -21.82 -0.01
CA ASP B 194 14.17 -21.63 -1.24
C ASP B 194 14.68 -20.40 -2.00
N ASP B 195 14.46 -20.38 -3.30
CA ASP B 195 15.01 -19.34 -4.16
C ASP B 195 14.14 -18.09 -4.12
N LEU B 196 14.75 -16.94 -3.83
CA LEU B 196 14.02 -15.68 -3.80
C LEU B 196 14.24 -14.89 -5.09
N GLY B 197 15.50 -14.73 -5.48
CA GLY B 197 15.82 -13.98 -6.67
C GLY B 197 17.29 -13.95 -7.00
N LEU B 198 17.64 -13.29 -8.11
CA LEU B 198 19.03 -13.12 -8.49
C LEU B 198 19.25 -11.82 -9.26
N ILE B 199 20.47 -11.29 -9.17
CA ILE B 199 20.89 -10.17 -10.00
C ILE B 199 22.12 -10.59 -10.78
N SER B 200 22.16 -10.25 -12.07
CA SER B 200 23.28 -10.63 -12.91
C SER B 200 23.88 -9.42 -13.63
N TRP B 201 25.07 -9.01 -13.19
CA TRP B 201 25.80 -7.94 -13.85
C TRP B 201 26.64 -8.51 -14.99
N PHE B 202 26.52 -7.92 -16.17
CA PHE B 202 27.25 -8.37 -17.34
C PHE B 202 27.23 -7.30 -18.43
N ALA B 203 28.40 -6.98 -18.97
CA ALA B 203 28.52 -5.90 -19.94
C ALA B 203 28.15 -6.37 -21.34
N ILE B 204 27.03 -5.83 -21.85
CA ILE B 204 26.60 -6.10 -23.22
C ILE B 204 25.47 -5.14 -23.62
N HIS B 205 25.55 -4.63 -24.85
CA HIS B 205 24.48 -3.81 -25.39
C HIS B 205 23.26 -4.65 -25.76
N PRO B 206 22.10 -4.36 -25.16
CA PRO B 206 20.88 -5.04 -25.60
C PRO B 206 20.37 -4.45 -26.90
N VAL B 207 21.08 -4.73 -27.99
CA VAL B 207 20.72 -4.18 -29.29
C VAL B 207 20.62 -5.28 -30.36
N SER B 208 20.46 -6.51 -29.90
CA SER B 208 20.31 -7.64 -30.82
C SER B 208 19.10 -7.42 -31.71
N MET B 209 18.08 -6.75 -31.17
CA MET B 209 16.97 -6.26 -31.97
C MET B 209 17.36 -4.91 -32.56
N ASN B 210 17.58 -4.87 -33.87
CA ASN B 210 18.10 -3.66 -34.49
C ASN B 210 17.02 -2.59 -34.70
N ASN B 211 17.38 -1.50 -35.37
CA ASN B 211 16.48 -0.36 -35.50
C ASN B 211 15.41 -0.53 -36.58
N SER B 212 15.31 -1.72 -37.13
CA SER B 212 14.22 -2.05 -38.06
C SER B 212 13.00 -2.55 -37.30
N ASN B 213 13.19 -2.81 -36.01
CA ASN B 213 12.14 -3.39 -35.18
C ASN B 213 11.09 -2.37 -34.77
N HIS B 214 9.84 -2.83 -34.69
CA HIS B 214 8.74 -1.98 -34.27
C HIS B 214 8.01 -2.61 -33.09
N LEU B 215 8.51 -3.78 -32.66
CA LEU B 215 7.92 -4.50 -31.55
C LEU B 215 8.63 -4.18 -30.23
N VAL B 216 7.86 -3.75 -29.24
CA VAL B 216 8.39 -3.51 -27.90
C VAL B 216 8.93 -4.80 -27.30
N ASN B 217 10.16 -4.76 -26.79
CA ASN B 217 10.78 -5.92 -26.17
C ASN B 217 11.96 -5.52 -25.28
N SER B 218 12.46 -6.49 -24.52
CA SER B 218 13.53 -6.24 -23.57
C SER B 218 14.88 -6.76 -24.06
N ASP B 219 14.90 -7.18 -25.32
CA ASP B 219 16.13 -7.60 -26.01
C ASP B 219 16.82 -8.79 -25.33
N ASN B 220 18.12 -8.94 -25.58
CA ASN B 220 18.86 -10.14 -25.16
C ASN B 220 18.91 -10.35 -23.65
N VAL B 221 19.25 -9.31 -22.90
CA VAL B 221 19.31 -9.43 -21.45
C VAL B 221 17.92 -9.66 -20.87
N GLY B 222 16.91 -9.14 -21.57
CA GLY B 222 15.53 -9.35 -21.19
C GLY B 222 15.13 -10.80 -21.40
N TYR B 223 15.61 -11.38 -22.50
CA TYR B 223 15.32 -12.77 -22.80
C TYR B 223 16.02 -13.69 -21.81
N ALA B 224 17.21 -13.29 -21.38
CA ALA B 224 17.97 -14.05 -20.40
C ALA B 224 17.25 -14.06 -19.06
N SER B 225 16.74 -12.90 -18.65
CA SER B 225 15.93 -12.78 -17.46
C SER B 225 14.65 -13.61 -17.59
N TYR B 226 14.08 -13.60 -18.79
CA TYR B 226 12.85 -14.33 -19.09
C TYR B 226 13.02 -15.83 -18.89
N LEU B 227 14.13 -16.38 -19.39
CA LEU B 227 14.42 -17.80 -19.27
C LEU B 227 14.68 -18.21 -17.81
N LEU B 228 15.44 -17.39 -17.10
CA LEU B 228 15.74 -17.64 -15.69
C LEU B 228 14.47 -17.72 -14.84
N GLU B 229 13.57 -16.76 -15.04
CA GLU B 229 12.34 -16.70 -14.27
C GLU B 229 11.41 -17.86 -14.61
N GLN B 230 11.30 -18.17 -15.90
CA GLN B 230 10.42 -19.25 -16.33
C GLN B 230 10.90 -20.61 -15.85
N GLU B 231 12.20 -20.77 -15.70
CA GLU B 231 12.75 -22.02 -15.19
C GLU B 231 12.45 -22.19 -13.71
N LYS B 232 12.65 -21.12 -12.94
CA LYS B 232 12.39 -21.16 -11.51
C LYS B 232 10.92 -21.12 -11.18
N ASN B 233 10.17 -20.23 -11.84
CA ASN B 233 8.73 -20.11 -11.59
C ASN B 233 7.95 -21.16 -12.36
N LYS B 234 8.25 -22.42 -12.08
CA LYS B 234 7.58 -23.56 -12.72
C LYS B 234 6.07 -23.47 -12.58
N GLY B 235 5.36 -23.62 -13.69
CA GLY B 235 3.91 -23.59 -13.66
C GLY B 235 3.31 -22.19 -13.80
N TYR B 236 4.17 -21.18 -13.80
CA TYR B 236 3.71 -19.79 -13.92
C TYR B 236 3.87 -19.25 -15.34
N LEU B 237 2.93 -18.40 -15.74
CA LEU B 237 3.01 -17.71 -17.02
C LEU B 237 4.08 -16.62 -16.95
N PRO B 238 4.63 -16.23 -18.11
CA PRO B 238 5.60 -15.14 -18.17
C PRO B 238 5.12 -13.88 -17.46
N GLY B 239 6.00 -13.28 -16.66
CA GLY B 239 5.65 -12.08 -15.90
C GLY B 239 5.04 -12.41 -14.55
N GLN B 240 4.76 -13.68 -14.31
CA GLN B 240 4.22 -14.11 -13.03
C GLN B 240 5.18 -15.08 -12.34
N GLY B 241 4.99 -15.26 -11.04
CA GLY B 241 5.87 -16.12 -10.25
C GLY B 241 6.68 -15.36 -9.22
N PRO B 242 6.95 -15.99 -8.07
CA PRO B 242 7.63 -15.35 -6.94
C PRO B 242 9.10 -15.04 -7.22
N PHE B 243 9.80 -15.93 -7.91
CA PHE B 243 11.23 -15.73 -8.20
C PHE B 243 11.43 -14.56 -9.16
N VAL B 244 12.36 -13.68 -8.82
CA VAL B 244 12.64 -12.51 -9.64
C VAL B 244 14.10 -12.53 -10.11
N ALA B 245 14.31 -12.49 -11.41
CA ALA B 245 15.66 -12.57 -11.97
C ALA B 245 15.94 -11.37 -12.88
N ALA B 246 16.83 -10.50 -12.43
CA ALA B 246 17.14 -9.28 -13.18
C ALA B 246 18.57 -9.28 -13.68
N PHE B 247 18.73 -9.06 -14.98
CA PHE B 247 20.04 -8.75 -15.53
C PHE B 247 20.29 -7.26 -15.39
N ALA B 248 21.42 -6.91 -14.80
CA ALA B 248 21.76 -5.51 -14.58
C ALA B 248 22.81 -5.06 -15.59
N SER B 249 22.60 -3.87 -16.15
CA SER B 249 23.56 -3.30 -17.08
C SER B 249 24.87 -3.00 -16.38
N SER B 250 25.96 -3.03 -17.14
CA SER B 250 27.29 -2.81 -16.59
C SER B 250 28.04 -1.80 -17.44
N ASN B 251 29.35 -1.99 -17.57
CA ASN B 251 30.14 -1.15 -18.46
C ASN B 251 30.06 -1.66 -19.90
N LEU B 252 28.96 -1.36 -20.56
CA LEU B 252 28.67 -1.89 -21.89
C LEU B 252 29.03 -0.95 -23.03
N GLY B 253 29.68 0.16 -22.70
CA GLY B 253 29.88 1.26 -23.62
C GLY B 253 30.37 0.92 -25.01
N ASP B 254 31.32 0.00 -25.11
CA ASP B 254 31.88 -0.38 -26.40
C ASP B 254 31.69 -1.88 -26.68
N VAL B 255 30.64 -2.46 -26.08
CA VAL B 255 30.41 -3.90 -26.18
C VAL B 255 29.14 -4.21 -26.97
N SER B 256 29.30 -4.97 -28.07
CA SER B 256 28.19 -5.32 -28.95
C SER B 256 27.87 -6.81 -28.90
N PRO B 257 26.58 -7.16 -29.06
CA PRO B 257 26.13 -8.56 -29.12
C PRO B 257 26.14 -9.11 -30.55
N ASN B 258 26.47 -8.27 -31.52
CA ASN B 258 26.46 -8.66 -32.92
C ASN B 258 27.81 -9.25 -33.31
N ILE B 259 28.02 -10.49 -32.90
CA ILE B 259 29.36 -11.09 -32.88
C ILE B 259 29.93 -11.47 -34.24
N LEU B 260 29.12 -11.40 -35.29
CA LEU B 260 29.63 -11.66 -36.63
C LEU B 260 30.52 -10.52 -37.10
N GLY B 261 30.47 -9.40 -36.38
CA GLY B 261 31.31 -8.26 -36.68
C GLY B 261 30.75 -7.35 -37.76
N PRO B 262 31.39 -6.20 -37.95
CA PRO B 262 30.94 -5.18 -38.91
C PRO B 262 31.24 -5.56 -40.37
N ARG B 263 30.20 -5.61 -41.18
CA ARG B 263 30.35 -5.92 -42.60
C ARG B 263 29.57 -4.91 -43.44
N CYS B 264 30.06 -4.64 -44.64
CA CYS B 264 29.32 -3.79 -45.57
C CYS B 264 28.17 -4.60 -46.16
N ILE B 265 26.95 -4.11 -45.99
CA ILE B 265 25.76 -4.86 -46.40
C ILE B 265 25.71 -5.09 -47.91
N ASN B 266 26.29 -4.17 -48.68
CA ASN B 266 26.24 -4.27 -50.14
C ASN B 266 27.27 -5.25 -50.72
N THR B 267 28.48 -5.25 -50.18
CA THR B 267 29.55 -6.07 -50.73
C THR B 267 29.88 -7.27 -49.87
N GLY B 268 29.49 -7.20 -48.59
CA GLY B 268 29.77 -8.27 -47.65
C GLY B 268 31.20 -8.22 -47.12
N GLU B 269 31.96 -7.22 -47.54
CA GLU B 269 33.33 -7.06 -47.11
C GLU B 269 33.39 -6.61 -45.67
N SER B 270 34.51 -6.86 -45.01
CA SER B 270 34.71 -6.41 -43.63
C SER B 270 34.96 -4.90 -43.58
N CYS B 271 34.22 -4.22 -42.72
CA CYS B 271 34.46 -2.80 -42.49
C CYS B 271 34.95 -2.60 -41.05
N ASP B 272 35.78 -3.54 -40.59
CA ASP B 272 36.40 -3.44 -39.28
C ASP B 272 37.60 -2.50 -39.35
N ASN B 273 37.32 -1.20 -39.41
CA ASN B 273 38.35 -0.19 -39.48
C ASN B 273 38.08 0.98 -38.53
N ALA B 274 38.99 1.94 -38.51
CA ALA B 274 38.92 3.04 -37.55
C ALA B 274 37.73 3.94 -37.78
N ASN B 275 37.25 4.00 -39.02
CA ASN B 275 36.15 4.89 -39.37
C ASN B 275 34.80 4.17 -39.41
N SER B 276 34.84 2.84 -39.35
CA SER B 276 33.65 2.00 -39.55
C SER B 276 32.90 2.42 -40.80
N THR B 277 33.60 2.41 -41.94
CA THR B 277 33.04 2.93 -43.17
C THR B 277 33.27 1.97 -44.33
N CYS B 278 32.46 2.14 -45.38
CA CYS B 278 32.57 1.31 -46.57
C CYS B 278 32.93 2.15 -47.79
N PRO B 279 33.80 1.61 -48.66
CA PRO B 279 34.24 2.30 -49.89
C PRO B 279 33.06 2.69 -50.78
N ILE B 280 32.02 1.87 -50.81
CA ILE B 280 30.81 2.19 -51.54
C ILE B 280 29.61 2.33 -50.61
N GLY B 281 29.12 3.56 -50.47
CA GLY B 281 27.94 3.82 -49.67
C GLY B 281 28.26 4.49 -48.35
N GLY B 282 29.53 4.46 -47.96
CA GLY B 282 29.98 5.11 -46.75
C GLY B 282 29.64 4.36 -45.47
N PRO B 283 29.58 5.08 -44.34
CA PRO B 283 29.40 4.53 -42.99
C PRO B 283 28.06 3.85 -42.77
N SER B 284 27.02 4.35 -43.42
CA SER B 284 25.66 3.83 -43.22
C SER B 284 25.52 2.39 -43.72
N MET B 285 26.48 1.94 -44.51
CA MET B 285 26.45 0.59 -45.06
C MET B 285 27.19 -0.39 -44.15
N CYS B 286 27.94 0.16 -43.19
CA CYS B 286 28.75 -0.63 -42.28
C CYS B 286 27.95 -1.03 -41.04
N ILE B 287 27.59 -2.30 -40.95
CA ILE B 287 26.71 -2.79 -39.90
C ILE B 287 27.16 -4.17 -39.39
N ALA B 288 27.07 -4.37 -38.08
CA ALA B 288 27.39 -5.66 -37.48
C ALA B 288 26.13 -6.47 -37.22
N LYS B 289 26.15 -7.75 -37.59
CA LYS B 289 24.97 -8.61 -37.48
C LYS B 289 25.12 -9.69 -36.41
N GLY B 290 23.99 -10.19 -35.94
CA GLY B 290 23.96 -11.24 -34.94
C GLY B 290 24.14 -12.63 -35.52
N PRO B 291 24.19 -13.64 -34.64
CA PRO B 291 24.48 -15.03 -35.01
C PRO B 291 23.30 -15.79 -35.62
N GLY B 292 22.09 -15.25 -35.51
CA GLY B 292 20.91 -15.99 -35.92
C GLY B 292 20.50 -15.81 -37.37
N GLN B 293 19.40 -16.45 -37.76
CA GLN B 293 18.88 -16.30 -39.12
C GLN B 293 18.20 -14.95 -39.27
N ASP B 294 17.71 -14.43 -38.16
CA ASP B 294 17.19 -13.07 -38.14
C ASP B 294 17.50 -12.43 -36.78
N MET B 295 16.97 -11.23 -36.57
CA MET B 295 17.22 -10.48 -35.36
C MET B 295 16.55 -11.10 -34.13
N PHE B 296 15.41 -11.72 -34.32
CA PHE B 296 14.73 -12.44 -33.25
C PHE B 296 15.59 -13.61 -32.78
N ASP B 297 16.14 -14.33 -33.74
CA ASP B 297 16.96 -15.51 -33.48
C ASP B 297 18.28 -15.11 -32.83
N SER B 298 18.88 -14.03 -33.34
CA SER B 298 20.10 -13.49 -32.76
C SER B 298 19.89 -13.12 -31.29
N THR B 299 18.78 -12.44 -31.02
CA THR B 299 18.42 -12.03 -29.67
C THR B 299 18.32 -13.22 -28.71
N GLN B 300 17.71 -14.30 -29.19
CA GLN B 300 17.50 -15.47 -28.33
C GLN B 300 18.78 -16.27 -28.14
N ILE B 301 19.62 -16.32 -29.17
CA ILE B 301 20.90 -17.02 -29.08
C ILE B 301 21.81 -16.36 -28.05
N ILE B 302 21.91 -15.03 -28.13
CA ILE B 302 22.71 -14.27 -27.18
C ILE B 302 22.08 -14.35 -25.80
N GLY B 303 20.77 -14.17 -25.74
CA GLY B 303 20.04 -14.22 -24.49
C GLY B 303 20.13 -15.55 -23.77
N ARG B 304 20.05 -16.65 -24.52
CA ARG B 304 20.09 -17.97 -23.93
C ARG B 304 21.47 -18.28 -23.37
N ALA B 305 22.51 -17.87 -24.09
CA ALA B 305 23.88 -18.09 -23.66
C ALA B 305 24.15 -17.41 -22.32
N MET B 306 23.70 -16.16 -22.19
CA MET B 306 23.85 -15.44 -20.92
C MET B 306 23.04 -16.10 -19.82
N TYR B 307 21.84 -16.55 -20.17
CA TYR B 307 20.98 -17.27 -19.23
C TYR B 307 21.66 -18.53 -18.71
N GLN B 308 22.33 -19.24 -19.62
CA GLN B 308 22.97 -20.51 -19.30
C GLN B 308 24.07 -20.34 -18.26
N ARG B 309 24.91 -19.33 -18.45
CA ARG B 309 25.97 -19.05 -17.49
C ARG B 309 25.43 -18.50 -16.18
N ALA B 310 24.39 -17.67 -16.28
CA ALA B 310 23.76 -17.12 -15.08
C ALA B 310 23.17 -18.24 -14.23
N LYS B 311 22.59 -19.23 -14.91
CA LYS B 311 22.00 -20.38 -14.22
C LYS B 311 23.07 -21.24 -13.56
N GLU B 312 24.16 -21.50 -14.30
CA GLU B 312 25.26 -22.31 -13.79
C GLU B 312 25.92 -21.67 -12.57
N LEU B 313 26.19 -20.37 -12.66
CA LEU B 313 26.80 -19.63 -11.56
C LEU B 313 25.88 -19.55 -10.35
N TYR B 314 24.59 -19.43 -10.60
CA TYR B 314 23.59 -19.38 -9.53
C TYR B 314 23.57 -20.68 -8.74
N ALA B 315 23.52 -21.79 -9.46
CA ALA B 315 23.46 -23.12 -8.86
C ALA B 315 24.67 -23.41 -7.98
N SER B 316 25.85 -23.01 -8.44
CA SER B 316 27.10 -23.36 -7.75
C SER B 316 27.60 -22.26 -6.82
N ALA B 317 26.81 -21.22 -6.62
CA ALA B 317 27.19 -20.14 -5.72
C ALA B 317 27.30 -20.66 -4.29
N SER B 318 28.40 -20.37 -3.62
CA SER B 318 28.64 -20.89 -2.27
C SER B 318 29.15 -19.82 -1.31
N GLN B 319 29.97 -18.91 -1.82
CA GLN B 319 30.51 -17.82 -1.01
C GLN B 319 29.41 -16.88 -0.54
N GLU B 320 29.16 -16.85 0.77
CA GLU B 320 28.13 -16.00 1.34
C GLU B 320 28.60 -14.55 1.43
N VAL B 321 27.66 -13.63 1.24
CA VAL B 321 27.94 -12.21 1.41
C VAL B 321 27.41 -11.73 2.75
N THR B 322 28.31 -11.19 3.58
CA THR B 322 27.95 -10.72 4.91
C THR B 322 28.60 -9.38 5.20
N GLY B 323 28.09 -8.68 6.20
CA GLY B 323 28.60 -7.38 6.57
C GLY B 323 27.51 -6.32 6.56
N PRO B 324 27.85 -5.09 6.98
CA PRO B 324 26.86 -4.02 7.11
C PRO B 324 26.39 -3.48 5.76
N LEU B 325 25.21 -2.88 5.74
CA LEU B 325 24.73 -2.18 4.56
C LEU B 325 25.05 -0.71 4.69
N ALA B 326 25.45 -0.08 3.60
CA ALA B 326 25.80 1.32 3.61
C ALA B 326 25.51 1.97 2.27
N SER B 327 25.46 3.30 2.26
CA SER B 327 25.14 4.04 1.05
C SER B 327 25.68 5.46 1.12
N ALA B 328 26.16 5.95 -0.02
CA ALA B 328 26.62 7.32 -0.13
C ALA B 328 26.18 7.90 -1.47
N HIS B 329 25.69 9.14 -1.44
CA HIS B 329 25.18 9.79 -2.63
C HIS B 329 25.63 11.24 -2.70
N GLN B 330 25.74 11.77 -3.92
CA GLN B 330 26.11 13.16 -4.11
C GLN B 330 25.62 13.71 -5.44
N TRP B 331 25.13 14.95 -5.41
CA TRP B 331 24.85 15.67 -6.65
C TRP B 331 26.12 16.42 -7.04
N VAL B 332 26.48 16.34 -8.31
CA VAL B 332 27.73 16.92 -8.77
C VAL B 332 27.57 17.74 -10.05
N ASP B 333 28.08 18.96 -10.04
CA ASP B 333 28.13 19.76 -11.24
C ASP B 333 29.28 19.23 -12.11
N MET B 334 28.95 18.36 -13.06
CA MET B 334 29.96 17.71 -13.89
C MET B 334 30.55 18.66 -14.91
N THR B 335 30.09 19.90 -14.89
CA THR B 335 30.57 20.94 -15.78
C THR B 335 31.77 21.65 -15.15
N ASP B 336 31.97 21.45 -13.86
CA ASP B 336 32.92 22.25 -13.09
C ASP B 336 33.74 21.43 -12.10
N VAL B 337 34.13 20.23 -12.51
CA VAL B 337 34.93 19.36 -11.66
C VAL B 337 36.42 19.53 -11.95
N THR B 338 37.18 19.91 -10.92
CA THR B 338 38.63 20.03 -11.04
C THR B 338 39.26 18.64 -10.91
N VAL B 339 39.94 18.21 -11.96
CA VAL B 339 40.50 16.86 -11.99
C VAL B 339 42.02 16.86 -11.91
N TRP B 340 42.57 16.06 -10.99
CA TRP B 340 44.00 15.96 -10.82
C TRP B 340 44.59 14.77 -11.57
N LEU B 341 45.49 15.06 -12.52
CA LEU B 341 46.17 14.01 -13.27
C LEU B 341 47.49 13.67 -12.59
N ASN B 342 48.01 14.62 -11.82
CA ASN B 342 49.26 14.49 -11.09
C ASN B 342 49.10 15.01 -9.68
N SER B 343 50.22 15.14 -8.98
CA SER B 343 50.27 15.96 -7.77
C SER B 343 50.44 17.43 -8.16
N THR B 344 51.10 17.66 -9.30
CA THR B 344 51.41 19.01 -9.74
C THR B 344 50.56 19.47 -10.93
N HIS B 345 49.84 18.55 -11.55
CA HIS B 345 49.19 18.84 -12.83
C HIS B 345 47.69 18.52 -12.74
N ALA B 346 46.86 19.49 -13.13
CA ALA B 346 45.41 19.32 -13.05
C ALA B 346 44.69 19.83 -14.31
N SER B 347 43.48 19.33 -14.52
CA SER B 347 42.64 19.86 -15.60
C SER B 347 41.20 20.07 -15.13
N LYS B 348 40.26 20.08 -16.07
CA LYS B 348 38.89 20.49 -15.77
C LYS B 348 37.89 19.78 -16.68
N THR B 349 36.71 19.49 -16.14
CA THR B 349 35.60 18.98 -16.95
C THR B 349 34.92 20.15 -17.65
N CYS B 350 34.08 19.84 -18.63
CA CYS B 350 33.53 20.85 -19.53
C CYS B 350 32.01 20.95 -19.48
N LYS B 351 31.48 22.02 -20.07
CA LYS B 351 30.06 22.09 -20.36
C LYS B 351 29.74 21.04 -21.40
N PRO B 352 28.60 20.34 -21.24
CA PRO B 352 28.29 19.17 -22.07
C PRO B 352 28.23 19.50 -23.57
N ALA B 353 28.87 18.66 -24.38
CA ALA B 353 28.87 18.84 -25.83
C ALA B 353 29.05 17.50 -26.53
N LEU B 354 28.36 17.33 -27.65
CA LEU B 354 28.49 16.13 -28.46
C LEU B 354 29.38 16.36 -29.67
N GLY B 355 30.23 15.39 -29.97
CA GLY B 355 31.14 15.51 -31.10
C GLY B 355 30.50 15.16 -32.41
N TYR B 356 31.18 15.50 -33.51
CA TYR B 356 30.73 15.16 -34.86
C TYR B 356 30.34 13.70 -35.00
N SER B 357 31.15 12.82 -34.44
CA SER B 357 30.96 11.37 -34.60
C SER B 357 29.73 10.83 -33.87
N PHE B 358 29.12 11.65 -33.03
CA PHE B 358 27.86 11.27 -32.39
C PHE B 358 26.79 11.00 -33.44
N ALA B 359 26.78 11.80 -34.50
CA ALA B 359 25.81 11.69 -35.57
C ALA B 359 26.07 10.47 -36.46
N ALA B 360 27.20 9.80 -36.24
CA ALA B 360 27.59 8.66 -37.05
C ALA B 360 26.97 7.36 -36.55
N GLY B 361 26.52 7.37 -35.30
CA GLY B 361 26.00 6.17 -34.69
C GLY B 361 27.09 5.12 -34.53
N THR B 362 26.70 3.85 -34.49
CA THR B 362 27.65 2.75 -34.37
C THR B 362 27.34 1.66 -35.38
N ILE B 363 28.08 0.56 -35.30
CA ILE B 363 27.82 -0.59 -36.16
C ILE B 363 26.60 -1.39 -35.70
N ASP B 364 26.07 -1.02 -34.53
CA ASP B 364 24.84 -1.63 -34.02
C ASP B 364 23.63 -0.79 -34.41
N GLY B 365 23.89 0.36 -35.01
CA GLY B 365 22.85 1.29 -35.40
C GLY B 365 23.46 2.56 -35.93
N VAL B 366 23.47 2.70 -37.26
CA VAL B 366 24.18 3.79 -37.90
C VAL B 366 23.33 5.06 -37.96
N GLY B 367 24.00 6.21 -37.96
CA GLY B 367 23.33 7.49 -38.14
C GLY B 367 22.91 7.62 -39.60
N GLY B 368 21.96 8.51 -39.84
CA GLY B 368 21.42 8.68 -41.19
C GLY B 368 22.15 9.67 -42.06
N LEU B 369 23.03 10.47 -41.47
CA LEU B 369 23.57 11.65 -42.15
C LEU B 369 24.96 11.46 -42.73
N ASN B 370 25.36 10.19 -42.93
CA ASN B 370 26.62 9.85 -43.58
C ASN B 370 27.86 10.31 -42.81
N PHE B 371 27.69 10.64 -41.53
CA PHE B 371 28.80 10.94 -40.64
C PHE B 371 29.61 9.68 -40.36
N THR B 372 30.92 9.84 -40.19
CA THR B 372 31.78 8.71 -39.86
C THR B 372 32.38 8.83 -38.47
N GLN B 373 32.59 7.70 -37.82
CA GLN B 373 33.26 7.68 -36.53
C GLN B 373 34.73 8.01 -36.66
N GLY B 374 35.30 8.63 -35.63
CA GLY B 374 36.71 8.93 -35.61
C GLY B 374 37.06 10.30 -36.14
N LYS B 375 36.07 11.18 -36.20
CA LYS B 375 36.28 12.54 -36.68
C LYS B 375 36.89 13.42 -35.59
N THR B 376 38.13 13.84 -35.81
CA THR B 376 38.81 14.70 -34.85
C THR B 376 38.88 16.14 -35.36
N GLU B 377 38.27 16.38 -36.51
CA GLU B 377 38.24 17.71 -37.11
C GLU B 377 36.85 18.02 -37.65
N GLY B 378 36.45 19.28 -37.56
CA GLY B 378 35.17 19.70 -38.10
C GLY B 378 35.27 20.09 -39.57
N ASP B 379 34.15 20.49 -40.15
CA ASP B 379 34.14 21.01 -41.51
C ASP B 379 33.34 22.32 -41.55
N PRO B 380 33.67 23.21 -42.51
CA PRO B 380 33.04 24.53 -42.54
C PRO B 380 31.53 24.47 -42.72
N PHE B 381 31.05 23.43 -43.39
CA PHE B 381 29.62 23.28 -43.64
C PHE B 381 28.81 23.05 -42.38
N TRP B 382 29.13 21.99 -41.63
CA TRP B 382 28.36 21.65 -40.45
C TRP B 382 28.65 22.59 -39.28
N ASP B 383 29.86 23.11 -39.23
CA ASP B 383 30.19 24.14 -38.25
C ASP B 383 29.28 25.34 -38.46
N THR B 384 29.03 25.67 -39.72
CA THR B 384 28.15 26.78 -40.07
C THR B 384 26.71 26.55 -39.62
N ILE B 385 26.12 25.43 -40.02
CA ILE B 385 24.74 25.09 -39.63
C ILE B 385 24.55 25.14 -38.12
N ARG B 386 25.50 24.55 -37.40
CA ARG B 386 25.48 24.55 -35.95
C ARG B 386 25.51 25.98 -35.42
N ASP B 387 26.38 26.80 -36.01
CA ASP B 387 26.46 28.21 -35.65
C ASP B 387 25.17 28.96 -36.00
N GLN B 388 24.70 28.75 -37.23
CA GLN B 388 23.54 29.48 -37.74
C GLN B 388 22.26 29.18 -36.97
N ILE B 389 22.08 27.93 -36.57
CA ILE B 389 20.84 27.49 -35.94
C ILE B 389 20.87 27.57 -34.41
N LEU B 390 21.90 26.97 -33.81
CA LEU B 390 21.97 26.87 -32.37
C LEU B 390 22.77 27.99 -31.74
N GLY B 391 23.80 28.45 -32.45
CA GLY B 391 24.70 29.46 -31.94
C GLY B 391 26.14 29.02 -32.09
N LYS B 392 27.06 29.95 -31.93
CA LYS B 392 28.47 29.64 -32.04
C LYS B 392 29.07 29.31 -30.68
N PRO B 393 29.59 28.08 -30.53
CA PRO B 393 30.25 27.63 -29.31
C PRO B 393 31.39 28.56 -28.91
N SER B 394 31.47 28.88 -27.62
CA SER B 394 32.56 29.71 -27.12
C SER B 394 33.91 29.03 -27.37
N GLU B 395 34.98 29.80 -27.26
CA GLU B 395 36.31 29.24 -27.47
C GLU B 395 36.71 28.41 -26.27
N GLU B 396 36.11 28.70 -25.12
CA GLU B 396 36.37 27.95 -23.90
C GLU B 396 35.91 26.50 -24.04
N ILE B 397 34.70 26.31 -24.54
CA ILE B 397 34.11 24.98 -24.64
C ILE B 397 34.75 24.18 -25.77
N LYS B 398 35.22 24.86 -26.81
CA LYS B 398 35.91 24.21 -27.92
C LYS B 398 37.27 23.70 -27.46
N GLU B 399 37.96 24.53 -26.69
CA GLU B 399 39.30 24.19 -26.20
C GLU B 399 39.23 23.13 -25.12
N CYS B 400 38.18 23.19 -24.30
CA CYS B 400 38.00 22.25 -23.22
C CYS B 400 37.73 20.84 -23.75
N HIS B 401 37.07 20.75 -24.89
CA HIS B 401 36.63 19.47 -25.43
C HIS B 401 37.61 18.81 -26.38
N LYS B 402 38.65 19.54 -26.80
CA LYS B 402 39.64 19.01 -27.75
C LYS B 402 40.17 17.65 -27.33
N PRO B 403 40.44 16.77 -28.31
CA PRO B 403 40.34 17.01 -29.75
C PRO B 403 38.96 16.76 -30.36
N LYS B 404 37.91 16.75 -29.53
CA LYS B 404 36.55 16.57 -30.02
C LYS B 404 36.05 17.81 -30.78
N PRO B 405 35.65 17.62 -32.04
CA PRO B 405 35.00 18.70 -32.80
C PRO B 405 33.51 18.77 -32.44
N ILE B 406 33.09 19.92 -31.93
CA ILE B 406 31.73 20.05 -31.38
C ILE B 406 30.67 20.15 -32.48
N LEU B 407 29.70 19.26 -32.42
CA LEU B 407 28.53 19.32 -33.30
C LEU B 407 27.37 19.98 -32.58
N LEU B 408 27.14 19.55 -31.33
CA LEU B 408 26.09 20.13 -30.50
C LEU B 408 26.68 20.59 -29.17
N HIS B 409 26.66 21.90 -28.94
CA HIS B 409 27.15 22.46 -27.68
C HIS B 409 25.99 22.60 -26.69
N THR B 410 25.47 21.45 -26.26
CA THR B 410 24.27 21.37 -25.41
C THR B 410 24.41 22.13 -24.10
N GLY B 411 25.64 22.27 -23.63
CA GLY B 411 25.91 22.99 -22.39
C GLY B 411 25.60 24.47 -22.48
N GLU B 412 25.50 24.98 -23.71
CA GLU B 412 25.23 26.39 -23.93
C GLU B 412 23.92 26.58 -24.70
N LEU B 413 23.02 25.60 -24.56
CA LEU B 413 21.70 25.66 -25.17
C LEU B 413 20.62 25.38 -24.13
N SER B 414 19.79 26.37 -23.82
CA SER B 414 18.87 26.27 -22.69
C SER B 414 17.40 26.56 -23.02
N LYS B 415 17.06 26.55 -24.31
CA LYS B 415 15.68 26.77 -24.73
C LYS B 415 15.10 25.53 -25.42
N PRO B 416 13.90 25.11 -25.01
CA PRO B 416 13.09 25.68 -23.92
C PRO B 416 13.65 25.36 -22.54
N HIS B 417 14.29 24.21 -22.42
CA HIS B 417 14.97 23.82 -21.20
C HIS B 417 16.39 23.42 -21.56
N PRO B 418 17.31 23.38 -20.56
CA PRO B 418 18.67 22.89 -20.79
C PRO B 418 18.70 21.58 -21.57
N TRP B 419 19.55 21.51 -22.58
CA TRP B 419 19.57 20.35 -23.47
C TRP B 419 20.19 19.13 -22.81
N HIS B 420 21.29 19.33 -22.09
CA HIS B 420 21.91 18.25 -21.34
C HIS B 420 22.01 18.61 -19.86
N PRO B 421 22.04 17.59 -18.99
CA PRO B 421 22.12 17.87 -17.55
C PRO B 421 23.50 18.37 -17.13
N ASP B 422 23.51 19.23 -16.12
CA ASP B 422 24.75 19.68 -15.50
C ASP B 422 24.93 18.98 -14.16
N ILE B 423 23.81 18.78 -13.47
CA ILE B 423 23.82 18.12 -12.16
C ILE B 423 23.64 16.61 -12.32
N VAL B 424 24.64 15.86 -11.87
CA VAL B 424 24.64 14.41 -12.06
C VAL B 424 24.77 13.68 -10.72
N ASP B 425 24.04 12.57 -10.59
CA ASP B 425 24.13 11.73 -9.40
C ASP B 425 25.33 10.80 -9.46
N VAL B 426 26.08 10.77 -8.37
CA VAL B 426 27.06 9.72 -8.14
C VAL B 426 26.73 9.06 -6.81
N GLN B 427 26.72 7.73 -6.79
CA GLN B 427 26.35 7.03 -5.58
C GLN B 427 26.88 5.60 -5.54
N ILE B 428 27.14 5.13 -4.33
CA ILE B 428 27.56 3.75 -4.11
C ILE B 428 26.67 3.12 -3.05
N ILE B 429 26.27 1.87 -3.28
CA ILE B 429 25.56 1.09 -2.28
C ILE B 429 26.37 -0.17 -1.99
N THR B 430 26.62 -0.42 -0.72
CA THR B 430 27.40 -1.60 -0.36
C THR B 430 26.55 -2.63 0.37
N LEU B 431 26.57 -3.86 -0.13
CA LEU B 431 25.98 -5.00 0.55
C LEU B 431 27.12 -5.88 1.07
N GLY B 432 27.55 -5.62 2.30
CA GLY B 432 28.67 -6.36 2.87
C GLY B 432 29.94 -6.11 2.09
N SER B 433 30.47 -7.17 1.48
CA SER B 433 31.71 -7.09 0.71
C SER B 433 31.45 -6.73 -0.75
N LEU B 434 30.18 -6.51 -1.10
CA LEU B 434 29.81 -6.14 -2.46
C LEU B 434 29.52 -4.65 -2.57
N ALA B 435 30.23 -3.98 -3.48
CA ALA B 435 30.00 -2.56 -3.71
C ALA B 435 29.40 -2.33 -5.09
N ILE B 436 28.32 -1.56 -5.13
CA ILE B 436 27.63 -1.25 -6.39
C ILE B 436 27.78 0.22 -6.71
N THR B 437 28.50 0.52 -7.78
CA THR B 437 28.67 1.90 -8.21
C THR B 437 27.62 2.27 -9.25
N ALA B 438 26.75 3.21 -8.89
CA ALA B 438 25.71 3.67 -9.80
C ALA B 438 26.29 4.63 -10.83
N ILE B 439 26.56 4.12 -12.02
CA ILE B 439 27.12 4.93 -13.09
C ILE B 439 25.98 5.55 -13.90
N PRO B 440 26.03 6.88 -14.09
CA PRO B 440 24.99 7.65 -14.77
C PRO B 440 25.16 7.66 -16.28
N GLY B 441 25.43 6.51 -16.87
CA GLY B 441 25.67 6.43 -18.30
C GLY B 441 26.31 5.13 -18.74
N GLU B 442 27.11 5.20 -19.79
CA GLU B 442 27.67 4.01 -20.41
C GLU B 442 29.20 4.01 -20.38
N PHE B 443 29.76 3.32 -19.39
CA PHE B 443 31.20 3.14 -19.28
C PHE B 443 31.71 2.14 -20.33
N THR B 444 32.79 2.49 -21.00
CA THR B 444 33.46 1.54 -21.89
C THR B 444 34.14 0.45 -21.08
N THR B 445 34.70 -0.55 -21.77
CA THR B 445 35.36 -1.67 -21.13
C THR B 445 36.47 -1.23 -20.18
N MET B 446 37.44 -0.50 -20.70
CA MET B 446 38.60 -0.09 -19.90
C MET B 446 38.24 0.97 -18.86
N SER B 447 37.24 1.78 -19.17
CA SER B 447 36.75 2.79 -18.23
C SER B 447 36.21 2.15 -16.96
N GLY B 448 35.43 1.09 -17.13
CA GLY B 448 34.85 0.38 -16.01
C GLY B 448 35.89 -0.35 -15.19
N ARG B 449 36.88 -0.92 -15.88
CA ARG B 449 38.01 -1.59 -15.24
C ARG B 449 38.78 -0.63 -14.34
N ARG B 450 39.07 0.56 -14.86
CA ARG B 450 39.84 1.55 -14.11
C ARG B 450 39.10 2.02 -12.86
N LEU B 451 37.81 2.32 -12.99
CA LEU B 451 37.02 2.80 -11.86
C LEU B 451 36.82 1.71 -10.81
N ARG B 452 36.55 0.48 -11.28
CA ARG B 452 36.39 -0.67 -10.39
C ARG B 452 37.59 -0.84 -9.47
N GLU B 453 38.75 -0.98 -10.09
CA GLU B 453 39.99 -1.25 -9.36
C GLU B 453 40.39 -0.07 -8.48
N ALA B 454 40.10 1.15 -8.94
CA ALA B 454 40.40 2.35 -8.17
C ALA B 454 39.52 2.41 -6.92
N VAL B 455 38.24 2.09 -7.08
CA VAL B 455 37.31 2.10 -5.97
C VAL B 455 37.63 0.97 -4.99
N GLN B 456 37.98 -0.20 -5.54
CA GLN B 456 38.40 -1.32 -4.71
C GLN B 456 39.63 -0.94 -3.88
N ALA B 457 40.61 -0.33 -4.52
CA ALA B 457 41.83 0.11 -3.85
C ALA B 457 41.52 1.11 -2.74
N GLU B 458 40.58 2.01 -3.00
CA GLU B 458 40.17 3.01 -2.02
C GLU B 458 39.61 2.36 -0.77
N PHE B 459 38.67 1.44 -0.96
CA PHE B 459 38.10 0.67 0.13
C PHE B 459 39.19 -0.03 0.95
N ALA B 460 40.17 -0.58 0.24
CA ALA B 460 41.26 -1.31 0.87
C ALA B 460 42.12 -0.40 1.74
N SER B 461 42.44 0.78 1.23
CA SER B 461 43.22 1.77 1.96
C SER B 461 42.56 2.17 3.28
N HIS B 462 41.25 1.97 3.39
CA HIS B 462 40.53 2.37 4.59
C HIS B 462 39.81 1.21 5.29
N GLY B 463 40.39 0.03 5.21
CA GLY B 463 40.00 -1.08 6.05
C GLY B 463 38.97 -2.05 5.51
N MET B 464 38.38 -1.74 4.36
CA MET B 464 37.41 -2.65 3.75
C MET B 464 38.07 -3.50 2.68
N GLN B 465 38.55 -4.66 3.10
CA GLN B 465 39.37 -5.54 2.27
C GLN B 465 38.57 -6.39 1.31
N ASN B 466 39.20 -6.78 0.20
CA ASN B 466 38.64 -7.71 -0.76
C ASN B 466 37.22 -7.37 -1.21
N MET B 467 37.01 -6.11 -1.59
CA MET B 467 35.70 -5.67 -2.06
C MET B 467 35.48 -6.06 -3.51
N THR B 468 34.33 -6.68 -3.78
CA THR B 468 33.91 -6.89 -5.15
C THR B 468 33.09 -5.70 -5.60
N VAL B 469 33.60 -4.97 -6.58
CA VAL B 469 32.93 -3.77 -7.08
C VAL B 469 32.36 -4.02 -8.46
N VAL B 470 31.09 -3.68 -8.65
CA VAL B 470 30.46 -3.82 -9.95
C VAL B 470 30.07 -2.46 -10.51
N ILE B 471 30.16 -2.33 -11.83
CA ILE B 471 29.65 -1.15 -12.50
C ILE B 471 28.17 -1.37 -12.81
N SER B 472 27.32 -0.51 -12.27
CA SER B 472 25.91 -0.56 -12.61
C SER B 472 25.63 0.59 -13.57
N GLY B 473 25.28 0.25 -14.80
CA GLY B 473 25.17 1.23 -15.87
C GLY B 473 23.81 1.87 -15.99
N LEU B 474 23.79 3.06 -16.59
CA LEU B 474 22.54 3.77 -16.89
C LEU B 474 21.68 3.99 -15.65
N CYS B 475 22.28 4.60 -14.64
CA CYS B 475 21.60 4.83 -13.37
C CYS B 475 21.16 6.28 -13.21
N ASN B 476 19.98 6.48 -12.63
CA ASN B 476 19.57 7.77 -12.07
C ASN B 476 19.38 8.90 -13.08
N VAL B 477 20.33 9.08 -13.99
CA VAL B 477 20.29 10.16 -14.96
C VAL B 477 21.22 9.81 -16.12
N TYR B 478 20.81 10.13 -17.35
CA TYR B 478 21.58 9.74 -18.51
C TYR B 478 22.50 10.86 -19.01
N THR B 479 23.79 10.55 -19.08
CA THR B 479 24.80 11.51 -19.51
C THR B 479 25.65 10.93 -20.63
N HIS B 480 25.06 9.97 -21.36
CA HIS B 480 25.71 9.31 -22.49
C HIS B 480 26.91 8.47 -22.07
N TYR B 481 27.99 8.53 -22.85
CA TYR B 481 29.10 7.60 -22.71
C TYR B 481 30.29 8.13 -21.94
N ILE B 482 31.09 7.21 -21.40
CA ILE B 482 32.33 7.56 -20.73
C ILE B 482 33.49 6.71 -21.27
N THR B 483 34.47 7.37 -21.89
CA THR B 483 35.63 6.69 -22.42
C THR B 483 36.88 7.06 -21.62
N THR B 484 37.95 6.30 -21.79
CA THR B 484 39.22 6.68 -21.18
C THR B 484 39.81 7.86 -21.94
N TYR B 485 40.73 8.57 -21.30
CA TYR B 485 41.41 9.70 -21.93
C TYR B 485 42.01 9.31 -23.28
N GLU B 486 42.63 8.12 -23.32
CA GLU B 486 43.26 7.61 -24.53
C GLU B 486 42.23 7.29 -25.60
N GLU B 487 41.13 6.67 -25.18
CA GLU B 487 40.03 6.35 -26.10
C GLU B 487 39.36 7.62 -26.64
N TYR B 488 39.30 8.64 -25.80
CA TYR B 488 38.66 9.91 -26.14
C TYR B 488 39.34 10.58 -27.32
N GLN B 489 40.65 10.37 -27.43
CA GLN B 489 41.44 11.00 -28.49
C GLN B 489 41.01 10.56 -29.88
N ALA B 490 40.62 9.30 -30.01
CA ALA B 490 40.26 8.72 -31.30
C ALA B 490 38.93 9.25 -31.83
N GLN B 491 38.08 9.71 -30.92
CA GLN B 491 36.82 10.34 -31.26
C GLN B 491 35.85 9.47 -32.05
N ARG B 492 35.75 8.19 -31.70
CA ARG B 492 34.67 7.35 -32.19
C ARG B 492 33.40 7.71 -31.43
N TYR B 493 32.29 7.06 -31.76
CA TYR B 493 30.97 7.40 -31.22
C TYR B 493 30.95 7.56 -29.69
N GLU B 494 31.51 6.59 -28.98
CA GLU B 494 31.51 6.62 -27.52
C GLU B 494 32.33 7.81 -27.00
N ALA B 495 33.44 8.08 -27.68
CA ALA B 495 34.31 9.19 -27.31
C ALA B 495 33.66 10.53 -27.61
N ALA B 496 32.94 10.59 -28.73
CA ALA B 496 32.21 11.80 -29.10
C ALA B 496 31.01 12.01 -28.19
N SER B 497 30.57 10.94 -27.54
CA SER B 497 29.43 11.01 -26.64
C SER B 497 29.89 11.11 -25.19
N THR B 498 31.17 11.42 -25.00
CA THR B 498 31.68 11.72 -23.67
C THR B 498 31.53 13.22 -23.46
N ILE B 499 30.38 13.60 -22.91
CA ILE B 499 29.90 14.98 -23.02
C ILE B 499 30.63 15.99 -22.12
N TYR B 500 31.27 15.51 -21.05
CA TYR B 500 31.96 16.43 -20.16
C TYR B 500 33.45 16.52 -20.46
N GLY B 501 33.85 16.10 -21.65
CA GLY B 501 35.23 16.23 -22.08
C GLY B 501 36.11 15.02 -21.81
N PRO B 502 37.40 15.14 -22.14
CA PRO B 502 38.39 14.05 -22.04
C PRO B 502 38.66 13.56 -20.62
N HIS B 503 38.31 14.37 -19.62
CA HIS B 503 38.64 14.03 -18.24
C HIS B 503 37.41 13.57 -17.47
N THR B 504 36.37 13.20 -18.20
CA THR B 504 35.12 12.74 -17.60
C THR B 504 35.34 11.50 -16.74
N LEU B 505 36.15 10.57 -17.23
CA LEU B 505 36.42 9.32 -16.51
C LEU B 505 37.22 9.59 -15.24
N SER B 506 38.30 10.34 -15.38
CA SER B 506 39.16 10.68 -14.24
C SER B 506 38.38 11.42 -13.15
N ALA B 507 37.39 12.22 -13.58
CA ALA B 507 36.53 12.93 -12.65
C ALA B 507 35.67 11.95 -11.86
N TYR B 508 35.07 10.99 -12.57
CA TYR B 508 34.21 9.98 -11.94
C TYR B 508 35.01 9.10 -10.99
N ILE B 509 36.20 8.68 -11.42
CA ILE B 509 37.07 7.88 -10.59
C ILE B 509 37.36 8.62 -9.29
N GLN B 510 37.67 9.91 -9.43
CA GLN B 510 37.90 10.78 -8.27
C GLN B 510 36.66 10.87 -7.39
N LEU B 511 35.50 11.12 -8.00
CA LEU B 511 34.26 11.27 -7.27
C LEU B 511 33.82 9.99 -6.56
N PHE B 512 33.94 8.86 -7.23
CA PHE B 512 33.52 7.59 -6.64
C PHE B 512 34.50 7.10 -5.59
N ARG B 513 35.79 7.41 -5.79
CA ARG B 513 36.80 7.16 -4.76
C ARG B 513 36.44 7.84 -3.45
N ASN B 514 36.04 9.11 -3.55
CA ASN B 514 35.67 9.89 -2.38
C ASN B 514 34.49 9.28 -1.65
N LEU B 515 33.49 8.88 -2.41
CA LEU B 515 32.33 8.18 -1.87
C LEU B 515 32.71 6.91 -1.12
N ALA B 516 33.57 6.10 -1.74
CA ALA B 516 34.04 4.87 -1.13
C ALA B 516 34.77 5.16 0.18
N LYS B 517 35.58 6.20 0.16
CA LYS B 517 36.31 6.63 1.34
C LYS B 517 35.34 7.08 2.44
N ALA B 518 34.29 7.79 2.05
CA ALA B 518 33.27 8.26 2.98
C ALA B 518 32.52 7.10 3.64
N ILE B 519 32.30 6.04 2.87
CA ILE B 519 31.61 4.86 3.39
C ILE B 519 32.51 4.09 4.35
N ALA B 520 33.76 3.90 3.94
CA ALA B 520 34.72 3.14 4.73
C ALA B 520 35.09 3.84 6.04
N THR B 521 35.26 5.17 5.99
CA THR B 521 35.62 5.93 7.18
C THR B 521 34.40 6.32 8.01
N ASP B 522 33.22 5.94 7.54
CA ASP B 522 31.96 6.22 8.22
C ASP B 522 31.74 7.73 8.36
N THR B 523 32.05 8.46 7.30
CA THR B 523 31.91 9.91 7.30
C THR B 523 31.05 10.37 6.12
N VAL B 524 30.03 9.57 5.80
CA VAL B 524 29.15 9.87 4.68
C VAL B 524 28.39 11.17 4.94
N ALA B 525 28.14 11.46 6.21
CA ALA B 525 27.45 12.69 6.60
C ALA B 525 28.29 13.92 6.31
N ASN B 526 29.62 13.74 6.20
CA ASN B 526 30.52 14.85 5.95
C ASN B 526 30.58 15.23 4.47
N LEU B 527 30.00 14.39 3.62
CA LEU B 527 29.89 14.70 2.20
C LEU B 527 28.93 15.86 1.99
N SER B 528 29.31 16.80 1.12
CA SER B 528 28.40 17.88 0.77
C SER B 528 27.26 17.34 -0.10
N ARG B 529 26.03 17.74 0.23
CA ARG B 529 24.86 17.31 -0.50
C ARG B 529 24.98 17.56 -2.01
N GLY B 530 25.56 18.68 -2.37
CA GLY B 530 25.67 19.09 -3.76
C GLY B 530 24.44 19.82 -4.24
N PRO B 531 24.54 20.52 -5.38
CA PRO B 531 23.44 21.31 -5.94
C PRO B 531 22.26 20.44 -6.35
N GLU B 532 21.06 20.82 -5.94
CA GLU B 532 19.86 20.07 -6.28
C GLU B 532 19.53 20.26 -7.76
N PRO B 533 19.22 19.16 -8.46
CA PRO B 533 18.85 19.18 -9.88
C PRO B 533 17.44 19.72 -10.08
N PRO B 534 17.16 20.26 -11.28
CA PRO B 534 15.87 20.89 -11.56
C PRO B 534 14.80 19.90 -12.01
N PHE B 535 13.54 20.29 -11.86
CA PHE B 535 12.41 19.53 -12.37
C PHE B 535 11.60 20.43 -13.28
N PHE B 536 11.85 20.35 -14.59
CA PHE B 536 11.21 21.23 -15.55
C PHE B 536 9.71 21.01 -15.66
N LYS B 537 8.97 22.12 -15.66
CA LYS B 537 7.52 22.11 -15.63
C LYS B 537 6.82 21.99 -16.98
N GLN B 538 7.21 22.82 -17.94
CA GLN B 538 6.53 22.85 -19.23
C GLN B 538 7.30 22.11 -20.32
N LEU B 539 7.06 20.81 -20.42
CA LEU B 539 7.66 20.00 -21.48
C LEU B 539 6.86 20.11 -22.76
N ILE B 540 7.53 19.97 -23.90
CA ILE B 540 6.87 20.10 -25.19
C ILE B 540 6.35 18.76 -25.68
N PRO B 545 -3.45 14.01 -32.33
CA PRO B 545 -4.89 14.28 -32.37
C PRO B 545 -5.73 13.03 -32.14
N SER B 546 -6.88 13.20 -31.48
CA SER B 546 -7.75 12.08 -31.12
C SER B 546 -8.44 11.44 -32.32
N ILE B 547 -8.48 10.11 -32.31
CA ILE B 547 -9.16 9.35 -33.36
C ILE B 547 -10.12 8.33 -32.75
N VAL B 548 -11.35 8.31 -33.25
CA VAL B 548 -12.33 7.32 -32.83
C VAL B 548 -12.15 6.02 -33.61
N ASP B 549 -11.93 4.92 -32.89
CA ASP B 549 -11.76 3.63 -33.53
C ASP B 549 -13.04 3.19 -34.22
N ARG B 550 -12.89 2.51 -35.36
CA ARG B 550 -14.05 2.02 -36.09
C ARG B 550 -13.88 0.54 -36.44
N ALA B 551 -15.00 -0.18 -36.46
CA ALA B 551 -15.01 -1.55 -36.94
C ALA B 551 -15.59 -1.58 -38.36
N PRO B 552 -15.21 -2.58 -39.17
CA PRO B 552 -15.81 -2.72 -40.49
C PRO B 552 -17.33 -2.89 -40.39
N LYS B 553 -18.04 -2.48 -41.44
CA LYS B 553 -19.50 -2.54 -41.44
C LYS B 553 -20.01 -3.96 -41.22
N GLY B 554 -20.92 -4.13 -40.27
CA GLY B 554 -21.46 -5.43 -39.96
C GLY B 554 -20.56 -6.22 -39.03
N ARG B 555 -19.49 -5.59 -38.60
CA ARG B 555 -18.52 -6.23 -37.70
C ARG B 555 -18.40 -5.45 -36.40
N THR B 556 -17.64 -5.99 -35.46
CA THR B 556 -17.36 -5.29 -34.21
C THR B 556 -15.94 -5.60 -33.75
N PHE B 557 -15.46 -4.83 -32.79
CA PHE B 557 -14.08 -4.99 -32.30
C PHE B 557 -13.87 -6.37 -31.69
N GLY B 558 -12.82 -7.05 -32.14
CA GLY B 558 -12.49 -8.38 -31.66
C GLY B 558 -12.86 -9.48 -32.63
N ASP B 559 -13.69 -9.14 -33.62
CA ASP B 559 -14.09 -10.11 -34.64
C ASP B 559 -12.89 -10.58 -35.46
N VAL B 560 -12.87 -11.86 -35.81
CA VAL B 560 -11.78 -12.43 -36.58
C VAL B 560 -11.91 -12.12 -38.07
N LEU B 561 -10.89 -11.48 -38.63
CA LEU B 561 -10.84 -11.21 -40.07
C LEU B 561 -10.15 -12.35 -40.80
N GLN B 562 -9.13 -12.91 -40.16
CA GLN B 562 -8.41 -14.05 -40.71
C GLN B 562 -8.13 -15.08 -39.61
N PRO B 563 -8.81 -16.23 -39.69
CA PRO B 563 -8.62 -17.29 -38.70
C PRO B 563 -7.32 -18.05 -38.94
N ALA B 564 -6.89 -18.83 -37.95
CA ALA B 564 -5.72 -19.66 -38.13
C ALA B 564 -6.05 -20.87 -39.01
N LYS B 565 -5.02 -21.48 -39.59
CA LYS B 565 -5.18 -22.74 -40.31
C LYS B 565 -5.72 -23.80 -39.36
N PRO B 566 -6.41 -24.81 -39.90
CA PRO B 566 -6.96 -25.88 -39.04
C PRO B 566 -5.88 -26.67 -38.29
N GLU B 567 -4.72 -26.84 -38.92
CA GLU B 567 -3.66 -27.66 -38.35
C GLU B 567 -2.27 -27.05 -38.56
N TYR B 568 -1.41 -27.23 -37.57
CA TYR B 568 -0.03 -26.77 -37.66
C TYR B 568 0.94 -27.84 -37.19
N ARG B 569 2.14 -27.82 -37.74
CA ARG B 569 3.24 -28.62 -37.22
C ARG B 569 4.11 -27.72 -36.36
N VAL B 570 4.75 -28.28 -35.35
CA VAL B 570 5.63 -27.49 -34.49
C VAL B 570 6.76 -26.86 -35.31
N GLY B 571 7.12 -25.63 -34.99
CA GLY B 571 8.11 -24.91 -35.76
C GLY B 571 7.47 -23.89 -36.68
N GLU B 572 6.21 -24.12 -37.04
CA GLU B 572 5.49 -23.21 -37.92
C GLU B 572 4.87 -22.06 -37.14
N VAL B 573 4.24 -21.13 -37.87
CA VAL B 573 3.70 -19.92 -37.25
C VAL B 573 2.19 -19.79 -37.46
N ALA B 574 1.44 -19.84 -36.37
CA ALA B 574 0.00 -19.64 -36.42
C ALA B 574 -0.33 -18.15 -36.34
N GLU B 575 -1.17 -17.69 -37.25
CA GLU B 575 -1.48 -16.26 -37.35
C GLU B 575 -2.99 -15.99 -37.38
N VAL B 576 -3.45 -15.12 -36.50
CA VAL B 576 -4.86 -14.74 -36.47
C VAL B 576 -5.01 -13.23 -36.52
N ILE B 577 -5.91 -12.75 -37.37
CA ILE B 577 -6.12 -11.31 -37.54
C ILE B 577 -7.50 -10.87 -37.05
N PHE B 578 -7.52 -9.89 -36.16
CA PHE B 578 -8.77 -9.36 -35.62
C PHE B 578 -9.00 -7.94 -36.11
N VAL B 579 -10.25 -7.50 -36.16
CA VAL B 579 -10.49 -6.08 -36.32
C VAL B 579 -10.11 -5.47 -34.98
N GLY B 580 -9.26 -4.46 -35.02
CA GLY B 580 -8.67 -3.93 -33.81
C GLY B 580 -8.93 -2.46 -33.56
N ALA B 581 -8.47 -2.02 -32.39
CA ALA B 581 -8.46 -0.61 -32.05
C ALA B 581 -7.03 -0.23 -31.63
N ASN B 582 -6.79 1.05 -31.40
CA ASN B 582 -5.46 1.52 -31.05
C ASN B 582 -5.01 0.98 -29.69
N PRO B 583 -3.88 0.27 -29.67
CA PRO B 583 -3.26 -0.31 -28.48
C PRO B 583 -3.01 0.70 -27.35
N LYS B 584 -2.88 1.97 -27.70
CA LYS B 584 -2.60 3.01 -26.71
C LYS B 584 -3.81 3.31 -25.84
N ASN B 585 -4.98 2.82 -26.26
CA ASN B 585 -6.20 2.93 -25.47
C ASN B 585 -6.16 2.04 -24.22
N SER B 586 -5.30 1.03 -24.25
CA SER B 586 -5.22 0.04 -23.17
C SER B 586 -4.26 0.47 -22.08
N VAL B 587 -3.75 1.69 -22.17
CA VAL B 587 -2.81 2.20 -21.18
C VAL B 587 -3.54 3.01 -20.10
N GLN B 588 -3.03 2.93 -18.88
CA GLN B 588 -3.53 3.69 -17.72
C GLN B 588 -4.93 3.25 -17.25
N ASN B 589 -5.02 2.09 -16.60
CA ASN B 589 -3.87 1.21 -16.39
C ASN B 589 -3.70 0.10 -17.45
N GLN B 590 -4.72 -0.70 -17.78
CA GLN B 590 -6.07 -0.72 -17.22
C GLN B 590 -6.39 -2.13 -16.72
N THR B 591 -5.41 -2.76 -16.05
CA THR B 591 -5.43 -4.17 -15.64
C THR B 591 -5.25 -4.99 -16.91
N HIS B 592 -4.71 -4.32 -17.92
CA HIS B 592 -4.44 -4.91 -19.21
C HIS B 592 -3.07 -5.58 -19.16
N GLN B 593 -3.05 -6.80 -18.60
CA GLN B 593 -1.82 -7.54 -18.42
C GLN B 593 -1.30 -8.09 -19.75
N THR B 594 -2.21 -8.33 -20.68
CA THR B 594 -1.84 -8.88 -21.98
C THR B 594 -2.78 -8.45 -23.11
N PHE B 595 -2.22 -8.27 -24.30
CA PHE B 595 -3.01 -8.00 -25.49
C PHE B 595 -3.54 -9.29 -26.07
N LEU B 596 -2.91 -10.40 -25.69
CA LEU B 596 -3.21 -11.69 -26.27
C LEU B 596 -2.99 -12.84 -25.31
N THR B 597 -3.71 -13.94 -25.53
CA THR B 597 -3.39 -15.19 -24.87
C THR B 597 -3.42 -16.32 -25.90
N VAL B 598 -2.55 -17.31 -25.70
CA VAL B 598 -2.68 -18.57 -26.40
C VAL B 598 -3.17 -19.60 -25.39
N GLU B 599 -4.25 -20.29 -25.72
CA GLU B 599 -4.89 -21.18 -24.76
C GLU B 599 -5.00 -22.59 -25.29
N LYS B 600 -4.74 -23.56 -24.42
CA LYS B 600 -4.81 -24.97 -24.78
C LYS B 600 -6.02 -25.62 -24.13
N TYR B 601 -6.74 -26.42 -24.90
CA TYR B 601 -7.93 -27.09 -24.38
C TYR B 601 -7.57 -28.38 -23.64
N GLU B 602 -8.08 -28.50 -22.42
CA GLU B 602 -7.89 -29.71 -21.62
C GLU B 602 -9.20 -30.48 -21.55
N ALA B 603 -9.25 -31.62 -22.22
CA ALA B 603 -10.48 -32.41 -22.34
C ALA B 603 -10.98 -32.93 -20.99
N THR B 604 -10.04 -33.34 -20.14
CA THR B 604 -10.36 -33.89 -18.83
C THR B 604 -11.18 -32.92 -17.97
N SER B 605 -10.74 -31.67 -17.92
CA SER B 605 -11.43 -30.66 -17.12
C SER B 605 -12.47 -29.89 -17.93
N THR B 606 -12.52 -30.18 -19.23
CA THR B 606 -13.38 -29.45 -20.17
C THR B 606 -13.20 -27.94 -20.00
N SER B 607 -11.95 -27.48 -20.15
CA SER B 607 -11.63 -26.08 -19.96
C SER B 607 -10.44 -25.66 -20.79
N TRP B 608 -10.31 -24.35 -21.02
CA TRP B 608 -9.17 -23.79 -21.72
C TRP B 608 -8.14 -23.29 -20.73
N GLN B 609 -6.86 -23.60 -20.99
CA GLN B 609 -5.79 -23.20 -20.10
C GLN B 609 -4.77 -22.32 -20.83
N ILE B 610 -4.49 -21.15 -20.27
CA ILE B 610 -3.55 -20.22 -20.89
C ILE B 610 -2.13 -20.77 -20.86
N VAL B 611 -1.51 -20.85 -22.04
CA VAL B 611 -0.14 -21.36 -22.14
C VAL B 611 0.82 -20.23 -22.53
N CYS B 612 0.32 -19.24 -23.26
CA CYS B 612 1.11 -18.06 -23.60
C CYS B 612 0.36 -16.75 -23.35
N ASN B 613 1.12 -15.68 -23.17
CA ASN B 613 0.59 -14.32 -23.16
C ASN B 613 1.48 -13.45 -24.05
N ASP B 614 1.25 -12.14 -24.08
CA ASP B 614 2.06 -11.30 -24.96
C ASP B 614 3.49 -11.12 -24.44
N ALA B 615 3.72 -11.58 -23.21
CA ALA B 615 5.05 -11.54 -22.62
C ALA B 615 5.88 -12.73 -23.11
N SER B 616 5.19 -13.80 -23.51
CA SER B 616 5.85 -14.95 -24.12
C SER B 616 6.60 -14.54 -25.39
N TRP B 617 7.87 -14.93 -25.48
CA TRP B 617 8.69 -14.59 -26.64
C TRP B 617 8.25 -15.36 -27.89
N GLU B 618 7.43 -16.40 -27.69
CA GLU B 618 6.94 -17.19 -28.81
C GLU B 618 5.80 -16.48 -29.53
N THR B 619 5.16 -15.55 -28.83
CA THR B 619 4.03 -14.82 -29.39
C THR B 619 4.42 -13.42 -29.83
N ARG B 620 3.76 -12.93 -30.87
CA ARG B 620 3.98 -11.58 -31.35
C ARG B 620 2.64 -10.87 -31.58
N PHE B 621 2.63 -9.57 -31.33
CA PHE B 621 1.42 -8.78 -31.50
C PHE B 621 1.70 -7.58 -32.40
N TYR B 622 1.17 -7.61 -33.61
CA TYR B 622 1.30 -6.50 -34.54
C TYR B 622 0.00 -5.72 -34.64
N TRP B 623 0.11 -4.40 -34.72
CA TRP B 623 -1.05 -3.55 -34.96
C TRP B 623 -0.83 -2.74 -36.23
N HIS B 624 -1.82 -2.77 -37.13
CA HIS B 624 -1.71 -2.04 -38.39
C HIS B 624 -2.85 -1.04 -38.54
N LYS B 625 -2.49 0.23 -38.75
CA LYS B 625 -3.46 1.31 -38.86
C LYS B 625 -4.06 1.41 -40.27
N GLY B 626 -5.37 1.61 -40.33
CA GLY B 626 -6.06 1.75 -41.60
C GLY B 626 -6.69 3.12 -41.78
N LEU B 627 -7.67 3.20 -42.69
CA LEU B 627 -8.31 4.46 -43.00
C LEU B 627 -9.48 4.78 -42.07
N LEU B 628 -9.52 6.02 -41.60
CA LEU B 628 -10.63 6.56 -40.84
C LEU B 628 -11.04 5.72 -39.63
N GLY B 629 -10.05 5.34 -38.82
CA GLY B 629 -10.32 4.64 -37.58
C GLY B 629 -10.23 3.12 -37.65
N LEU B 630 -10.10 2.59 -38.86
CA LEU B 630 -9.92 1.15 -39.04
C LEU B 630 -8.51 0.71 -38.66
N SER B 631 -8.40 -0.51 -38.13
CA SER B 631 -7.12 -1.06 -37.76
C SER B 631 -7.22 -2.56 -37.48
N ASN B 632 -6.16 -3.29 -37.80
CA ASN B 632 -6.10 -4.73 -37.56
C ASN B 632 -5.16 -5.04 -36.41
N ALA B 633 -5.45 -6.11 -35.68
CA ALA B 633 -4.56 -6.61 -34.65
C ALA B 633 -4.16 -8.03 -35.00
N THR B 634 -2.88 -8.22 -35.31
CA THR B 634 -2.39 -9.53 -35.70
C THR B 634 -1.63 -10.20 -34.57
N VAL B 635 -2.06 -11.42 -34.23
CA VAL B 635 -1.33 -12.22 -33.26
C VAL B 635 -0.62 -13.37 -33.96
N GLU B 636 0.69 -13.45 -33.79
CA GLU B 636 1.47 -14.54 -34.35
C GLU B 636 1.95 -15.46 -33.23
N TRP B 637 1.73 -16.76 -33.40
CA TRP B 637 2.27 -17.73 -32.46
C TRP B 637 3.34 -18.58 -33.13
N HIS B 638 4.60 -18.28 -32.82
CA HIS B 638 5.70 -19.08 -33.33
C HIS B 638 5.84 -20.35 -32.50
N ILE B 639 5.15 -21.40 -32.94
CA ILE B 639 5.08 -22.64 -32.19
C ILE B 639 6.45 -23.27 -32.01
N PRO B 640 6.90 -23.40 -30.76
CA PRO B 640 8.21 -23.98 -30.45
C PRO B 640 8.24 -25.49 -30.70
N ASP B 641 9.42 -26.04 -30.92
CA ASP B 641 9.58 -27.47 -31.12
C ASP B 641 9.18 -28.24 -29.87
N THR B 642 9.30 -27.57 -28.71
CA THR B 642 8.99 -28.19 -27.42
C THR B 642 7.50 -28.25 -27.14
N ALA B 643 6.71 -27.52 -27.94
CA ALA B 643 5.26 -27.48 -27.72
C ALA B 643 4.63 -28.86 -27.89
N GLN B 644 3.71 -29.18 -26.99
CA GLN B 644 3.02 -30.46 -27.04
C GLN B 644 1.78 -30.34 -27.93
N PRO B 645 1.48 -31.41 -28.69
CA PRO B 645 0.28 -31.44 -29.53
C PRO B 645 -0.98 -31.20 -28.71
N GLY B 646 -2.04 -30.70 -29.35
CA GLY B 646 -3.25 -30.38 -28.64
C GLY B 646 -4.16 -29.43 -29.42
N ILE B 647 -5.26 -29.04 -28.79
CA ILE B 647 -6.19 -28.10 -29.39
C ILE B 647 -5.93 -26.71 -28.82
N TYR B 648 -5.74 -25.74 -29.70
CA TYR B 648 -5.36 -24.39 -29.27
C TYR B 648 -6.29 -23.34 -29.82
N ARG B 649 -6.28 -22.16 -29.20
CA ARG B 649 -7.00 -21.01 -29.72
C ARG B 649 -6.25 -19.75 -29.33
N ILE B 650 -6.46 -18.68 -30.10
CA ILE B 650 -5.78 -17.43 -29.85
C ILE B 650 -6.78 -16.32 -29.54
N ARG B 651 -6.53 -15.59 -28.46
CA ARG B 651 -7.43 -14.54 -28.03
C ARG B 651 -6.78 -13.16 -28.08
N TYR B 652 -7.62 -12.13 -28.19
CA TYR B 652 -7.15 -10.76 -28.33
C TYR B 652 -7.90 -9.86 -27.35
N PHE B 653 -7.15 -9.01 -26.65
CA PHE B 653 -7.75 -8.13 -25.65
C PHE B 653 -7.31 -6.69 -25.91
N GLY B 654 -8.28 -5.80 -26.13
CA GLY B 654 -7.98 -4.43 -26.44
C GLY B 654 -9.03 -3.44 -25.96
N HIS B 655 -8.83 -2.17 -26.30
CA HIS B 655 -9.75 -1.11 -25.93
C HIS B 655 -10.04 -0.17 -27.09
N ASN B 656 -11.31 0.19 -27.27
CA ASN B 656 -11.70 1.10 -28.33
C ASN B 656 -12.12 2.46 -27.78
N ARG B 657 -11.97 3.51 -28.58
CA ARG B 657 -12.26 4.87 -28.16
C ARG B 657 -13.51 5.43 -28.85
N LYS B 658 -14.42 6.01 -28.06
CA LYS B 658 -15.64 6.60 -28.60
C LYS B 658 -15.70 8.09 -28.32
N GLN B 659 -16.43 8.83 -29.15
CA GLN B 659 -16.65 10.25 -28.95
C GLN B 659 -17.84 10.76 -29.76
N ALA B 665 -15.40 11.72 -24.65
CA ALA B 665 -14.49 10.69 -25.10
C ALA B 665 -14.43 9.53 -24.11
N VAL B 666 -14.84 8.35 -24.56
CA VAL B 666 -14.95 7.19 -23.68
C VAL B 666 -14.20 5.99 -24.26
N ILE B 667 -13.44 5.31 -23.42
CA ILE B 667 -12.71 4.10 -23.82
C ILE B 667 -13.33 2.85 -23.21
N LEU B 668 -13.67 1.89 -24.08
CA LEU B 668 -14.31 0.65 -23.66
C LEU B 668 -13.42 -0.55 -23.94
N SER B 669 -13.59 -1.62 -23.17
CA SER B 669 -12.82 -2.84 -23.40
C SER B 669 -13.57 -3.80 -24.33
N PHE B 670 -12.82 -4.64 -25.02
CA PHE B 670 -13.41 -5.69 -25.85
C PHE B 670 -12.46 -6.88 -25.96
N GLU B 671 -12.99 -8.02 -26.41
CA GLU B 671 -12.17 -9.21 -26.57
C GLU B 671 -12.50 -9.94 -27.87
N GLY B 672 -11.54 -10.71 -28.36
CA GLY B 672 -11.76 -11.54 -29.53
C GLY B 672 -11.21 -12.94 -29.30
N THR B 673 -11.88 -13.94 -29.87
CA THR B 673 -11.46 -15.32 -29.73
C THR B 673 -11.46 -16.03 -31.07
N SER B 674 -10.31 -16.55 -31.45
CA SER B 674 -10.16 -17.25 -32.72
C SER B 674 -10.75 -18.64 -32.64
N PRO B 675 -11.24 -19.17 -33.78
CA PRO B 675 -11.66 -20.57 -33.88
C PRO B 675 -10.55 -21.52 -33.43
N ALA B 676 -10.93 -22.65 -32.84
CA ALA B 676 -9.96 -23.63 -32.38
C ALA B 676 -9.20 -24.26 -33.54
N PHE B 677 -7.92 -24.54 -33.31
CA PHE B 677 -7.08 -25.21 -34.30
C PHE B 677 -6.18 -26.21 -33.58
N GLU B 678 -5.41 -26.99 -34.34
CA GLU B 678 -4.67 -28.10 -33.74
C GLU B 678 -3.19 -28.11 -34.13
N VAL B 679 -2.35 -28.48 -33.17
CA VAL B 679 -0.91 -28.63 -33.38
C VAL B 679 -0.43 -30.09 -33.33
N VAL B 680 0.35 -30.50 -34.32
CA VAL B 680 0.90 -31.85 -34.36
C VAL B 680 2.43 -31.80 -34.37
N THR B 681 3.07 -32.88 -33.94
CA THR B 681 4.53 -32.97 -34.01
C THR B 681 4.96 -33.66 -35.30
#